data_8TUA
#
_entry.id   8TUA
#
_cell.length_a   1.00
_cell.length_b   1.00
_cell.length_c   1.00
_cell.angle_alpha   90.00
_cell.angle_beta   90.00
_cell.angle_gamma   90.00
#
_symmetry.space_group_name_H-M   'P 1'
#
loop_
_entity.id
_entity.type
_entity.pdbx_description
1 polymer 'Phosphatidylinositol 3,4,5-trisphosphate-dependent Rac exchanger 1 protein'
2 non-polymer INOSITOL-(1,3,4,5)-TETRAKISPHOSPHATE
#
_entity_poly.entity_id   1
_entity_poly.type   'polypeptide(L)'
_entity_poly.pdbx_seq_one_letter_code
;GEFAAARESERQLRLRLCVLNEILGTERDYVGTLRFLQSAFLHRIRQNVADSVEKGLTEENVKVLFSNIEDILEVHKDFL
AALEYCLHPEPQSQHELGNVFLKFKDKFCVYEEYCSNHEKALRLLVELNKIPTVRAFLLSCMLLGGRKTTDIPLEGYLLS
PIQRICKYPLLLKELAKRTPGKHPDHPAVQSALQAMKTVCSNINETKRQMEKLEALEQLQSHIEGWEGSNLTDICTQLLL
QGTLLKISAGNIQERAFFLFDNLLVYCKRKSRVTGSKKSTKRTKSINGSLYIFRGRINTEVMEVENVEDGTADYHSNGYT
VTNGWKIHNTAKNKWFVCMAKTAEEKQKWLDAIIREREQRESLKLGMERDAYVMIAEKGEKLYHMMMNKKVNLIKDRRRK
LSTVPKCFLGNEFVAWLLEIGEISKTEEGVNLGQALLENGIIHHVSDKHQFKNEQVMYRFRYDDGTYKARSELEDIMSKG
VRLYCRLHSLYTPVIKDRDYHLKTYKSVLPGSKLVDWLLAQGDCQTREEAVALGVGLCNNGFMHHVLEKSEFRDESQYFR
FHADEEMEGTSSKNKQLRNDFKLVENILAKRLLILPQEEDYGFDIEEKNKAVVVKSVQRGSLAEVAGLQVGRKIYSINED
LVFLRPFSEVESILNQSFCSRRPLRLLVATKAKEIIKIPDQPDTLCFQIRGAAPPYVYAVGRGSEAMAAGLCAGQCILKV
NGSNVMNDGAPEVLEHFQAFRSRREEALGLYQWIYHTHEDAQEARASQEASTEDPSGEQAQEEDQADSAFPLLSLGPRLS
LCEDSPMVTLTVDNVHLEHGVVYEYVSTAGVRCHVLEKIVEPRGCFGLTAKILEAFAANDSVFVENCRRLMALSSAIVTM
PHFEFRNICDTKLESIGQRIACYQEFAAQLKSRVSPPFKQAPLEPHPLCGLDFCPTNCHINLMEVSYPKTTPSVGRSFSI
RFGRKPSLIGLDPEQGHLNPMSYTQHCITTMAAPSWKCLPAAEGDPQGQGLHDGSFGPASGTLGQEDRGLSFLLKQEDRE
IQDAYLQLFTKLDVALKEMKQYVTQINRLLSTITEPTSGGSCDASLAEEASSLPLVSEESEMDRSDHGGIKKVCFKVAEE
DQEDSGHDTMSYRDSYSECNSNRDSVLSYTSVRSNSSYLGSDEMGSGDELPCDMRIPSDKQDKLHGCLEHLFNQVDSINA
LLKGPVMSRAFEETKHFPMNHSLQEFKQKEECTIRGRSLIQISIQEDPWNLPNSIKTLVDNIQRYVEDGKNQLLLALLKC
TDTELQLRRDAIFCQALVAAVCTFSEQLLAALGYRYNNNGEYEESSRDASRKWLEQVAATGVLLHCQSLLSPATVKEERT
MLEDIWVTLSELDNVTFSFKQLDENYVANTNVFYHIEGSRQALKVIFYLDSYHFSKLPSRLEGGASLRLHTALFTKVLEN
VEGLPSPGSQAAEDLQQDINAQSLEKVQQYYRKLRAFYLERSNLPTDASTTAVKIDQLIRPINALDELCRLMKSFVHPKP
GAAGSVGAGLIPISSELCYRLGACQMVMCGTGMQRSTLSVSLEQAAILARSHGLLPKCIMQATDIMRKQGPRVEILAKNL
RVKDQMPQGAPRLYRLCQPPVDGDL
;
_entity_poly.pdbx_strand_id   A
#
loop_
_chem_comp.id
_chem_comp.type
_chem_comp.name
_chem_comp.formula
4IP non-polymer INOSITOL-(1,3,4,5)-TETRAKISPHOSPHATE 'C6 H16 O18 P4'
#
# COMPACT_ATOMS: atom_id res chain seq x y z
N ALA A 4 58.51 5.00 -25.51
CA ALA A 4 57.11 4.68 -25.24
C ALA A 4 56.63 3.56 -26.15
N ALA A 5 57.10 3.58 -27.40
CA ALA A 5 56.72 2.53 -28.34
C ALA A 5 57.18 1.16 -27.85
N ALA A 6 58.40 1.10 -27.31
CA ALA A 6 58.85 -0.15 -26.68
C ALA A 6 57.88 -0.57 -25.59
N ARG A 7 57.36 0.40 -24.83
CA ARG A 7 56.37 0.07 -23.81
C ARG A 7 55.06 -0.40 -24.42
N GLU A 8 54.68 0.13 -25.60
CA GLU A 8 53.49 -0.38 -26.26
C GLU A 8 53.66 -1.83 -26.70
N SER A 9 54.83 -2.16 -27.26
CA SER A 9 55.09 -3.55 -27.61
C SER A 9 55.12 -4.43 -26.38
N GLU A 10 55.68 -3.94 -25.28
CA GLU A 10 55.67 -4.70 -24.04
C GLU A 10 54.26 -4.90 -23.53
N ARG A 11 53.40 -3.90 -23.72
CA ARG A 11 51.99 -4.04 -23.34
C ARG A 11 51.31 -5.11 -24.18
N GLN A 12 51.59 -5.14 -25.48
CA GLN A 12 51.05 -6.21 -26.32
C GLN A 12 51.57 -7.57 -25.86
N LEU A 13 52.84 -7.62 -25.47
CA LEU A 13 53.40 -8.85 -24.93
C LEU A 13 52.67 -9.27 -23.66
N ARG A 14 52.38 -8.30 -22.78
CA ARG A 14 51.62 -8.60 -21.58
C ARG A 14 50.23 -9.09 -21.93
N LEU A 15 49.61 -8.51 -22.95
CA LEU A 15 48.30 -8.96 -23.38
C LEU A 15 48.34 -10.41 -23.88
N ARG A 16 49.36 -10.74 -24.66
CA ARG A 16 49.52 -12.12 -25.11
C ARG A 16 49.71 -13.06 -23.93
N LEU A 17 50.53 -12.65 -22.96
CA LEU A 17 50.72 -13.46 -21.76
C LEU A 17 49.41 -13.63 -21.01
N CYS A 18 48.59 -12.57 -20.97
CA CYS A 18 47.29 -12.66 -20.30
C CYS A 18 46.37 -13.64 -21.01
N VAL A 19 46.37 -13.63 -22.34
CA VAL A 19 45.56 -14.57 -23.08
C VAL A 19 46.01 -16.00 -22.77
N LEU A 20 47.32 -16.22 -22.73
CA LEU A 20 47.83 -17.54 -22.38
C LEU A 20 47.38 -17.94 -20.98
N ASN A 21 47.51 -17.03 -20.01
CA ASN A 21 47.19 -17.37 -18.63
C ASN A 21 45.70 -17.69 -18.48
N GLU A 22 44.84 -16.90 -19.12
CA GLU A 22 43.41 -17.17 -19.04
C GLU A 22 43.07 -18.47 -19.75
N ILE A 23 43.74 -18.79 -20.86
CA ILE A 23 43.53 -20.08 -21.50
C ILE A 23 43.87 -21.20 -20.52
N LEU A 24 45.01 -21.07 -19.85
CA LEU A 24 45.42 -22.07 -18.87
C LEU A 24 44.37 -22.21 -17.77
N GLY A 25 43.92 -21.09 -17.22
CA GLY A 25 42.94 -21.14 -16.16
C GLY A 25 41.63 -21.76 -16.59
N THR A 26 41.14 -21.38 -17.78
CA THR A 26 39.90 -21.94 -18.28
C THR A 26 40.00 -23.44 -18.46
N GLU A 27 41.10 -23.91 -19.05
CA GLU A 27 41.24 -25.35 -19.27
C GLU A 27 41.37 -26.09 -17.95
N ARG A 28 42.13 -25.53 -17.00
CA ARG A 28 42.25 -26.16 -15.70
C ARG A 28 40.89 -26.25 -15.01
N ASP A 29 40.11 -25.17 -15.06
CA ASP A 29 38.79 -25.19 -14.44
C ASP A 29 37.88 -26.20 -15.11
N TYR A 30 37.93 -26.29 -16.44
CA TYR A 30 37.06 -27.22 -17.14
C TYR A 30 37.42 -28.66 -16.81
N VAL A 31 38.71 -28.98 -16.80
CA VAL A 31 39.12 -30.33 -16.45
C VAL A 31 38.76 -30.64 -15.00
N GLY A 32 38.83 -29.64 -14.11
CA GLY A 32 38.38 -29.85 -12.75
C GLY A 32 36.88 -30.13 -12.69
N THR A 33 36.11 -29.43 -13.52
CA THR A 33 34.68 -29.72 -13.61
C THR A 33 34.45 -31.17 -13.99
N LEU A 34 35.15 -31.63 -15.04
CA LEU A 34 35.00 -33.02 -15.46
C LEU A 34 35.45 -33.97 -14.36
N ARG A 35 36.54 -33.62 -13.67
CA ARG A 35 37.04 -34.43 -12.56
C ARG A 35 35.95 -34.62 -11.51
N PHE A 36 35.35 -33.52 -11.06
CA PHE A 36 34.31 -33.62 -10.04
C PHE A 36 33.13 -34.42 -10.55
N LEU A 37 32.69 -34.15 -11.79
CA LEU A 37 31.53 -34.85 -12.32
C LEU A 37 31.76 -36.36 -12.33
N GLN A 38 32.94 -36.79 -12.76
CA GLN A 38 33.23 -38.22 -12.80
C GLN A 38 33.51 -38.79 -11.42
N SER A 39 34.03 -37.98 -10.49
CA SER A 39 34.41 -38.49 -9.18
C SER A 39 33.19 -38.69 -8.28
N ALA A 40 32.22 -37.77 -8.35
CA ALA A 40 31.03 -37.87 -7.51
C ALA A 40 29.97 -38.75 -8.14
N PHE A 41 29.62 -38.49 -9.40
CA PHE A 41 28.54 -39.22 -10.04
C PHE A 41 28.99 -40.61 -10.50
N LEU A 42 29.97 -40.65 -11.39
CA LEU A 42 30.43 -41.91 -11.96
C LEU A 42 31.58 -42.48 -11.14
N LEU A 57 18.80 -44.75 -9.04
CA LEU A 57 19.41 -44.27 -10.28
C LEU A 57 19.97 -45.41 -11.10
N THR A 58 19.25 -45.82 -12.13
CA THR A 58 19.73 -46.88 -13.00
C THR A 58 20.91 -46.39 -13.83
N GLU A 59 21.86 -47.29 -14.06
CA GLU A 59 23.13 -46.90 -14.66
C GLU A 59 22.99 -46.47 -16.11
N GLU A 60 21.96 -46.98 -16.80
CA GLU A 60 21.69 -46.50 -18.16
C GLU A 60 21.43 -45.00 -18.16
N ASN A 61 20.71 -44.51 -17.14
CA ASN A 61 20.47 -43.08 -17.04
C ASN A 61 21.78 -42.31 -16.91
N VAL A 62 22.68 -42.78 -16.06
CA VAL A 62 23.96 -42.10 -15.88
C VAL A 62 24.74 -42.10 -17.18
N LYS A 63 24.83 -43.25 -17.84
CA LYS A 63 25.59 -43.34 -19.08
C LYS A 63 25.01 -42.41 -20.14
N VAL A 64 23.69 -42.41 -20.32
CA VAL A 64 23.08 -41.56 -21.32
C VAL A 64 23.30 -40.09 -21.00
N LEU A 65 23.16 -39.71 -19.72
CA LEU A 65 23.38 -38.32 -19.34
C LEU A 65 24.81 -37.89 -19.65
N PHE A 66 25.78 -38.66 -19.17
CA PHE A 66 27.18 -38.26 -19.28
C PHE A 66 27.82 -38.68 -20.59
N SER A 67 27.32 -39.73 -21.23
CA SER A 67 27.82 -40.13 -22.54
C SER A 67 29.31 -40.45 -22.50
N ASN A 68 30.15 -39.53 -23.00
CA ASN A 68 31.56 -39.83 -23.20
C ASN A 68 32.45 -38.80 -22.51
N ILE A 69 32.10 -38.43 -21.28
CA ILE A 69 32.90 -37.43 -20.57
C ILE A 69 34.31 -37.94 -20.30
N GLU A 70 34.52 -39.26 -20.25
CA GLU A 70 35.81 -39.79 -19.84
C GLU A 70 36.86 -39.59 -20.93
N ASP A 71 36.50 -39.92 -22.17
CA ASP A 71 37.45 -39.73 -23.27
C ASP A 71 37.77 -38.25 -23.44
N ILE A 72 36.75 -37.40 -23.34
CA ILE A 72 36.96 -35.97 -23.43
C ILE A 72 37.89 -35.52 -22.31
N LEU A 73 37.67 -36.04 -21.10
CA LEU A 73 38.50 -35.68 -19.96
C LEU A 73 39.95 -36.07 -20.21
N GLU A 74 40.18 -37.26 -20.76
CA GLU A 74 41.55 -37.69 -21.01
C GLU A 74 42.21 -36.86 -22.09
N VAL A 75 41.45 -36.53 -23.15
CA VAL A 75 41.98 -35.65 -24.18
C VAL A 75 42.42 -34.33 -23.57
N HIS A 76 41.56 -33.76 -22.71
CA HIS A 76 41.90 -32.50 -22.07
C HIS A 76 43.08 -32.67 -21.13
N LYS A 77 43.20 -33.81 -20.47
CA LYS A 77 44.33 -34.04 -19.58
C LYS A 77 45.64 -34.02 -20.36
N ASP A 78 45.66 -34.73 -21.49
CA ASP A 78 46.85 -34.73 -22.34
C ASP A 78 47.15 -33.33 -22.86
N PHE A 79 46.11 -32.62 -23.28
CA PHE A 79 46.28 -31.25 -23.76
C PHE A 79 46.86 -30.36 -22.68
N LEU A 80 46.35 -30.48 -21.46
CA LEU A 80 46.83 -29.66 -20.34
C LEU A 80 48.26 -30.01 -19.99
N ALA A 81 48.62 -31.29 -20.03
CA ALA A 81 50.01 -31.66 -19.78
C ALA A 81 50.94 -31.03 -20.81
N ALA A 82 50.55 -31.12 -22.09
CA ALA A 82 51.35 -30.49 -23.12
C ALA A 82 51.51 -29.00 -22.86
N LEU A 83 50.39 -28.32 -22.56
CA LEU A 83 50.45 -26.89 -22.31
C LEU A 83 51.34 -26.57 -21.11
N GLU A 84 51.17 -27.32 -20.02
CA GLU A 84 51.95 -27.05 -18.82
C GLU A 84 53.43 -27.18 -19.10
N TYR A 85 53.83 -28.19 -19.87
CA TYR A 85 55.22 -28.28 -20.24
C TYR A 85 55.62 -27.10 -21.14
N CYS A 86 54.70 -26.66 -22.00
CA CYS A 86 55.01 -25.52 -22.87
C CYS A 86 55.33 -24.27 -22.05
N LEU A 87 54.57 -24.03 -21.00
CA LEU A 87 54.83 -22.91 -20.10
C LEU A 87 55.90 -23.24 -19.07
N HIS A 88 56.45 -24.45 -19.11
CA HIS A 88 57.43 -24.85 -18.12
C HIS A 88 58.61 -23.88 -18.15
N PRO A 89 59.03 -23.31 -17.01
CA PRO A 89 58.48 -23.50 -15.65
C PRO A 89 57.20 -22.70 -15.41
N GLU A 90 57.12 -21.49 -15.94
CA GLU A 90 55.95 -20.65 -15.81
C GLU A 90 55.72 -19.92 -17.13
N PRO A 91 54.51 -19.43 -17.38
CA PRO A 91 54.19 -18.87 -18.69
C PRO A 91 55.13 -17.72 -19.05
N GLN A 92 55.48 -17.66 -20.33
CA GLN A 92 56.36 -16.64 -20.86
C GLN A 92 55.91 -16.27 -22.27
N SER A 93 56.61 -15.29 -22.86
CA SER A 93 56.24 -14.75 -24.16
C SER A 93 56.93 -15.45 -25.32
N GLN A 94 57.76 -16.45 -25.06
CA GLN A 94 58.55 -17.11 -26.10
C GLN A 94 58.14 -18.56 -26.30
N HIS A 95 56.92 -18.93 -25.90
CA HIS A 95 56.44 -20.30 -26.03
C HIS A 95 55.58 -20.45 -27.28
N GLU A 96 55.44 -21.69 -27.73
CA GLU A 96 54.62 -22.03 -28.89
C GLU A 96 53.61 -23.11 -28.49
N LEU A 97 52.40 -22.97 -29.00
CA LEU A 97 51.34 -23.94 -28.72
C LEU A 97 50.58 -24.39 -29.94
N GLY A 98 50.78 -23.76 -31.10
CA GLY A 98 50.01 -24.16 -32.28
C GLY A 98 50.19 -25.62 -32.62
N ASN A 99 51.41 -26.14 -32.46
CA ASN A 99 51.64 -27.55 -32.68
C ASN A 99 50.82 -28.39 -31.71
N VAL A 100 50.82 -28.00 -30.43
CA VAL A 100 50.01 -28.70 -29.44
C VAL A 100 48.55 -28.67 -29.84
N PHE A 101 48.08 -27.53 -30.34
CA PHE A 101 46.68 -27.42 -30.75
C PHE A 101 46.38 -28.37 -31.91
N LEU A 102 47.21 -28.35 -32.95
CA LEU A 102 46.95 -29.18 -34.12
C LEU A 102 46.99 -30.65 -33.77
N LYS A 103 47.94 -31.05 -32.93
CA LYS A 103 48.06 -32.46 -32.57
C LYS A 103 46.77 -32.98 -31.95
N PHE A 104 46.12 -32.18 -31.12
CA PHE A 104 44.84 -32.54 -30.52
C PHE A 104 43.66 -32.22 -31.43
N LYS A 105 43.90 -31.62 -32.59
CA LYS A 105 42.80 -31.27 -33.48
C LYS A 105 41.91 -32.47 -33.75
N ASP A 106 42.50 -33.59 -34.12
CA ASP A 106 41.74 -34.82 -34.28
C ASP A 106 41.10 -35.23 -32.97
N LYS A 107 41.79 -35.02 -31.85
CA LYS A 107 41.33 -35.49 -30.55
C LYS A 107 40.05 -34.81 -30.10
N PHE A 108 39.64 -33.73 -30.75
CA PHE A 108 38.46 -32.99 -30.35
C PHE A 108 37.17 -33.58 -30.90
N CYS A 109 37.24 -34.65 -31.68
CA CYS A 109 36.02 -35.33 -32.11
C CYS A 109 35.28 -35.96 -30.93
N VAL A 110 35.93 -36.06 -29.77
CA VAL A 110 35.27 -36.58 -28.57
C VAL A 110 34.06 -35.74 -28.21
N TYR A 111 34.07 -34.45 -28.56
CA TYR A 111 32.97 -33.57 -28.20
C TYR A 111 31.71 -33.90 -28.99
N GLU A 112 31.84 -34.41 -30.21
CA GLU A 112 30.67 -34.65 -31.05
C GLU A 112 29.71 -35.63 -30.39
N GLU A 113 30.25 -36.68 -29.79
CA GLU A 113 29.40 -37.71 -29.19
C GLU A 113 28.54 -37.11 -28.09
N TYR A 114 29.16 -36.37 -27.18
CA TYR A 114 28.37 -35.74 -26.12
C TYR A 114 27.43 -34.68 -26.67
N CYS A 115 27.85 -33.96 -27.71
CA CYS A 115 26.97 -32.95 -28.29
C CYS A 115 25.70 -33.59 -28.82
N SER A 116 25.84 -34.72 -29.53
CA SER A 116 24.66 -35.43 -29.99
C SER A 116 23.83 -35.93 -28.82
N ASN A 117 24.48 -36.50 -27.80
CA ASN A 117 23.76 -37.07 -26.68
C ASN A 117 23.12 -36.02 -25.79
N HIS A 118 23.50 -34.74 -25.97
CA HIS A 118 23.11 -33.72 -25.01
C HIS A 118 21.60 -33.52 -24.98
N GLU A 119 20.92 -33.63 -26.11
CA GLU A 119 19.47 -33.49 -26.11
C GLU A 119 18.83 -34.50 -25.18
N LYS A 120 19.18 -35.78 -25.36
CA LYS A 120 18.62 -36.83 -24.52
C LYS A 120 19.03 -36.63 -23.07
N ALA A 121 20.28 -36.23 -22.84
CA ALA A 121 20.74 -36.01 -21.46
C ALA A 121 19.92 -34.94 -20.78
N LEU A 122 19.66 -33.83 -21.47
CA LEU A 122 18.89 -32.74 -20.86
C LEU A 122 17.43 -33.13 -20.66
N ARG A 123 16.84 -33.84 -21.63
CA ARG A 123 15.47 -34.30 -21.44
C ARG A 123 15.37 -35.24 -20.24
N LEU A 124 16.33 -36.16 -20.12
CA LEU A 124 16.34 -37.07 -18.98
C LEU A 124 16.53 -36.32 -17.68
N LEU A 125 17.39 -35.31 -17.68
CA LEU A 125 17.61 -34.54 -16.46
C LEU A 125 16.34 -33.76 -16.09
N VAL A 126 15.62 -33.26 -17.08
CA VAL A 126 14.33 -32.61 -16.79
C VAL A 126 13.38 -33.61 -16.17
N GLU A 127 13.30 -34.81 -16.73
CA GLU A 127 12.48 -35.86 -16.13
C GLU A 127 12.86 -36.07 -14.67
N LEU A 128 14.17 -36.21 -14.40
CA LEU A 128 14.62 -36.47 -13.04
C LEU A 128 14.28 -35.31 -12.12
N ASN A 129 14.42 -34.08 -12.61
CA ASN A 129 14.04 -32.92 -11.81
C ASN A 129 12.57 -32.99 -11.43
N LYS A 130 11.72 -33.39 -12.37
CA LYS A 130 10.32 -33.63 -12.03
C LYS A 130 10.20 -34.74 -10.99
N ILE A 131 11.22 -35.57 -10.84
CA ILE A 131 11.26 -36.59 -9.79
C ILE A 131 11.90 -35.95 -8.55
N PRO A 132 11.19 -35.83 -7.43
CA PRO A 132 11.83 -35.23 -6.26
C PRO A 132 12.91 -36.10 -5.65
N THR A 133 12.71 -37.43 -5.63
CA THR A 133 13.66 -38.30 -4.94
C THR A 133 14.98 -38.39 -5.71
N VAL A 134 14.93 -38.60 -7.02
CA VAL A 134 16.16 -38.70 -7.80
C VAL A 134 16.86 -37.36 -7.84
N ARG A 135 16.10 -36.27 -7.96
CA ARG A 135 16.70 -34.94 -7.94
C ARG A 135 17.41 -34.68 -6.60
N ALA A 136 16.76 -35.02 -5.49
CA ALA A 136 17.38 -34.81 -4.19
C ALA A 136 18.58 -35.73 -3.99
N PHE A 137 18.53 -36.93 -4.56
CA PHE A 137 19.70 -37.81 -4.52
C PHE A 137 20.87 -37.20 -5.28
N LEU A 138 20.60 -36.65 -6.45
CA LEU A 138 21.66 -35.96 -7.21
C LEU A 138 22.20 -34.79 -6.41
N LEU A 139 21.32 -34.04 -5.76
CA LEU A 139 21.76 -32.93 -4.92
C LEU A 139 22.64 -33.41 -3.78
N SER A 140 22.25 -34.51 -3.15
CA SER A 140 23.05 -35.06 -2.06
C SER A 140 24.44 -35.44 -2.55
N CYS A 141 24.52 -36.13 -3.69
CA CYS A 141 25.82 -36.50 -4.23
C CYS A 141 26.65 -35.27 -4.54
N MET A 142 26.03 -34.23 -5.12
CA MET A 142 26.76 -33.01 -5.42
C MET A 142 27.28 -32.35 -4.16
N LEU A 143 26.47 -32.34 -3.08
CA LEU A 143 26.91 -31.72 -1.84
C LEU A 143 28.01 -32.51 -1.16
N LEU A 144 27.99 -33.84 -1.31
CA LEU A 144 28.95 -34.69 -0.62
C LEU A 144 30.37 -34.23 -0.90
N GLY A 145 30.73 -34.15 -2.17
CA GLY A 145 32.09 -33.87 -2.58
C GLY A 145 32.68 -32.64 -1.91
N GLY A 146 31.88 -31.59 -1.78
CA GLY A 146 32.36 -30.37 -1.19
C GLY A 146 31.89 -29.13 -1.93
N ARG A 147 31.71 -29.26 -3.25
CA ARG A 147 31.17 -28.14 -4.02
C ARG A 147 29.83 -27.73 -3.44
N LYS A 148 29.66 -26.42 -3.24
CA LYS A 148 28.37 -25.92 -2.78
C LYS A 148 27.35 -26.04 -3.90
N THR A 149 26.36 -26.90 -3.71
CA THR A 149 25.43 -27.23 -4.79
C THR A 149 24.69 -25.99 -5.28
N THR A 150 24.35 -25.08 -4.38
CA THR A 150 23.61 -23.89 -4.77
C THR A 150 24.32 -23.10 -5.85
N ASP A 151 25.65 -23.22 -5.95
CA ASP A 151 26.41 -22.43 -6.90
C ASP A 151 25.95 -22.71 -8.33
N ILE A 152 26.10 -23.94 -8.78
CA ILE A 152 25.80 -24.30 -10.16
C ILE A 152 25.04 -25.63 -10.18
N PRO A 153 23.99 -25.76 -10.98
CA PRO A 153 23.29 -27.04 -11.09
C PRO A 153 24.00 -27.96 -12.08
N LEU A 154 23.40 -29.13 -12.30
CA LEU A 154 23.95 -30.08 -13.24
C LEU A 154 23.87 -29.57 -14.67
N GLU A 155 22.87 -28.75 -14.98
CA GLU A 155 22.61 -28.40 -16.36
C GLU A 155 23.75 -27.58 -16.96
N GLY A 156 24.30 -26.64 -16.19
CA GLY A 156 25.41 -25.87 -16.69
C GLY A 156 26.62 -26.74 -17.01
N TYR A 157 26.94 -27.65 -16.10
CA TYR A 157 28.04 -28.58 -16.36
C TYR A 157 27.76 -29.41 -17.60
N LEU A 158 26.52 -29.89 -17.76
CA LEU A 158 26.19 -30.72 -18.90
C LEU A 158 26.36 -29.95 -20.20
N LEU A 159 25.89 -28.71 -20.26
CA LEU A 159 25.95 -27.94 -21.49
C LEU A 159 27.30 -27.28 -21.71
N SER A 160 28.19 -27.29 -20.72
CA SER A 160 29.47 -26.62 -20.88
C SER A 160 30.24 -27.02 -22.14
N PRO A 161 30.29 -28.29 -22.55
CA PRO A 161 31.14 -28.64 -23.70
C PRO A 161 30.87 -27.82 -24.95
N ILE A 162 29.61 -27.53 -25.24
CA ILE A 162 29.29 -26.72 -26.41
C ILE A 162 29.95 -25.35 -26.29
N GLN A 163 29.82 -24.72 -25.13
CA GLN A 163 30.44 -23.43 -24.93
C GLN A 163 31.96 -23.52 -25.03
N ARG A 164 32.57 -24.53 -24.42
CA ARG A 164 34.02 -24.63 -24.44
C ARG A 164 34.54 -24.80 -25.86
N ILE A 165 33.88 -25.65 -26.65
CA ILE A 165 34.33 -25.88 -28.03
C ILE A 165 34.10 -24.65 -28.88
N CYS A 166 32.99 -23.94 -28.67
CA CYS A 166 32.78 -22.70 -29.41
C CYS A 166 33.73 -21.60 -28.97
N LYS A 167 34.26 -21.68 -27.75
CA LYS A 167 35.14 -20.65 -27.22
C LYS A 167 36.59 -20.85 -27.61
N TYR A 168 37.04 -22.10 -27.75
CA TYR A 168 38.43 -22.34 -28.14
C TYR A 168 38.83 -21.56 -29.39
N PRO A 169 38.04 -21.53 -30.47
CA PRO A 169 38.43 -20.68 -31.60
C PRO A 169 38.60 -19.22 -31.20
N LEU A 170 37.75 -18.73 -30.31
CA LEU A 170 37.85 -17.34 -29.87
C LEU A 170 39.17 -17.11 -29.15
N LEU A 171 39.56 -18.04 -28.28
CA LEU A 171 40.83 -17.92 -27.58
C LEU A 171 42.00 -17.95 -28.57
N LEU A 172 41.92 -18.82 -29.57
CA LEU A 172 42.99 -18.87 -30.57
C LEU A 172 43.13 -17.55 -31.31
N LYS A 173 42.02 -17.01 -31.79
CA LYS A 173 42.08 -15.74 -32.52
C LYS A 173 42.57 -14.61 -31.60
N GLU A 174 42.13 -14.62 -30.35
CA GLU A 174 42.58 -13.62 -29.39
C GLU A 174 44.09 -13.66 -29.23
N LEU A 175 44.63 -14.84 -28.94
CA LEU A 175 46.07 -14.97 -28.76
C LEU A 175 46.80 -14.58 -30.04
N ALA A 176 46.23 -14.92 -31.20
CA ALA A 176 46.83 -14.50 -32.46
C ALA A 176 46.91 -12.98 -32.56
N LYS A 177 45.84 -12.30 -32.15
CA LYS A 177 45.87 -10.84 -32.16
C LYS A 177 46.96 -10.33 -31.22
N ARG A 178 47.10 -10.93 -30.05
CA ARG A 178 48.15 -10.50 -29.13
C ARG A 178 49.54 -10.82 -29.66
N THR A 179 49.69 -11.87 -30.45
CA THR A 179 51.01 -12.39 -30.77
C THR A 179 51.85 -11.32 -31.47
N PRO A 180 53.07 -11.05 -31.00
CA PRO A 180 53.93 -10.10 -31.71
C PRO A 180 54.22 -10.57 -33.13
N GLY A 181 54.38 -9.60 -34.04
CA GLY A 181 54.66 -9.94 -35.42
C GLY A 181 55.94 -10.73 -35.59
N LYS A 182 56.96 -10.44 -34.77
CA LYS A 182 58.20 -11.20 -34.84
C LYS A 182 57.97 -12.67 -34.53
N HIS A 183 57.01 -12.98 -33.66
CA HIS A 183 56.76 -14.36 -33.29
C HIS A 183 56.15 -15.10 -34.47
N PRO A 184 56.78 -16.17 -34.96
CA PRO A 184 56.31 -16.84 -36.18
C PRO A 184 55.12 -17.77 -35.98
N ASP A 185 54.56 -17.87 -34.78
CA ASP A 185 53.44 -18.77 -34.53
C ASP A 185 52.12 -18.24 -35.06
N HIS A 186 52.11 -17.04 -35.63
CA HIS A 186 50.85 -16.45 -36.09
C HIS A 186 50.16 -17.29 -37.16
N PRO A 187 50.82 -17.67 -38.26
CA PRO A 187 50.13 -18.50 -39.26
C PRO A 187 49.67 -19.85 -38.71
N ALA A 188 50.48 -20.47 -37.84
CA ALA A 188 50.07 -21.75 -37.26
C ALA A 188 48.84 -21.57 -36.38
N VAL A 189 48.80 -20.51 -35.57
CA VAL A 189 47.65 -20.26 -34.73
C VAL A 189 46.42 -19.97 -35.58
N GLN A 190 46.61 -19.25 -36.70
CA GLN A 190 45.49 -18.98 -37.58
C GLN A 190 44.97 -20.27 -38.20
N SER A 191 45.87 -21.17 -38.60
CA SER A 191 45.44 -22.46 -39.13
C SER A 191 44.69 -23.26 -38.07
N ALA A 192 45.17 -23.22 -36.82
CA ALA A 192 44.47 -23.90 -35.74
C ALA A 192 43.08 -23.29 -35.54
N LEU A 193 42.98 -21.97 -35.64
CA LEU A 193 41.67 -21.32 -35.55
C LEU A 193 40.75 -21.81 -36.65
N GLN A 194 41.27 -21.92 -37.88
CA GLN A 194 40.45 -22.41 -38.98
C GLN A 194 40.00 -23.84 -38.72
N ALA A 195 40.90 -24.68 -38.21
CA ALA A 195 40.54 -26.06 -37.92
C ALA A 195 39.46 -26.13 -36.84
N MET A 196 39.60 -25.33 -35.78
CA MET A 196 38.59 -25.33 -34.72
C MET A 196 37.26 -24.82 -35.24
N LYS A 197 37.28 -23.80 -36.10
CA LYS A 197 36.05 -23.32 -36.71
C LYS A 197 35.40 -24.43 -37.54
N THR A 198 36.20 -25.17 -38.31
CA THR A 198 35.66 -26.27 -39.10
C THR A 198 35.03 -27.33 -38.19
N VAL A 199 35.71 -27.65 -37.09
CA VAL A 199 35.18 -28.64 -36.16
C VAL A 199 33.86 -28.17 -35.58
N CYS A 200 33.79 -26.90 -35.18
CA CYS A 200 32.54 -26.37 -34.67
C CYS A 200 31.45 -26.43 -35.73
N SER A 201 31.78 -26.10 -36.98
CA SER A 201 30.79 -26.08 -38.04
C SER A 201 30.25 -27.48 -38.33
N ASN A 202 31.11 -28.49 -38.29
CA ASN A 202 30.66 -29.84 -38.62
C ASN A 202 29.55 -30.30 -37.69
N ILE A 203 29.43 -29.69 -36.51
CA ILE A 203 28.33 -29.91 -35.59
C ILE A 203 27.48 -28.65 -35.60
N ASN A 204 26.19 -28.80 -35.93
CA ASN A 204 25.33 -27.62 -36.03
C ASN A 204 24.95 -27.06 -34.67
N GLU A 205 24.94 -27.89 -33.63
CA GLU A 205 24.55 -27.41 -32.31
C GLU A 205 25.53 -26.36 -31.79
N THR A 206 26.83 -26.60 -31.98
CA THR A 206 27.83 -25.58 -31.65
C THR A 206 27.67 -24.34 -32.50
N LYS A 207 26.99 -24.45 -33.65
CA LYS A 207 26.82 -23.32 -34.54
C LYS A 207 26.06 -22.18 -33.86
N ARG A 208 24.99 -22.52 -33.12
CA ARG A 208 24.20 -21.48 -32.47
C ARG A 208 25.03 -20.71 -31.45
N GLN A 209 25.75 -21.44 -30.59
CA GLN A 209 26.58 -20.77 -29.59
C GLN A 209 27.64 -19.92 -30.26
N MET A 210 28.29 -20.44 -31.30
CA MET A 210 29.35 -19.68 -31.95
C MET A 210 28.80 -18.42 -32.61
N GLU A 211 27.64 -18.51 -33.25
CA GLU A 211 27.07 -17.33 -33.91
C GLU A 211 26.65 -16.28 -32.90
N LYS A 212 26.05 -16.70 -31.79
CA LYS A 212 25.74 -15.75 -30.73
C LYS A 212 27.00 -15.06 -30.24
N LEU A 213 28.05 -15.84 -30.00
CA LEU A 213 29.30 -15.28 -29.49
C LEU A 213 29.89 -14.29 -30.47
N GLU A 214 29.90 -14.63 -31.76
CA GLU A 214 30.50 -13.74 -32.75
C GLU A 214 29.68 -12.46 -32.90
N ALA A 215 28.35 -12.56 -32.85
CA ALA A 215 27.54 -11.35 -32.89
C ALA A 215 27.84 -10.46 -31.70
N LEU A 216 27.94 -11.05 -30.50
CA LEU A 216 28.25 -10.25 -29.32
C LEU A 216 29.62 -9.61 -29.45
N GLU A 217 30.60 -10.35 -29.96
CA GLU A 217 31.94 -9.79 -30.14
C GLU A 217 31.94 -8.65 -31.15
N GLN A 218 31.18 -8.78 -32.23
CA GLN A 218 31.05 -7.68 -33.18
C GLN A 218 30.45 -6.46 -32.52
N LEU A 219 29.42 -6.66 -31.69
CA LEU A 219 28.83 -5.53 -30.97
C LEU A 219 29.85 -4.88 -30.04
N GLN A 220 30.65 -5.68 -29.34
CA GLN A 220 31.68 -5.11 -28.47
C GLN A 220 32.73 -4.37 -29.28
N SER A 221 33.05 -4.85 -30.48
CA SER A 221 34.06 -4.21 -31.30
C SER A 221 33.73 -2.75 -31.56
N HIS A 222 32.44 -2.38 -31.52
CA HIS A 222 32.02 -1.00 -31.65
C HIS A 222 32.19 -0.22 -30.36
N ILE A 223 32.64 -0.85 -29.28
CA ILE A 223 32.85 -0.18 -28.00
C ILE A 223 34.26 0.40 -27.99
N GLU A 224 34.36 1.69 -27.75
CA GLU A 224 35.63 2.38 -27.67
C GLU A 224 36.01 2.54 -26.20
N GLY A 225 37.24 2.17 -25.88
CA GLY A 225 37.67 2.21 -24.48
C GLY A 225 36.91 1.23 -23.61
N TRP A 226 36.69 0.01 -24.07
CA TRP A 226 36.02 -0.98 -23.24
C TRP A 226 36.81 -1.22 -21.97
N GLU A 227 36.11 -1.54 -20.89
CA GLU A 227 36.73 -1.90 -19.63
C GLU A 227 36.05 -3.15 -19.07
N GLY A 228 36.69 -3.75 -18.08
CA GLY A 228 36.13 -4.90 -17.38
C GLY A 228 36.19 -6.16 -18.22
N SER A 229 35.66 -7.23 -17.63
CA SER A 229 35.65 -8.52 -18.29
C SER A 229 34.91 -8.42 -19.63
N ASN A 230 35.10 -9.44 -20.47
CA ASN A 230 34.47 -9.45 -21.78
C ASN A 230 32.97 -9.68 -21.66
N LEU A 231 32.23 -9.17 -22.65
CA LEU A 231 30.78 -9.27 -22.63
C LEU A 231 30.33 -10.72 -22.74
N THR A 232 30.97 -11.51 -23.60
CA THR A 232 30.55 -12.90 -23.76
C THR A 232 30.69 -13.69 -22.47
N ASP A 233 31.47 -13.19 -21.51
CA ASP A 233 31.75 -13.96 -20.31
C ASP A 233 30.49 -14.15 -19.46
N ILE A 234 29.79 -13.06 -19.16
CA ILE A 234 28.69 -13.09 -18.21
C ILE A 234 27.42 -12.58 -18.88
N CYS A 235 27.32 -12.76 -20.20
CA CYS A 235 26.20 -12.26 -20.95
C CYS A 235 25.84 -13.27 -22.03
N THR A 236 24.55 -13.30 -22.40
CA THR A 236 24.09 -14.19 -23.45
C THR A 236 23.13 -13.55 -24.44
N GLN A 237 22.53 -12.39 -24.13
CA GLN A 237 21.53 -11.83 -25.03
C GLN A 237 21.42 -10.33 -24.80
N LEU A 238 21.25 -9.60 -25.89
CA LEU A 238 21.01 -8.16 -25.86
C LEU A 238 19.51 -7.94 -25.66
N LEU A 239 19.11 -7.74 -24.40
CA LEU A 239 17.68 -7.62 -24.11
C LEU A 239 17.11 -6.33 -24.67
N LEU A 240 17.76 -5.20 -24.44
CA LEU A 240 17.22 -3.93 -24.89
C LEU A 240 18.33 -2.89 -24.97
N GLN A 241 18.07 -1.86 -25.76
CA GLN A 241 19.00 -0.75 -25.95
C GLN A 241 18.21 0.46 -26.40
N GLY A 242 18.86 1.62 -26.32
CA GLY A 242 18.23 2.86 -26.72
C GLY A 242 18.97 4.04 -26.13
N THR A 243 18.26 5.15 -26.01
CA THR A 243 18.81 6.37 -25.43
C THR A 243 17.99 6.76 -24.21
N LEU A 244 18.66 7.11 -23.12
CA LEU A 244 17.99 7.53 -21.91
C LEU A 244 18.86 8.51 -21.16
N LEU A 245 18.23 9.57 -20.65
CA LEU A 245 18.95 10.62 -19.96
C LEU A 245 19.38 10.16 -18.57
N LYS A 246 19.93 11.10 -17.81
CA LYS A 246 20.40 10.81 -16.47
C LYS A 246 20.88 12.09 -15.82
N ILE A 247 20.85 12.12 -14.49
CA ILE A 247 21.45 13.20 -13.71
C ILE A 247 22.61 12.61 -12.93
N SER A 248 23.66 13.41 -12.75
CA SER A 248 24.89 12.89 -12.15
C SER A 248 25.75 14.06 -11.70
N ALA A 249 26.25 14.00 -10.46
CA ALA A 249 27.19 14.99 -9.93
C ALA A 249 26.66 16.41 -10.15
N GLY A 250 25.37 16.60 -9.90
CA GLY A 250 24.75 17.89 -10.15
C GLY A 250 24.74 18.29 -11.61
N ASN A 251 24.81 17.33 -12.52
CA ASN A 251 24.85 17.61 -13.94
C ASN A 251 24.00 16.59 -14.68
N ILE A 252 23.73 16.90 -15.95
CA ILE A 252 22.96 16.04 -16.83
C ILE A 252 23.84 15.64 -17.99
N GLN A 253 23.75 14.39 -18.40
CA GLN A 253 24.52 13.89 -19.54
C GLN A 253 23.75 12.77 -20.21
N GLU A 254 23.18 13.06 -21.39
CA GLU A 254 22.42 12.04 -22.11
C GLU A 254 23.31 10.84 -22.39
N ARG A 255 22.73 9.66 -22.24
CA ARG A 255 23.45 8.41 -22.43
C ARG A 255 22.53 7.41 -23.11
N ALA A 256 23.14 6.37 -23.68
CA ALA A 256 22.39 5.27 -24.29
C ALA A 256 22.68 4.02 -23.48
N PHE A 257 21.63 3.44 -22.90
CA PHE A 257 21.80 2.25 -22.07
C PHE A 257 21.67 0.98 -22.91
N PHE A 258 22.49 -0.01 -22.57
CA PHE A 258 22.43 -1.35 -23.16
C PHE A 258 22.10 -2.33 -22.04
N LEU A 259 21.21 -3.28 -22.34
CA LEU A 259 20.68 -4.21 -21.33
C LEU A 259 21.14 -5.63 -21.65
N PHE A 260 22.06 -6.14 -20.83
CA PHE A 260 22.47 -7.53 -20.87
C PHE A 260 22.24 -8.18 -19.50
N ASP A 261 22.05 -9.49 -19.52
CA ASP A 261 21.72 -10.21 -18.29
C ASP A 261 22.73 -9.87 -17.20
N ASN A 262 22.22 -9.37 -16.08
CA ASN A 262 23.04 -8.94 -14.96
C ASN A 262 24.00 -7.82 -15.35
N LEU A 263 23.71 -7.11 -16.42
CA LEU A 263 24.64 -6.10 -16.92
C LEU A 263 23.87 -4.95 -17.54
N LEU A 264 24.06 -3.75 -17.00
CA LEU A 264 23.53 -2.53 -17.57
C LEU A 264 24.70 -1.72 -18.11
N VAL A 265 24.71 -1.49 -19.42
CA VAL A 265 25.83 -0.86 -20.09
C VAL A 265 25.35 0.44 -20.72
N TYR A 266 25.85 1.56 -20.21
CA TYR A 266 25.60 2.87 -20.80
C TYR A 266 26.90 3.41 -21.36
N CYS A 267 26.86 3.86 -22.60
CA CYS A 267 28.03 4.35 -23.30
C CYS A 267 27.73 5.74 -23.84
N LYS A 268 28.77 6.57 -23.91
CA LYS A 268 28.63 7.95 -24.38
C LYS A 268 28.66 7.93 -25.90
N ARG A 269 27.49 7.92 -26.52
CA ARG A 269 27.40 7.91 -27.96
C ARG A 269 27.95 9.20 -28.53
N LYS A 270 28.56 9.10 -29.71
CA LYS A 270 29.13 10.25 -30.39
C LYS A 270 28.52 10.41 -31.77
N SER A 289 33.25 2.67 -34.77
CA SER A 289 32.71 2.49 -33.43
C SER A 289 31.93 3.72 -33.00
N LEU A 290 30.66 3.50 -32.67
CA LEU A 290 29.73 4.59 -32.39
C LEU A 290 29.58 4.88 -30.90
N TYR A 291 30.28 4.15 -30.02
CA TYR A 291 30.03 4.24 -28.59
C TYR A 291 31.33 4.40 -27.84
N ILE A 292 31.24 5.08 -26.69
CA ILE A 292 32.37 5.36 -25.82
C ILE A 292 32.01 4.89 -24.42
N PHE A 293 32.91 4.12 -23.81
CA PHE A 293 32.65 3.62 -22.47
C PHE A 293 32.46 4.78 -21.50
N ARG A 294 31.39 4.70 -20.70
CA ARG A 294 31.22 5.55 -19.54
C ARG A 294 31.13 4.74 -18.25
N GLY A 295 30.24 3.76 -18.19
CA GLY A 295 30.11 2.92 -17.02
C GLY A 295 29.05 1.87 -17.21
N ARG A 296 29.19 0.79 -16.43
CA ARG A 296 28.24 -0.31 -16.43
C ARG A 296 28.06 -0.78 -14.99
N ILE A 297 26.96 -1.52 -14.76
CA ILE A 297 26.60 -1.98 -13.42
C ILE A 297 26.19 -3.44 -13.49
N ASN A 298 26.35 -4.15 -12.38
CA ASN A 298 25.82 -5.49 -12.23
C ASN A 298 24.46 -5.43 -11.54
N THR A 299 23.49 -6.16 -12.10
CA THR A 299 22.12 -6.04 -11.59
C THR A 299 22.02 -6.49 -10.14
N GLU A 300 22.73 -7.55 -9.77
CA GLU A 300 22.67 -8.03 -8.39
C GLU A 300 23.10 -6.97 -7.39
N VAL A 301 23.88 -5.98 -7.79
CA VAL A 301 24.21 -4.85 -6.94
C VAL A 301 23.44 -3.63 -7.41
N MET A 302 22.32 -3.87 -8.11
CA MET A 302 21.51 -2.82 -8.70
C MET A 302 20.15 -2.78 -8.00
N GLU A 303 19.57 -1.59 -7.97
CA GLU A 303 18.31 -1.36 -7.29
C GLU A 303 17.39 -0.55 -8.21
N VAL A 304 16.09 -0.75 -8.04
CA VAL A 304 15.08 -0.06 -8.84
C VAL A 304 14.11 0.63 -7.90
N GLU A 305 13.94 1.93 -8.07
CA GLU A 305 13.00 2.71 -7.27
C GLU A 305 12.32 3.73 -8.16
N ASN A 306 11.01 3.88 -8.00
CA ASN A 306 10.19 4.70 -8.88
C ASN A 306 9.78 5.99 -8.18
N VAL A 307 9.73 7.07 -8.95
CA VAL A 307 9.43 8.40 -8.44
C VAL A 307 8.13 8.89 -9.08
N GLU A 308 7.65 10.05 -8.63
CA GLU A 308 6.46 10.66 -9.21
C GLU A 308 6.78 11.40 -10.50
N ASP A 309 5.76 11.57 -11.33
CA ASP A 309 5.86 12.47 -12.49
C ASP A 309 5.61 13.89 -12.00
N GLY A 310 6.69 14.57 -11.59
CA GLY A 310 6.55 15.87 -10.97
C GLY A 310 7.42 16.07 -9.74
N THR A 311 8.37 15.18 -9.52
CA THR A 311 9.29 15.30 -8.39
C THR A 311 10.58 15.99 -8.81
N ALA A 312 11.17 16.72 -7.88
CA ALA A 312 12.47 17.36 -8.09
C ALA A 312 13.14 17.53 -6.73
N ASP A 313 14.22 16.79 -6.51
CA ASP A 313 14.90 16.79 -5.21
C ASP A 313 16.40 16.96 -5.43
N TYR A 314 17.16 16.80 -4.35
CA TYR A 314 18.62 16.94 -4.44
C TYR A 314 19.21 15.94 -5.43
N HIS A 315 18.76 14.70 -5.36
CA HIS A 315 19.21 13.70 -6.32
C HIS A 315 18.83 14.07 -7.75
N SER A 316 17.69 14.73 -7.94
CA SER A 316 17.33 15.31 -9.22
C SER A 316 17.96 16.69 -9.41
N ASN A 317 18.73 17.16 -8.43
CA ASN A 317 19.34 18.48 -8.47
C ASN A 317 18.29 19.54 -8.80
N GLY A 318 17.14 19.44 -8.13
CA GLY A 318 16.08 20.41 -8.32
C GLY A 318 15.53 20.43 -9.73
N TYR A 319 15.37 19.26 -10.34
CA TYR A 319 14.82 19.13 -11.68
C TYR A 319 13.58 18.25 -11.64
N THR A 320 12.51 18.72 -12.26
CA THR A 320 11.29 17.94 -12.33
C THR A 320 11.53 16.65 -13.10
N VAL A 321 10.86 15.59 -12.68
CA VAL A 321 11.07 14.25 -13.21
C VAL A 321 9.83 13.81 -13.98
N THR A 322 10.04 13.25 -15.17
CA THR A 322 8.97 12.69 -15.99
C THR A 322 9.33 11.26 -16.36
N ASN A 323 8.38 10.35 -16.17
CA ASN A 323 8.57 8.94 -16.50
C ASN A 323 9.85 8.41 -15.87
N GLY A 324 10.27 9.03 -14.77
CA GLY A 324 11.57 8.78 -14.19
C GLY A 324 11.57 7.60 -13.25
N TRP A 325 12.77 7.09 -12.98
CA TRP A 325 12.97 6.10 -11.93
C TRP A 325 14.40 6.18 -11.44
N LYS A 326 14.63 5.62 -10.26
CA LYS A 326 15.92 5.67 -9.60
C LYS A 326 16.60 4.31 -9.65
N ILE A 327 17.92 4.34 -9.85
CA ILE A 327 18.76 3.16 -9.81
C ILE A 327 19.92 3.46 -8.87
N HIS A 328 20.52 2.42 -8.32
CA HIS A 328 21.68 2.55 -7.46
C HIS A 328 22.82 1.67 -7.94
N ASN A 329 24.04 2.19 -7.84
CA ASN A 329 25.26 1.40 -7.95
C ASN A 329 25.94 1.47 -6.59
N THR A 330 25.80 0.40 -5.81
CA THR A 330 26.45 0.35 -4.51
C THR A 330 27.97 0.40 -4.62
N ALA A 331 28.52 0.02 -5.78
CA ALA A 331 29.96 0.15 -5.97
C ALA A 331 30.41 1.58 -5.71
N LYS A 332 29.77 2.55 -6.37
CA LYS A 332 30.00 3.96 -6.11
C LYS A 332 29.05 4.51 -5.06
N ASN A 333 28.20 3.65 -4.48
CA ASN A 333 27.31 4.02 -3.40
C ASN A 333 26.63 5.35 -3.66
N LYS A 334 26.28 5.61 -4.92
CA LYS A 334 25.54 6.80 -5.31
C LYS A 334 24.46 6.40 -6.30
N TRP A 335 23.41 7.22 -6.36
CA TRP A 335 22.24 6.95 -7.19
C TRP A 335 22.23 7.86 -8.42
N PHE A 336 21.19 7.68 -9.22
CA PHE A 336 20.91 8.57 -10.34
C PHE A 336 19.50 8.30 -10.81
N VAL A 337 18.97 9.21 -11.62
CA VAL A 337 17.62 9.10 -12.15
C VAL A 337 17.70 8.88 -13.64
N CYS A 338 16.75 8.10 -14.16
CA CYS A 338 16.66 7.84 -15.59
C CYS A 338 15.28 8.25 -16.07
N MET A 339 15.24 9.19 -17.01
CA MET A 339 14.00 9.67 -17.57
C MET A 339 13.91 9.25 -19.03
N ALA A 340 12.81 8.62 -19.39
CA ALA A 340 12.59 8.12 -20.74
C ALA A 340 11.82 9.16 -21.55
N LYS A 341 11.90 9.02 -22.87
CA LYS A 341 11.26 9.98 -23.75
C LYS A 341 9.75 10.00 -23.54
N THR A 342 9.13 8.84 -23.39
CA THR A 342 7.69 8.74 -23.23
C THR A 342 7.36 7.75 -22.13
N ALA A 343 6.06 7.64 -21.82
CA ALA A 343 5.61 6.62 -20.87
C ALA A 343 5.81 5.22 -21.43
N GLU A 344 5.55 5.03 -22.72
CA GLU A 344 5.72 3.71 -23.32
C GLU A 344 7.15 3.23 -23.17
N GLU A 345 8.12 4.13 -23.36
CA GLU A 345 9.53 3.76 -23.21
C GLU A 345 9.84 3.33 -21.77
N LYS A 346 9.36 4.11 -20.80
CA LYS A 346 9.60 3.75 -19.40
C LYS A 346 8.98 2.40 -19.08
N GLN A 347 7.78 2.15 -19.60
CA GLN A 347 7.13 0.88 -19.39
C GLN A 347 7.94 -0.26 -19.99
N LYS A 348 8.45 -0.08 -21.22
CA LYS A 348 9.30 -1.10 -21.82
C LYS A 348 10.48 -1.41 -20.92
N TRP A 349 11.16 -0.37 -20.45
CA TRP A 349 12.37 -0.57 -19.65
C TRP A 349 12.05 -1.29 -18.34
N LEU A 350 11.02 -0.83 -17.63
CA LEU A 350 10.66 -1.48 -16.38
C LEU A 350 10.25 -2.93 -16.63
N ASP A 351 9.48 -3.18 -17.69
CA ASP A 351 9.03 -4.53 -17.96
C ASP A 351 10.21 -5.47 -18.20
N ALA A 352 11.15 -5.07 -19.05
CA ALA A 352 12.27 -5.95 -19.35
C ALA A 352 13.16 -6.17 -18.13
N ILE A 353 13.56 -5.09 -17.45
CA ILE A 353 14.45 -5.23 -16.31
C ILE A 353 13.80 -6.09 -15.23
N ILE A 354 12.53 -5.82 -14.94
CA ILE A 354 11.80 -6.65 -14.00
C ILE A 354 11.85 -8.09 -14.46
N ARG A 355 11.26 -8.40 -15.63
CA ARG A 355 11.23 -9.76 -16.13
C ARG A 355 12.54 -10.50 -15.86
N GLU A 356 13.67 -9.87 -16.18
CA GLU A 356 14.95 -10.54 -15.97
C GLU A 356 15.20 -10.79 -14.49
N ARG A 357 15.06 -9.76 -13.65
CA ARG A 357 15.32 -9.92 -12.23
C ARG A 357 14.37 -10.94 -11.62
N GLU A 358 13.10 -10.89 -12.02
CA GLU A 358 12.11 -11.86 -11.57
C GLU A 358 12.56 -13.28 -11.89
N GLN A 359 12.93 -13.54 -13.14
CA GLN A 359 13.29 -14.90 -13.53
C GLN A 359 14.48 -15.39 -12.74
N ARG A 360 15.54 -14.59 -12.65
CA ARG A 360 16.73 -15.06 -11.94
C ARG A 360 16.44 -15.27 -10.46
N GLU A 361 15.70 -14.34 -9.84
CA GLU A 361 15.33 -14.49 -8.44
C GLU A 361 14.56 -15.77 -8.21
N SER A 362 13.53 -16.01 -9.03
CA SER A 362 12.72 -17.20 -8.84
C SER A 362 13.57 -18.46 -8.99
N LEU A 363 14.43 -18.50 -10.01
CA LEU A 363 15.26 -19.67 -10.22
C LEU A 363 16.13 -19.96 -9.00
N LYS A 364 16.88 -18.95 -8.54
CA LYS A 364 17.82 -19.21 -7.47
C LYS A 364 17.11 -19.50 -6.16
N LEU A 365 16.00 -18.81 -5.89
CA LEU A 365 15.24 -19.11 -4.67
C LEU A 365 14.71 -20.53 -4.68
N GLY A 366 14.16 -20.97 -5.82
CA GLY A 366 13.69 -22.33 -5.91
C GLY A 366 14.79 -23.34 -5.68
N MET A 367 15.95 -23.11 -6.31
CA MET A 367 17.05 -24.04 -6.15
C MET A 367 17.49 -24.13 -4.68
N GLU A 368 17.69 -22.98 -4.04
CA GLU A 368 18.17 -22.99 -2.66
C GLU A 368 17.14 -23.60 -1.72
N ARG A 369 15.85 -23.32 -1.93
CA ARG A 369 14.84 -23.87 -1.04
C ARG A 369 14.71 -25.38 -1.21
N ASP A 370 14.80 -25.87 -2.46
CA ASP A 370 14.79 -27.30 -2.68
C ASP A 370 15.98 -27.96 -1.99
N ALA A 371 17.15 -27.33 -2.09
CA ALA A 371 18.32 -27.88 -1.42
C ALA A 371 18.11 -27.91 0.09
N TYR A 372 17.54 -26.84 0.66
CA TYR A 372 17.36 -26.81 2.10
C TYR A 372 16.38 -27.87 2.57
N VAL A 373 15.25 -28.02 1.87
CA VAL A 373 14.29 -29.03 2.28
C VAL A 373 14.89 -30.42 2.12
N MET A 374 15.68 -30.64 1.07
CA MET A 374 16.35 -31.92 0.92
C MET A 374 17.32 -32.18 2.06
N ILE A 375 18.07 -31.16 2.48
CA ILE A 375 18.97 -31.33 3.62
C ILE A 375 18.18 -31.69 4.86
N ALA A 376 17.09 -30.98 5.11
CA ALA A 376 16.26 -31.28 6.27
C ALA A 376 15.78 -32.72 6.22
N GLU A 377 15.32 -33.17 5.06
CA GLU A 377 14.79 -34.53 4.92
C GLU A 377 15.88 -35.57 5.18
N LYS A 378 17.03 -35.41 4.53
CA LYS A 378 18.11 -36.37 4.70
C LYS A 378 18.62 -36.38 6.14
N GLY A 379 18.75 -35.20 6.75
CA GLY A 379 19.17 -35.09 8.11
C GLY A 379 18.20 -35.79 9.04
N GLU A 380 16.90 -35.61 8.80
CA GLU A 380 15.91 -36.31 9.60
C GLU A 380 16.07 -37.82 9.47
N LYS A 381 16.16 -38.31 8.23
CA LYS A 381 16.29 -39.74 8.00
C LYS A 381 17.52 -40.30 8.72
N LEU A 382 18.67 -39.67 8.51
CA LEU A 382 19.91 -40.17 9.07
C LEU A 382 19.96 -40.02 10.58
N TYR A 383 19.42 -38.92 11.12
CA TYR A 383 19.35 -38.77 12.56
C TYR A 383 18.53 -39.89 13.19
N HIS A 384 17.36 -40.18 12.62
CA HIS A 384 16.57 -41.28 13.14
C HIS A 384 17.32 -42.60 13.02
N MET A 385 17.99 -42.82 11.89
CA MET A 385 18.76 -44.05 11.72
C MET A 385 19.87 -44.16 12.77
N MET A 386 20.41 -43.02 13.19
CA MET A 386 21.41 -43.01 14.27
C MET A 386 20.77 -43.22 15.63
N MET A 387 19.53 -42.76 15.80
CA MET A 387 18.86 -42.93 17.09
C MET A 387 18.65 -44.41 17.43
N ASN A 388 18.74 -45.30 16.45
CA ASN A 388 18.53 -46.71 16.70
C ASN A 388 19.62 -47.27 17.61
N LYS A 389 19.28 -48.36 18.30
CA LYS A 389 20.25 -49.05 19.14
C LYS A 389 21.28 -49.80 18.30
N LYS A 390 20.86 -50.34 17.16
CA LYS A 390 21.79 -50.91 16.21
C LYS A 390 22.88 -49.90 15.87
N VAL A 391 24.13 -50.27 16.11
CA VAL A 391 25.28 -49.39 15.92
C VAL A 391 24.94 -47.99 16.41
N ASN A 392 24.26 -47.92 17.55
CA ASN A 392 23.92 -46.62 18.12
C ASN A 392 25.16 -45.74 18.21
N LEU A 393 25.12 -44.61 17.51
CA LEU A 393 26.21 -43.64 17.54
C LEU A 393 25.92 -42.49 18.49
N ILE A 394 24.66 -42.07 18.58
CA ILE A 394 24.32 -41.01 19.53
C ILE A 394 24.42 -41.58 20.95
N LYS A 395 25.18 -40.88 21.79
CA LYS A 395 25.44 -41.37 23.13
C LYS A 395 25.69 -40.19 24.06
N ASP A 396 25.60 -40.46 25.36
CA ASP A 396 25.84 -39.48 26.39
C ASP A 396 27.20 -39.75 27.03
N ARG A 397 28.25 -39.27 26.35
CA ARG A 397 29.62 -39.46 26.80
C ARG A 397 30.13 -38.18 27.45
N ARG A 398 31.36 -38.26 27.96
CA ARG A 398 32.01 -37.10 28.58
C ARG A 398 33.27 -36.74 27.80
N SER A 402 32.56 -32.59 31.85
CA SER A 402 31.15 -32.34 31.65
C SER A 402 30.55 -33.32 30.64
N THR A 403 29.69 -34.21 31.15
CA THR A 403 29.04 -35.17 30.27
C THR A 403 28.26 -34.45 29.18
N VAL A 404 28.33 -34.99 27.97
CA VAL A 404 27.62 -34.40 26.82
C VAL A 404 26.58 -35.39 26.33
N PRO A 405 25.32 -35.26 26.77
CA PRO A 405 24.27 -36.17 26.28
C PRO A 405 24.13 -36.15 24.77
N LYS A 406 23.98 -37.34 24.17
CA LYS A 406 23.68 -37.45 22.75
C LYS A 406 24.78 -36.78 21.91
N CYS A 407 26.00 -37.25 22.06
CA CYS A 407 27.13 -36.75 21.29
C CYS A 407 27.60 -37.84 20.34
N PHE A 408 27.96 -37.44 19.12
CA PHE A 408 28.39 -38.39 18.09
C PHE A 408 29.70 -37.92 17.49
N LEU A 409 30.61 -38.87 17.26
CA LEU A 409 31.90 -38.56 16.67
C LEU A 409 31.78 -38.47 15.16
N GLY A 410 32.35 -37.43 14.59
CA GLY A 410 32.34 -37.25 13.15
C GLY A 410 32.97 -38.44 12.46
N ASN A 411 34.04 -38.98 13.04
CA ASN A 411 34.70 -40.13 12.43
C ASN A 411 33.79 -41.34 12.37
N GLU A 412 33.19 -41.72 13.50
CA GLU A 412 32.31 -42.89 13.50
C GLU A 412 31.06 -42.62 12.68
N PHE A 413 30.55 -41.40 12.74
CA PHE A 413 29.42 -41.01 11.91
C PHE A 413 29.72 -41.22 10.43
N VAL A 414 30.87 -40.74 9.98
CA VAL A 414 31.25 -40.91 8.58
C VAL A 414 31.51 -42.36 8.25
N ALA A 415 32.11 -43.11 9.18
CA ALA A 415 32.33 -44.54 8.95
C ALA A 415 31.01 -45.26 8.75
N TRP A 416 30.00 -44.94 9.54
CA TRP A 416 28.67 -45.51 9.36
C TRP A 416 28.06 -45.12 8.02
N LEU A 417 28.16 -43.84 7.65
CA LEU A 417 27.58 -43.40 6.38
C LEU A 417 28.24 -44.11 5.20
N LEU A 418 29.56 -44.21 5.21
CA LEU A 418 30.25 -44.97 4.18
C LEU A 418 29.89 -46.44 4.28
N GLU A 419 29.80 -46.97 5.50
CA GLU A 419 29.53 -48.38 5.69
C GLU A 419 28.21 -48.78 5.06
N ILE A 420 27.18 -47.94 5.22
CA ILE A 420 25.89 -48.23 4.62
C ILE A 420 25.90 -48.08 3.10
N GLY A 421 27.04 -47.72 2.52
CA GLY A 421 27.16 -47.60 1.07
C GLY A 421 26.68 -46.29 0.50
N GLU A 422 26.13 -45.40 1.34
CA GLU A 422 25.62 -44.13 0.84
C GLU A 422 26.70 -43.25 0.27
N ILE A 423 27.92 -43.30 0.82
CA ILE A 423 29.01 -42.41 0.44
C ILE A 423 30.23 -43.27 0.15
N SER A 424 31.15 -42.72 -0.64
CA SER A 424 32.33 -43.46 -1.08
C SER A 424 33.65 -42.85 -0.63
N LYS A 425 33.65 -41.63 -0.08
CA LYS A 425 34.87 -40.97 0.31
C LYS A 425 34.70 -40.29 1.66
N THR A 426 35.78 -40.27 2.44
CA THR A 426 35.75 -39.61 3.74
C THR A 426 35.52 -38.11 3.58
N GLU A 427 36.14 -37.50 2.57
CA GLU A 427 35.93 -36.08 2.32
C GLU A 427 34.49 -35.80 1.95
N GLU A 428 33.88 -36.68 1.14
CA GLU A 428 32.48 -36.50 0.80
C GLU A 428 31.62 -36.36 2.05
N GLY A 429 31.75 -37.33 2.96
CA GLY A 429 30.93 -37.31 4.17
C GLY A 429 31.27 -36.16 5.09
N VAL A 430 32.56 -35.84 5.24
CA VAL A 430 32.91 -34.76 6.15
C VAL A 430 32.40 -33.43 5.62
N ASN A 431 32.46 -33.21 4.32
CA ASN A 431 31.86 -32.01 3.73
C ASN A 431 30.34 -32.00 3.89
N LEU A 432 29.68 -33.15 3.74
CA LEU A 432 28.24 -33.16 3.97
C LEU A 432 27.89 -32.84 5.41
N GLY A 433 28.62 -33.41 6.37
CA GLY A 433 28.39 -33.05 7.76
C GLY A 433 28.69 -31.61 8.06
N GLN A 434 29.71 -31.04 7.41
CA GLN A 434 29.95 -29.61 7.51
C GLN A 434 28.76 -28.82 7.01
N ALA A 435 28.18 -29.23 5.89
CA ALA A 435 26.98 -28.56 5.37
C ALA A 435 25.85 -28.64 6.39
N LEU A 436 25.63 -29.84 6.96
CA LEU A 436 24.55 -30.00 7.92
C LEU A 436 24.76 -29.10 9.14
N LEU A 437 25.96 -29.11 9.71
CA LEU A 437 26.26 -28.18 10.80
C LEU A 437 25.97 -26.76 10.37
N GLU A 438 26.31 -26.43 9.12
CA GLU A 438 25.99 -25.11 8.58
C GLU A 438 24.54 -25.01 8.15
N ASN A 439 23.87 -26.15 7.91
CA ASN A 439 22.45 -26.16 7.67
C ASN A 439 21.64 -26.25 8.96
N GLY A 440 22.25 -25.93 10.10
CA GLY A 440 21.52 -25.88 11.36
C GLY A 440 20.89 -27.19 11.75
N ILE A 441 21.50 -28.30 11.39
CA ILE A 441 21.00 -29.62 11.73
C ILE A 441 21.78 -30.24 12.87
N ILE A 442 23.09 -29.97 12.93
CA ILE A 442 23.95 -30.44 14.01
C ILE A 442 24.71 -29.24 14.55
N HIS A 443 25.58 -29.51 15.52
CA HIS A 443 26.44 -28.48 16.09
C HIS A 443 27.46 -29.14 17.00
N HIS A 444 28.62 -28.51 17.10
CA HIS A 444 29.63 -28.95 18.06
C HIS A 444 29.08 -28.80 19.47
N VAL A 445 29.57 -29.65 20.38
CA VAL A 445 29.08 -29.64 21.75
C VAL A 445 29.26 -28.26 22.37
N SER A 446 30.44 -27.66 22.16
CA SER A 446 30.71 -26.31 22.65
C SER A 446 30.40 -25.24 21.62
N ASP A 447 29.98 -25.62 20.40
CA ASP A 447 29.65 -24.65 19.35
C ASP A 447 30.83 -23.71 19.10
N LYS A 448 32.04 -24.28 19.03
CA LYS A 448 33.23 -23.51 18.73
C LYS A 448 34.06 -24.15 17.63
N HIS A 449 33.50 -25.12 16.90
CA HIS A 449 34.20 -25.80 15.83
C HIS A 449 33.20 -26.23 14.77
N GLN A 450 33.71 -26.52 13.58
CA GLN A 450 32.90 -26.97 12.47
C GLN A 450 33.08 -28.47 12.30
N PHE A 451 32.50 -29.02 11.24
CA PHE A 451 32.53 -30.46 11.01
C PHE A 451 33.88 -30.87 10.46
N LYS A 452 34.60 -31.69 11.20
CA LYS A 452 35.90 -32.21 10.79
C LYS A 452 35.92 -33.72 10.97
N ASN A 453 36.72 -34.40 10.16
CA ASN A 453 36.77 -35.86 10.16
C ASN A 453 37.20 -36.40 11.52
N GLU A 454 37.84 -35.56 12.33
CA GLU A 454 38.30 -36.00 13.64
C GLU A 454 37.12 -36.46 14.48
N GLN A 455 37.42 -37.27 15.50
CA GLN A 455 36.41 -37.75 16.44
C GLN A 455 36.05 -36.62 17.39
N VAL A 456 35.44 -35.59 16.83
CA VAL A 456 35.08 -34.38 17.57
C VAL A 456 33.62 -34.49 17.97
N MET A 457 33.34 -34.18 19.24
CA MET A 457 31.98 -34.27 19.76
C MET A 457 31.04 -33.38 18.95
N TYR A 458 29.92 -33.95 18.53
CA TYR A 458 28.92 -33.24 17.76
C TYR A 458 27.54 -33.59 18.28
N ARG A 459 26.60 -32.67 18.10
CA ARG A 459 25.26 -32.86 18.61
C ARG A 459 24.25 -32.30 17.61
N PHE A 460 23.04 -32.85 17.67
CA PHE A 460 21.92 -32.42 16.84
C PHE A 460 21.12 -31.34 17.56
N ARG A 461 20.36 -30.59 16.78
CA ARG A 461 19.49 -29.57 17.37
C ARG A 461 18.24 -30.17 18.01
N TYR A 462 17.87 -31.40 17.63
CA TYR A 462 16.82 -32.10 18.35
C TYR A 462 17.29 -32.48 19.75
N ASP A 463 18.55 -32.89 19.89
CA ASP A 463 19.06 -33.37 21.17
C ASP A 463 18.87 -32.31 22.26
N ASP A 464 19.34 -31.10 22.00
CA ASP A 464 19.23 -30.01 22.95
C ASP A 464 17.89 -29.30 22.86
N GLY A 465 17.01 -29.72 21.96
CA GLY A 465 15.71 -29.09 21.79
C GLY A 465 15.71 -27.81 21.00
N THR A 466 16.87 -27.37 20.51
CA THR A 466 16.93 -26.14 19.73
C THR A 466 16.12 -26.27 18.44
N TYR A 467 15.80 -27.48 18.01
CA TYR A 467 14.93 -27.69 16.86
C TYR A 467 14.65 -29.18 16.69
N GLU A 474 -1.72 -20.29 15.30
CA GLU A 474 -1.01 -19.27 14.55
C GLU A 474 -1.87 -18.76 13.40
N ASP A 475 -2.12 -19.64 12.43
CA ASP A 475 -3.10 -19.39 11.38
C ASP A 475 -4.47 -19.93 11.74
N ILE A 476 -4.76 -20.07 13.02
CA ILE A 476 -5.90 -20.83 13.50
C ILE A 476 -7.07 -19.93 13.86
N MET A 477 -6.83 -18.84 14.58
CA MET A 477 -7.94 -17.99 14.99
C MET A 477 -8.67 -17.43 13.78
N SER A 478 -7.91 -16.89 12.82
CA SER A 478 -8.53 -16.38 11.60
C SER A 478 -9.21 -17.50 10.84
N LYS A 479 -8.55 -18.65 10.73
CA LYS A 479 -9.14 -19.76 9.99
C LYS A 479 -10.48 -20.16 10.59
N GLY A 480 -10.53 -20.32 11.90
CA GLY A 480 -11.78 -20.72 12.54
C GLY A 480 -12.86 -19.66 12.46
N VAL A 481 -12.49 -18.40 12.73
CA VAL A 481 -13.48 -17.33 12.66
C VAL A 481 -14.11 -17.30 11.28
N ARG A 482 -13.27 -17.27 10.24
CA ARG A 482 -13.78 -17.38 8.88
C ARG A 482 -14.64 -18.62 8.75
N LEU A 483 -14.11 -19.78 9.15
CA LEU A 483 -14.82 -21.02 8.93
C LEU A 483 -16.24 -20.93 9.41
N TYR A 484 -16.44 -20.47 10.64
CA TYR A 484 -17.81 -20.32 11.14
C TYR A 484 -18.58 -19.34 10.27
N CYS A 485 -17.98 -18.18 9.99
CA CYS A 485 -18.73 -17.15 9.28
C CYS A 485 -19.18 -17.65 7.92
N ARG A 486 -18.24 -18.15 7.12
CA ARG A 486 -18.58 -18.70 5.81
C ARG A 486 -19.63 -19.79 5.95
N LEU A 487 -19.38 -20.77 6.82
CA LEU A 487 -20.25 -21.92 6.88
C LEU A 487 -21.68 -21.52 7.17
N HIS A 488 -21.89 -20.73 8.21
CA HIS A 488 -23.24 -20.30 8.52
C HIS A 488 -23.74 -19.23 7.56
N SER A 489 -22.88 -18.72 6.69
CA SER A 489 -23.30 -17.72 5.72
C SER A 489 -24.07 -18.31 4.55
N LEU A 490 -24.11 -19.63 4.43
CA LEU A 490 -24.68 -20.25 3.24
C LEU A 490 -26.19 -20.07 3.18
N TYR A 491 -26.71 -19.99 1.95
CA TYR A 491 -28.15 -19.99 1.75
C TYR A 491 -28.76 -21.36 2.06
N THR A 492 -28.41 -22.36 1.26
CA THR A 492 -28.90 -23.72 1.51
C THR A 492 -28.23 -24.24 2.78
N PRO A 493 -28.98 -24.60 3.82
CA PRO A 493 -28.34 -24.96 5.09
C PRO A 493 -27.36 -26.11 4.91
N VAL A 494 -26.25 -26.03 5.63
CA VAL A 494 -25.25 -27.10 5.66
C VAL A 494 -24.96 -27.55 7.09
N ILE A 495 -24.58 -26.63 7.96
CA ILE A 495 -24.32 -26.95 9.36
C ILE A 495 -25.66 -26.93 10.08
N LYS A 496 -26.16 -28.11 10.41
CA LYS A 496 -27.57 -28.29 10.72
C LYS A 496 -27.74 -29.16 11.95
N ASP A 497 -28.89 -29.01 12.61
CA ASP A 497 -29.28 -29.92 13.67
C ASP A 497 -29.60 -31.29 13.07
N ARG A 498 -29.04 -32.33 13.67
CA ARG A 498 -29.19 -33.69 13.15
C ARG A 498 -29.51 -34.64 14.29
N ASP A 499 -30.09 -35.79 13.93
CA ASP A 499 -30.53 -36.77 14.91
C ASP A 499 -29.37 -37.73 15.23
N TYR A 500 -28.89 -37.66 16.47
CA TYR A 500 -27.80 -38.50 16.96
C TYR A 500 -28.34 -39.37 18.09
N HIS A 501 -28.19 -40.68 17.95
CA HIS A 501 -28.72 -41.62 18.94
C HIS A 501 -30.19 -41.35 19.23
N LEU A 502 -30.94 -41.06 18.16
CA LEU A 502 -32.38 -40.78 18.26
C LEU A 502 -32.66 -39.65 19.25
N LYS A 503 -31.82 -38.61 19.20
CA LYS A 503 -32.08 -37.37 19.92
C LYS A 503 -31.37 -36.25 19.18
N THR A 504 -32.15 -35.37 18.56
CA THR A 504 -31.58 -34.35 17.69
C THR A 504 -30.62 -33.46 18.47
N TYR A 505 -29.43 -33.26 17.91
CA TYR A 505 -28.49 -32.26 18.41
C TYR A 505 -28.58 -31.03 17.54
N LYS A 506 -28.65 -29.86 18.18
CA LYS A 506 -28.81 -28.62 17.44
C LYS A 506 -27.51 -28.25 16.74
N SER A 507 -27.60 -27.96 15.45
CA SER A 507 -26.51 -27.39 14.67
C SER A 507 -25.22 -28.17 14.87
N VAL A 508 -25.21 -29.39 14.37
CA VAL A 508 -24.03 -30.22 14.38
C VAL A 508 -23.51 -30.34 12.95
N LEU A 509 -22.30 -30.90 12.81
CA LEU A 509 -21.63 -30.92 11.52
C LEU A 509 -21.04 -32.30 11.25
N PRO A 510 -21.49 -32.99 10.19
CA PRO A 510 -20.85 -34.27 9.84
C PRO A 510 -19.45 -34.02 9.28
N GLY A 511 -18.44 -34.35 10.09
CA GLY A 511 -17.07 -34.15 9.65
C GLY A 511 -16.85 -34.61 8.23
N SER A 512 -17.49 -35.70 7.85
CA SER A 512 -17.52 -36.08 6.45
C SER A 512 -18.07 -34.96 5.60
N LYS A 513 -19.20 -34.37 6.02
CA LYS A 513 -19.78 -33.27 5.25
C LYS A 513 -18.87 -32.06 5.25
N LEU A 514 -18.21 -31.79 6.38
CA LEU A 514 -17.27 -30.68 6.44
C LEU A 514 -16.19 -30.86 5.38
N VAL A 515 -15.61 -32.06 5.30
CA VAL A 515 -14.57 -32.32 4.30
C VAL A 515 -15.15 -32.22 2.89
N ASP A 516 -16.37 -32.75 2.70
CA ASP A 516 -16.99 -32.72 1.38
C ASP A 516 -17.15 -31.29 0.90
N TRP A 517 -17.63 -30.41 1.75
CA TRP A 517 -17.77 -29.00 1.37
C TRP A 517 -16.42 -28.35 1.17
N LEU A 518 -15.45 -28.63 2.05
CA LEU A 518 -14.13 -28.04 1.89
C LEU A 518 -13.53 -28.40 0.54
N LEU A 519 -13.78 -29.62 0.06
CA LEU A 519 -13.37 -29.99 -1.28
C LEU A 519 -14.23 -29.33 -2.35
N ALA A 520 -15.52 -29.13 -2.07
CA ALA A 520 -16.43 -28.61 -3.08
C ALA A 520 -16.01 -27.22 -3.55
N GLN A 521 -15.51 -26.40 -2.64
CA GLN A 521 -15.06 -25.06 -2.97
C GLN A 521 -13.56 -24.99 -3.24
N GLY A 522 -12.91 -26.12 -3.46
CA GLY A 522 -11.47 -26.11 -3.68
C GLY A 522 -10.70 -25.56 -2.50
N ASP A 523 -11.31 -25.52 -1.32
CA ASP A 523 -10.63 -25.02 -0.14
C ASP A 523 -9.66 -26.05 0.43
N CYS A 524 -9.95 -27.34 0.24
CA CYS A 524 -9.05 -28.42 0.63
C CYS A 524 -9.08 -29.48 -0.46
N GLN A 525 -7.91 -29.81 -1.00
CA GLN A 525 -7.85 -30.69 -2.17
C GLN A 525 -8.07 -32.15 -1.79
N THR A 526 -7.36 -32.63 -0.78
CA THR A 526 -7.41 -34.02 -0.38
C THR A 526 -7.91 -34.14 1.05
N ARG A 527 -8.56 -35.27 1.34
CA ARG A 527 -9.18 -35.44 2.64
C ARG A 527 -8.18 -35.37 3.79
N GLU A 528 -6.90 -35.57 3.50
CA GLU A 528 -5.87 -35.36 4.53
C GLU A 528 -5.90 -33.92 5.02
N GLU A 529 -6.00 -32.95 4.11
CA GLU A 529 -6.03 -31.56 4.52
C GLU A 529 -7.22 -31.28 5.43
N ALA A 530 -8.40 -31.72 5.02
CA ALA A 530 -9.61 -31.45 5.82
C ALA A 530 -9.53 -32.14 7.17
N VAL A 531 -9.00 -33.36 7.22
CA VAL A 531 -8.88 -34.06 8.48
C VAL A 531 -7.90 -33.33 9.41
N ALA A 532 -6.78 -32.87 8.86
CA ALA A 532 -5.84 -32.11 9.69
C ALA A 532 -6.50 -30.85 10.23
N LEU A 533 -7.25 -30.16 9.37
CA LEU A 533 -7.95 -28.96 9.82
C LEU A 533 -8.94 -29.28 10.92
N GLY A 534 -9.68 -30.39 10.77
CA GLY A 534 -10.64 -30.76 11.79
C GLY A 534 -9.99 -31.12 13.10
N VAL A 535 -8.83 -31.77 13.04
CA VAL A 535 -8.08 -32.06 14.27
C VAL A 535 -7.70 -30.76 14.96
N GLY A 536 -7.16 -29.81 14.20
CA GLY A 536 -6.86 -28.51 14.79
C GLY A 536 -8.07 -27.90 15.46
N LEU A 537 -9.18 -27.83 14.72
CA LEU A 537 -10.39 -27.22 15.25
C LEU A 537 -10.83 -27.90 16.54
N CYS A 538 -10.80 -29.23 16.56
CA CYS A 538 -11.20 -29.95 17.75
C CYS A 538 -10.32 -29.55 18.94
N ASN A 539 -9.00 -29.53 18.75
CA ASN A 539 -8.15 -29.13 19.86
C ASN A 539 -8.31 -27.64 20.17
N ASN A 540 -8.87 -26.87 19.25
CA ASN A 540 -8.90 -25.42 19.37
C ASN A 540 -10.17 -24.90 20.05
N GLY A 541 -11.02 -25.79 20.54
CA GLY A 541 -12.20 -25.35 21.27
C GLY A 541 -13.21 -24.59 20.44
N PHE A 542 -13.32 -24.92 19.16
CA PHE A 542 -14.36 -24.37 18.30
C PHE A 542 -15.51 -25.37 18.12
N MET A 543 -15.18 -26.60 17.77
CA MET A 543 -16.16 -27.66 17.63
C MET A 543 -15.74 -28.86 18.46
N HIS A 544 -16.71 -29.73 18.71
CA HIS A 544 -16.49 -30.93 19.49
C HIS A 544 -17.54 -31.94 19.09
N HIS A 545 -17.27 -33.21 19.37
CA HIS A 545 -18.27 -34.24 19.10
C HIS A 545 -19.45 -34.08 20.04
N VAL A 546 -20.62 -34.51 19.58
CA VAL A 546 -21.82 -34.44 20.41
C VAL A 546 -21.60 -35.17 21.72
N LEU A 547 -20.75 -36.19 21.73
CA LEU A 547 -20.47 -36.95 22.94
C LEU A 547 -19.14 -36.51 23.56
N PHE A 552 -11.80 -34.31 16.81
CA PHE A 552 -12.43 -34.55 15.52
C PHE A 552 -11.99 -35.90 14.96
N ARG A 553 -12.81 -36.48 14.10
CA ARG A 553 -12.56 -37.81 13.56
C ARG A 553 -13.21 -37.93 12.19
N ASP A 554 -12.50 -38.56 11.26
CA ASP A 554 -12.93 -38.64 9.87
C ASP A 554 -13.93 -39.79 9.69
N GLU A 555 -15.09 -39.63 10.32
CA GLU A 555 -16.22 -40.50 10.06
C GLU A 555 -17.50 -39.70 10.31
N SER A 556 -18.62 -40.40 10.39
CA SER A 556 -19.93 -39.76 10.50
C SER A 556 -20.20 -39.19 11.89
N GLN A 557 -19.19 -39.07 12.75
CA GLN A 557 -19.39 -38.41 14.03
C GLN A 557 -19.89 -36.99 13.82
N TYR A 558 -20.82 -36.57 14.66
CA TYR A 558 -21.45 -35.26 14.54
C TYR A 558 -20.83 -34.29 15.53
N PHE A 559 -20.59 -33.07 15.07
CA PHE A 559 -19.95 -32.03 15.87
C PHE A 559 -20.72 -30.72 15.72
N ARG A 560 -20.85 -30.00 16.82
CA ARG A 560 -21.37 -28.64 16.84
C ARG A 560 -20.33 -27.72 17.45
N PHE A 561 -20.50 -26.42 17.24
CA PHE A 561 -19.57 -25.45 17.78
C PHE A 561 -20.00 -24.99 19.16
N HIS A 562 -19.02 -24.58 19.97
CA HIS A 562 -19.31 -24.13 21.32
C HIS A 562 -20.17 -22.87 21.31
N ALA A 563 -20.10 -22.08 20.24
CA ALA A 563 -20.94 -20.89 20.15
C ALA A 563 -22.42 -21.27 20.19
N ASP A 564 -22.80 -22.29 19.43
CA ASP A 564 -24.17 -22.78 19.51
C ASP A 564 -24.45 -23.41 20.87
N GLU A 565 -23.43 -23.96 21.53
CA GLU A 565 -23.63 -24.46 22.89
C GLU A 565 -24.08 -23.34 23.82
N GLU A 566 -23.41 -22.19 23.74
CA GLU A 566 -23.89 -21.03 24.48
C GLU A 566 -25.28 -20.62 23.99
N MET A 567 -25.52 -20.77 22.68
CA MET A 567 -26.82 -20.39 22.11
C MET A 567 -27.93 -21.30 22.62
N GLU A 568 -27.70 -22.61 22.62
CA GLU A 568 -28.78 -23.56 22.88
C GLU A 568 -28.57 -24.30 24.19
N ASN A 579 -21.56 -16.10 33.20
CA ASN A 579 -21.66 -15.42 31.91
C ASN A 579 -20.30 -14.92 31.45
N ASP A 580 -20.22 -14.57 30.16
CA ASP A 580 -18.99 -14.06 29.57
C ASP A 580 -19.19 -12.79 28.74
N PHE A 581 -20.40 -12.48 28.31
CA PHE A 581 -20.67 -11.24 27.58
C PHE A 581 -21.97 -10.66 28.10
N LYS A 582 -21.92 -9.44 28.60
CA LYS A 582 -23.02 -8.85 29.35
C LYS A 582 -22.99 -7.34 29.11
N LEU A 583 -23.64 -6.59 29.99
CA LEU A 583 -23.51 -5.15 30.06
C LEU A 583 -23.06 -4.77 31.46
N VAL A 584 -22.80 -3.49 31.65
CA VAL A 584 -22.66 -2.93 32.99
C VAL A 584 -23.66 -1.80 33.13
N GLU A 585 -23.74 -0.94 32.10
CA GLU A 585 -24.60 0.22 32.15
C GLU A 585 -24.73 0.81 30.75
N ASN A 586 -25.71 1.66 30.58
CA ASN A 586 -25.88 2.47 29.38
C ASN A 586 -25.76 3.93 29.78
N ILE A 587 -25.17 4.75 28.91
CA ILE A 587 -24.78 6.10 29.30
C ILE A 587 -24.80 7.03 28.10
N LEU A 588 -25.08 8.31 28.37
CA LEU A 588 -25.00 9.40 27.41
C LEU A 588 -23.89 10.37 27.83
N ALA A 589 -23.04 10.75 26.88
CA ALA A 589 -21.84 11.52 27.19
C ALA A 589 -21.57 12.55 26.11
N LYS A 590 -20.81 13.58 26.49
CA LYS A 590 -20.32 14.60 25.58
C LYS A 590 -18.80 14.65 25.68
N ARG A 591 -18.11 14.43 24.57
CA ARG A 591 -16.66 14.22 24.59
C ARG A 591 -15.98 15.55 24.91
N LEU A 592 -15.63 15.76 26.18
CA LEU A 592 -15.07 17.02 26.62
C LEU A 592 -13.57 17.03 26.38
N LEU A 593 -13.17 17.29 25.14
CA LEU A 593 -11.75 17.36 24.81
C LEU A 593 -11.12 18.55 25.53
N ILE A 594 -10.16 18.26 26.40
CA ILE A 594 -9.49 19.29 27.20
C ILE A 594 -8.03 19.31 26.79
N LEU A 595 -7.38 20.45 27.00
CA LEU A 595 -5.96 20.59 26.74
C LEU A 595 -5.23 21.11 27.98
N PRO A 596 -3.93 20.86 28.07
CA PRO A 596 -3.20 21.16 29.31
C PRO A 596 -3.13 22.65 29.60
N GLN A 597 -2.98 22.95 30.89
CA GLN A 597 -2.82 24.30 31.40
C GLN A 597 -1.45 24.40 32.06
N GLU A 598 -1.21 25.53 32.75
CA GLU A 598 0.11 25.77 33.29
C GLU A 598 0.51 24.68 34.28
N GLU A 599 -0.39 24.30 35.17
CA GLU A 599 -0.07 23.29 36.19
C GLU A 599 -0.85 22.00 36.03
N ASP A 600 -2.15 22.07 35.73
CA ASP A 600 -2.96 20.86 35.64
C ASP A 600 -3.73 20.81 34.32
N TYR A 601 -4.60 19.83 34.17
CA TYR A 601 -5.44 19.72 32.98
C TYR A 601 -6.74 20.50 33.09
N GLY A 602 -6.96 21.16 34.22
CA GLY A 602 -8.03 22.15 34.32
C GLY A 602 -9.08 21.86 35.37
N PHE A 603 -9.55 20.61 35.46
CA PHE A 603 -10.66 20.29 36.34
C PHE A 603 -10.28 19.12 37.23
N ASP A 604 -10.49 19.30 38.53
CA ASP A 604 -10.25 18.26 39.52
C ASP A 604 -11.43 17.30 39.53
N ILE A 605 -11.45 16.39 40.48
CA ILE A 605 -12.51 15.39 40.61
C ILE A 605 -12.66 15.01 42.08
N GLU A 606 -13.72 14.26 42.38
CA GLU A 606 -13.89 13.70 43.71
C GLU A 606 -14.89 12.56 43.62
N GLU A 607 -14.87 11.71 44.64
CA GLU A 607 -15.78 10.57 44.74
C GLU A 607 -17.08 11.02 45.38
N LYS A 608 -18.19 10.52 44.86
CA LYS A 608 -19.51 10.82 45.40
C LYS A 608 -20.45 9.70 44.98
N ASN A 609 -21.16 9.12 45.94
CA ASN A 609 -22.00 7.96 45.67
C ASN A 609 -21.17 6.83 45.07
N LYS A 610 -19.90 6.75 45.46
CA LYS A 610 -18.95 5.84 44.84
C LYS A 610 -18.99 5.98 43.32
N ALA A 611 -19.11 7.21 42.87
CA ALA A 611 -19.13 7.53 41.45
C ALA A 611 -18.22 8.73 41.23
N VAL A 612 -17.23 8.58 40.36
CA VAL A 612 -16.28 9.65 40.12
C VAL A 612 -17.03 10.88 39.65
N VAL A 613 -16.84 12.00 40.34
CA VAL A 613 -17.52 13.24 40.00
C VAL A 613 -16.56 14.41 40.11
N VAL A 614 -16.92 15.49 39.43
CA VAL A 614 -16.08 16.67 39.40
C VAL A 614 -16.07 17.35 40.75
N LYS A 615 -14.89 17.78 41.20
CA LYS A 615 -14.78 18.57 42.41
C LYS A 615 -15.16 20.03 42.13
N SER A 616 -14.39 20.69 41.27
CA SER A 616 -14.69 22.06 40.86
C SER A 616 -13.91 22.35 39.59
N VAL A 617 -14.36 23.37 38.86
CA VAL A 617 -13.72 23.80 37.62
C VAL A 617 -13.17 25.21 37.84
N GLN A 618 -11.86 25.35 37.74
CA GLN A 618 -11.22 26.62 38.06
C GLN A 618 -11.48 27.64 36.95
N ARG A 619 -11.72 28.88 37.37
CA ARG A 619 -11.98 29.96 36.43
C ARG A 619 -10.90 30.01 35.36
N GLY A 620 -11.28 30.47 34.18
CA GLY A 620 -10.34 30.61 33.09
C GLY A 620 -9.71 29.29 32.70
N SER A 621 -10.52 28.27 32.48
CA SER A 621 -10.05 26.94 32.16
C SER A 621 -10.35 26.58 30.72
N LEU A 622 -9.40 25.89 30.08
CA LEU A 622 -9.69 25.23 28.82
C LEU A 622 -10.86 24.27 28.98
N ALA A 623 -11.05 23.73 30.18
CA ALA A 623 -12.27 23.00 30.47
C ALA A 623 -13.48 23.91 30.35
N GLU A 624 -13.36 25.12 30.91
CA GLU A 624 -14.43 26.10 30.73
C GLU A 624 -14.57 26.46 29.26
N VAL A 625 -13.49 26.35 28.49
CA VAL A 625 -13.61 26.50 27.04
C VAL A 625 -14.48 25.37 26.49
N ALA A 626 -14.22 24.14 26.93
CA ALA A 626 -14.99 23.01 26.45
C ALA A 626 -16.34 22.90 27.13
N GLY A 627 -16.51 23.51 28.29
CA GLY A 627 -17.80 23.47 28.98
C GLY A 627 -17.91 22.34 29.98
N LEU A 628 -16.98 22.29 30.92
CA LEU A 628 -16.97 21.29 31.97
C LEU A 628 -17.59 21.86 33.23
N GLN A 629 -18.63 21.18 33.73
CA GLN A 629 -19.40 21.66 34.87
C GLN A 629 -18.79 21.11 36.17
N VAL A 630 -19.53 21.26 37.26
CA VAL A 630 -19.23 20.62 38.53
C VAL A 630 -20.41 19.75 38.91
N GLY A 631 -20.13 18.50 39.25
CA GLY A 631 -21.19 17.56 39.57
C GLY A 631 -21.63 16.75 38.37
N ARG A 632 -20.67 16.12 37.68
CA ARG A 632 -20.96 15.20 36.59
C ARG A 632 -20.15 13.94 36.80
N LYS A 633 -20.81 12.79 36.68
CA LYS A 633 -20.10 11.52 36.71
C LYS A 633 -19.25 11.38 35.45
N ILE A 634 -18.04 10.89 35.62
CA ILE A 634 -17.12 10.67 34.52
C ILE A 634 -17.17 9.20 34.13
N TYR A 635 -16.74 8.91 32.90
CA TYR A 635 -16.58 7.54 32.44
C TYR A 635 -15.14 7.21 32.07
N SER A 636 -14.54 7.99 31.18
CA SER A 636 -13.20 7.70 30.68
C SER A 636 -12.26 8.85 31.05
N ILE A 637 -10.97 8.55 31.09
CA ILE A 637 -9.94 9.57 31.28
C ILE A 637 -8.74 9.14 30.45
N ASN A 638 -8.52 9.82 29.32
CA ASN A 638 -7.50 9.44 28.37
C ASN A 638 -7.89 8.14 27.66
N GLU A 639 -9.18 8.03 27.34
CA GLU A 639 -9.76 6.81 26.76
C GLU A 639 -9.57 5.61 27.69
N ASP A 640 -9.24 5.86 28.95
CA ASP A 640 -8.91 4.82 29.92
C ASP A 640 -9.95 4.81 31.02
N LEU A 641 -10.68 3.70 31.15
CA LEU A 641 -11.85 3.66 32.00
C LEU A 641 -11.50 3.91 33.46
N VAL A 642 -12.43 4.52 34.18
CA VAL A 642 -12.25 4.75 35.61
C VAL A 642 -13.46 4.37 36.45
N PHE A 643 -14.65 4.17 35.88
CA PHE A 643 -15.78 3.77 36.71
C PHE A 643 -15.70 2.30 37.12
N LEU A 644 -14.73 1.56 36.59
CA LEU A 644 -14.40 0.23 37.09
C LEU A 644 -13.03 0.21 37.76
N ARG A 645 -12.66 1.30 38.40
CA ARG A 645 -11.35 1.43 39.02
C ARG A 645 -11.47 2.15 40.35
N PRO A 646 -10.51 1.96 41.25
CA PRO A 646 -10.51 2.71 42.50
C PRO A 646 -10.19 4.18 42.29
N PHE A 647 -10.62 4.98 43.26
CA PHE A 647 -10.42 6.43 43.20
C PHE A 647 -8.95 6.77 43.00
N SER A 648 -8.08 6.22 43.85
CA SER A 648 -6.66 6.52 43.73
C SER A 648 -6.14 6.07 42.36
N GLU A 649 -6.72 5.02 41.80
CA GLU A 649 -6.32 4.60 40.46
C GLU A 649 -6.67 5.66 39.42
N VAL A 650 -7.83 6.30 39.56
CA VAL A 650 -8.18 7.38 38.64
C VAL A 650 -7.21 8.54 38.80
N GLU A 651 -6.87 8.87 40.05
CA GLU A 651 -5.88 9.92 40.28
C GLU A 651 -4.56 9.57 39.60
N SER A 652 -4.15 8.31 39.67
CA SER A 652 -2.92 7.88 39.02
C SER A 652 -3.04 8.02 37.50
N ILE A 653 -4.21 7.71 36.95
CA ILE A 653 -4.40 7.89 35.51
C ILE A 653 -4.20 9.35 35.14
N LEU A 654 -4.76 10.26 35.93
CA LEU A 654 -4.58 11.68 35.66
C LEU A 654 -3.12 12.08 35.76
N ASN A 655 -2.42 11.62 36.79
CA ASN A 655 -1.02 11.99 36.94
C ASN A 655 -0.18 11.48 35.77
N GLN A 656 -0.46 10.26 35.33
CA GLN A 656 0.25 9.70 34.17
C GLN A 656 -0.01 10.54 32.94
N SER A 657 -1.27 10.92 32.70
CA SER A 657 -1.57 11.76 31.55
C SER A 657 -0.84 13.09 31.64
N PHE A 658 -0.77 13.67 32.83
CA PHE A 658 -0.04 14.93 33.01
C PHE A 658 1.42 14.78 32.64
N CYS A 659 2.09 13.79 33.24
CA CYS A 659 3.51 13.60 32.95
C CYS A 659 3.72 13.33 31.47
N SER A 660 2.80 12.60 30.84
CA SER A 660 2.85 12.37 29.41
C SER A 660 2.36 13.57 28.61
N ARG A 661 1.73 14.54 29.25
CA ARG A 661 1.20 15.72 28.56
C ARG A 661 0.40 15.29 27.33
N ARG A 662 -0.70 14.59 27.62
CA ARG A 662 -1.56 14.07 26.58
C ARG A 662 -2.79 14.96 26.41
N PRO A 663 -3.35 15.01 25.21
CA PRO A 663 -4.64 15.69 25.01
C PRO A 663 -5.80 14.79 25.46
N LEU A 664 -6.45 15.18 26.54
CA LEU A 664 -7.49 14.35 27.14
C LEU A 664 -8.65 14.17 26.17
N ARG A 665 -9.25 12.98 26.19
CA ARG A 665 -10.51 12.73 25.50
C ARG A 665 -11.45 12.09 26.51
N LEU A 666 -12.13 12.92 27.29
CA LEU A 666 -12.99 12.44 28.36
C LEU A 666 -14.39 12.15 27.85
N LEU A 667 -15.19 11.56 28.73
CA LEU A 667 -16.64 11.50 28.59
C LEU A 667 -17.23 12.05 29.89
N VAL A 668 -18.54 12.30 29.89
CA VAL A 668 -19.19 12.90 31.04
C VAL A 668 -20.62 12.40 31.15
N ALA A 669 -21.27 12.82 32.22
CA ALA A 669 -22.60 12.36 32.59
C ALA A 669 -23.60 13.50 32.58
N THR A 670 -23.62 14.27 31.50
CA THR A 670 -24.60 15.34 31.35
C THR A 670 -25.80 14.85 30.53
N LYS A 671 -26.97 15.37 30.87
CA LYS A 671 -28.24 14.85 30.37
C LYS A 671 -28.78 15.67 29.21
N ALA A 672 -29.79 15.11 28.53
CA ALA A 672 -30.36 15.70 27.34
C ALA A 672 -31.10 17.01 27.60
N LYS A 673 -31.36 17.37 28.85
CA LYS A 673 -31.95 18.67 29.19
C LYS A 673 -31.24 19.22 30.42
N GLU A 674 -31.19 20.55 30.52
CA GLU A 674 -30.55 21.18 31.65
C GLU A 674 -31.27 22.49 31.96
N ILE A 675 -31.41 22.79 33.25
CA ILE A 675 -32.04 24.01 33.72
C ILE A 675 -30.96 24.88 34.34
N ILE A 676 -30.89 26.13 33.91
CA ILE A 676 -29.79 27.03 34.26
C ILE A 676 -30.38 28.31 34.84
N LYS A 677 -29.83 28.76 35.97
CA LYS A 677 -30.20 30.01 36.61
C LYS A 677 -29.02 30.97 36.55
N ILE A 678 -29.23 32.15 35.98
CA ILE A 678 -28.17 33.11 35.71
C ILE A 678 -28.55 34.42 36.38
N PRO A 679 -27.67 35.03 37.17
CA PRO A 679 -27.95 36.39 37.67
C PRO A 679 -27.96 37.39 36.53
N ASP A 680 -28.79 38.42 36.67
CA ASP A 680 -28.99 39.40 35.62
C ASP A 680 -28.70 40.79 36.19
N GLN A 681 -27.42 41.19 36.15
CA GLN A 681 -27.09 42.56 36.49
C GLN A 681 -27.42 43.48 35.31
N PRO A 682 -27.81 44.73 35.58
CA PRO A 682 -28.19 45.62 34.47
C PRO A 682 -26.98 46.17 33.73
N ASP A 683 -26.04 45.30 33.39
CA ASP A 683 -24.75 45.71 32.87
C ASP A 683 -24.48 45.18 31.47
N THR A 684 -24.51 43.87 31.29
CA THR A 684 -24.17 43.27 30.00
C THR A 684 -24.85 41.91 29.90
N LEU A 685 -25.05 41.47 28.66
CA LEU A 685 -25.63 40.15 28.42
C LEU A 685 -24.66 39.03 28.76
N CYS A 686 -23.37 39.21 28.43
CA CYS A 686 -22.36 38.20 28.61
C CYS A 686 -22.59 36.97 27.75
N PHE A 687 -23.34 37.12 26.66
CA PHE A 687 -23.45 36.07 25.65
C PHE A 687 -24.18 36.66 24.45
N GLN A 688 -24.44 35.81 23.47
CA GLN A 688 -25.22 36.21 22.30
C GLN A 688 -26.21 35.12 21.98
N ILE A 689 -26.96 35.34 20.91
CA ILE A 689 -27.92 34.37 20.40
C ILE A 689 -28.02 34.60 18.91
N ARG A 690 -28.59 33.64 18.19
CA ARG A 690 -28.90 33.87 16.80
C ARG A 690 -29.85 32.80 16.31
N GLY A 691 -30.58 33.13 15.25
CA GLY A 691 -31.49 32.20 14.63
C GLY A 691 -32.90 32.31 15.19
N ALA A 692 -33.84 32.78 14.36
CA ALA A 692 -35.23 32.79 14.78
C ALA A 692 -35.74 31.40 15.05
N ALA A 693 -35.11 30.38 14.47
CA ALA A 693 -35.36 28.98 14.79
C ALA A 693 -34.97 28.79 16.25
N PRO A 694 -35.17 27.62 16.85
CA PRO A 694 -34.93 27.49 18.28
C PRO A 694 -33.59 28.09 18.64
N PRO A 695 -33.57 29.18 19.39
CA PRO A 695 -32.32 29.90 19.60
C PRO A 695 -31.28 29.01 20.24
N TYR A 696 -30.03 29.21 19.83
CA TYR A 696 -28.88 28.54 20.42
C TYR A 696 -27.93 29.57 20.98
N VAL A 697 -27.54 29.39 22.23
CA VAL A 697 -26.48 30.22 22.77
C VAL A 697 -25.33 30.19 21.76
N TYR A 698 -24.88 31.36 21.35
CA TYR A 698 -23.88 31.44 20.29
C TYR A 698 -22.48 31.65 20.81
N ALA A 699 -22.31 31.99 22.06
CA ALA A 699 -20.99 32.13 22.65
C ALA A 699 -21.18 32.29 24.14
N VAL A 700 -20.08 32.58 24.85
CA VAL A 700 -20.16 32.90 26.26
C VAL A 700 -18.84 33.52 26.69
N GLY A 701 -18.93 34.51 27.56
CA GLY A 701 -17.73 35.13 28.07
C GLY A 701 -16.90 34.16 28.89
N ARG A 702 -15.60 34.38 28.86
CA ARG A 702 -14.67 33.58 29.65
C ARG A 702 -14.38 34.28 30.97
N GLY A 703 -14.18 33.49 32.02
CA GLY A 703 -13.97 34.05 33.34
C GLY A 703 -15.17 34.83 33.80
N SER A 704 -16.36 34.25 33.61
CA SER A 704 -17.61 34.91 33.95
C SER A 704 -18.49 33.95 34.74
N GLU A 705 -19.55 34.51 35.33
CA GLU A 705 -20.51 33.68 36.03
C GLU A 705 -21.28 32.78 35.07
N ALA A 706 -21.34 33.13 33.78
CA ALA A 706 -21.94 32.24 32.80
C ALA A 706 -21.32 30.85 32.88
N MET A 707 -19.99 30.80 33.07
CA MET A 707 -19.35 29.53 33.43
C MET A 707 -19.88 29.03 34.76
N ALA A 708 -20.00 29.93 35.75
CA ALA A 708 -20.52 29.52 37.04
C ALA A 708 -21.94 29.00 36.91
N ALA A 709 -22.78 29.68 36.14
CA ALA A 709 -24.15 29.25 35.97
C ALA A 709 -24.27 27.95 35.18
N GLY A 710 -23.22 27.56 34.47
CA GLY A 710 -23.28 26.36 33.66
C GLY A 710 -23.67 26.66 32.24
N LEU A 711 -23.01 27.64 31.64
CA LEU A 711 -23.31 28.05 30.27
C LEU A 711 -22.19 27.60 29.35
N CYS A 712 -22.57 27.03 28.20
CA CYS A 712 -21.60 26.43 27.29
C CYS A 712 -22.05 26.68 25.86
N ALA A 713 -21.08 26.76 24.96
CA ALA A 713 -21.40 27.03 23.57
C ALA A 713 -22.38 26.01 23.04
N GLY A 714 -22.97 26.32 21.89
CA GLY A 714 -23.78 25.36 21.16
C GLY A 714 -25.08 24.97 21.81
N GLN A 715 -25.30 25.29 23.07
CA GLN A 715 -26.50 24.86 23.75
C GLN A 715 -27.72 25.50 23.11
N CYS A 716 -28.75 24.70 22.87
CA CYS A 716 -29.93 25.12 22.12
C CYS A 716 -31.08 25.38 23.10
N ILE A 717 -31.26 26.65 23.47
CA ILE A 717 -32.23 27.01 24.50
C ILE A 717 -33.62 26.63 24.03
N LEU A 718 -34.39 26.01 24.92
CA LEU A 718 -35.77 25.63 24.66
C LEU A 718 -36.77 26.47 25.43
N LYS A 719 -36.49 26.78 26.69
CA LYS A 719 -37.39 27.57 27.50
C LYS A 719 -36.59 28.33 28.55
N VAL A 720 -37.12 29.50 28.93
CA VAL A 720 -36.46 30.37 29.90
C VAL A 720 -37.53 30.88 30.86
N ASN A 721 -37.30 30.67 32.16
CA ASN A 721 -38.26 31.10 33.18
C ASN A 721 -39.67 30.64 32.84
N GLY A 722 -39.79 29.39 32.39
CA GLY A 722 -41.08 28.86 32.02
C GLY A 722 -41.70 29.53 30.82
N SER A 723 -40.91 29.86 29.80
CA SER A 723 -41.39 30.56 28.62
C SER A 723 -41.06 29.74 27.39
N ASN A 724 -42.08 29.42 26.59
CA ASN A 724 -41.88 28.68 25.36
C ASN A 724 -41.27 29.59 24.30
N VAL A 725 -40.07 29.24 23.86
CA VAL A 725 -39.33 30.08 22.92
C VAL A 725 -38.85 29.24 21.75
N MET A 726 -38.97 27.91 21.87
CA MET A 726 -38.33 27.02 20.91
C MET A 726 -38.60 27.43 19.47
N ASN A 727 -39.66 28.18 19.23
CA ASN A 727 -39.93 28.71 17.91
C ASN A 727 -39.67 30.20 17.79
N ASP A 728 -39.80 30.94 18.88
CA ASP A 728 -39.63 32.39 18.82
C ASP A 728 -38.18 32.74 18.54
N GLY A 729 -37.96 34.00 18.17
CA GLY A 729 -36.65 34.47 17.79
C GLY A 729 -35.83 34.97 18.96
N ALA A 730 -34.65 35.50 18.63
CA ALA A 730 -33.74 35.97 19.67
C ALA A 730 -34.35 37.08 20.51
N PRO A 731 -34.96 38.12 19.94
CA PRO A 731 -35.39 39.25 20.77
C PRO A 731 -36.29 38.83 21.91
N GLU A 732 -37.11 37.80 21.72
CA GLU A 732 -38.03 37.40 22.77
C GLU A 732 -37.29 37.04 24.05
N VAL A 733 -36.33 36.12 23.94
CA VAL A 733 -35.54 35.77 25.11
C VAL A 733 -34.67 36.94 25.52
N LEU A 734 -34.19 37.72 24.56
CA LEU A 734 -33.31 38.83 24.88
C LEU A 734 -33.97 39.78 25.86
N GLU A 735 -35.20 40.21 25.57
CA GLU A 735 -35.84 41.23 26.39
C GLU A 735 -36.01 40.80 27.84
N HIS A 736 -36.17 39.49 28.08
CA HIS A 736 -36.33 39.04 29.45
C HIS A 736 -35.13 39.39 30.31
N PHE A 737 -33.98 39.64 29.70
CA PHE A 737 -32.79 40.02 30.43
C PHE A 737 -32.78 41.53 30.66
N GLN A 738 -32.44 41.93 31.88
CA GLN A 738 -32.43 43.35 32.22
C GLN A 738 -31.40 44.11 31.39
N ALA A 739 -30.26 43.47 31.10
CA ALA A 739 -29.24 44.14 30.31
C ALA A 739 -29.77 44.50 28.94
N PHE A 740 -30.50 43.60 28.29
CA PHE A 740 -31.10 43.91 27.00
C PHE A 740 -32.14 45.02 27.14
N ARG A 741 -32.92 44.99 28.23
CA ARG A 741 -33.88 46.07 28.47
C ARG A 741 -33.17 47.41 28.54
N SER A 742 -32.02 47.46 29.19
CA SER A 742 -31.27 48.71 29.27
C SER A 742 -30.83 49.18 27.90
N ARG A 743 -30.32 48.26 27.08
CA ARG A 743 -29.83 48.57 25.75
C ARG A 743 -30.08 47.39 24.83
N ARG A 744 -30.43 47.69 23.58
CA ARG A 744 -30.73 46.63 22.61
C ARG A 744 -29.51 45.74 22.37
N GLU A 745 -28.46 46.31 21.80
CA GLU A 745 -27.25 45.58 21.49
C GLU A 745 -26.04 46.08 22.26
N GLU A 746 -26.13 47.23 22.92
CA GLU A 746 -24.98 47.85 23.57
C GLU A 746 -24.65 47.21 24.91
N ALA A 747 -25.20 46.03 25.21
CA ALA A 747 -24.95 45.33 26.46
C ALA A 747 -24.04 44.12 26.27
N LEU A 748 -23.25 44.09 25.21
CA LEU A 748 -22.29 43.01 24.96
C LEU A 748 -20.91 43.51 25.35
N GLY A 749 -20.59 43.40 26.64
CA GLY A 749 -19.31 43.87 27.11
C GLY A 749 -18.18 43.08 26.50
N LEU A 750 -16.99 43.67 26.55
CA LEU A 750 -15.82 43.01 25.99
C LEU A 750 -15.65 41.66 26.65
N TYR A 751 -15.50 40.62 25.84
CA TYR A 751 -15.37 39.26 26.35
C TYR A 751 -14.66 38.42 25.31
N GLN A 752 -13.70 37.63 25.75
CA GLN A 752 -13.09 36.69 24.81
C GLN A 752 -14.19 35.79 24.32
N TRP A 753 -14.60 35.98 23.07
CA TRP A 753 -15.78 35.31 22.55
C TRP A 753 -15.42 33.91 22.08
N ILE A 754 -16.16 32.93 22.56
CA ILE A 754 -15.90 31.52 22.32
C ILE A 754 -17.03 30.97 21.47
N TYR A 755 -16.69 30.30 20.38
CA TYR A 755 -17.61 30.13 19.28
C TYR A 755 -17.97 28.67 19.05
N HIS A 756 -19.17 28.49 18.51
CA HIS A 756 -19.64 27.15 18.20
C HIS A 756 -18.67 26.42 17.28
N THR A 757 -18.50 26.93 16.06
CA THR A 757 -17.63 26.30 15.08
C THR A 757 -16.55 27.29 14.66
N HIS A 758 -15.48 26.75 14.09
CA HIS A 758 -14.46 27.60 13.50
C HIS A 758 -15.06 28.54 12.46
N GLU A 759 -16.04 28.07 11.70
CA GLU A 759 -16.60 28.86 10.62
C GLU A 759 -17.02 30.24 11.09
N ASP A 760 -17.61 30.32 12.29
CA ASP A 760 -18.09 31.60 12.79
C ASP A 760 -17.11 32.25 13.74
N ALA A 761 -16.27 31.47 14.42
CA ALA A 761 -15.20 32.08 15.19
C ALA A 761 -14.35 32.98 14.31
N GLN A 762 -13.89 32.45 13.17
CA GLN A 762 -13.07 33.25 12.28
C GLN A 762 -13.83 34.45 11.75
N GLU A 763 -15.10 34.26 11.36
CA GLU A 763 -15.86 35.35 10.80
C GLU A 763 -15.98 36.50 11.80
N ALA A 764 -16.43 36.19 13.02
CA ALA A 764 -16.61 37.23 14.02
C ALA A 764 -15.28 37.88 14.38
N ARG A 765 -14.22 37.08 14.57
CA ARG A 765 -12.95 37.65 14.96
C ARG A 765 -12.42 38.60 13.90
N ALA A 766 -12.51 38.20 12.63
CA ALA A 766 -12.03 39.07 11.56
C ALA A 766 -12.88 40.34 11.46
N SER A 767 -14.22 40.19 11.50
CA SER A 767 -15.07 41.36 11.35
C SER A 767 -14.87 42.36 12.47
N GLN A 768 -14.74 41.87 13.71
CA GLN A 768 -14.55 42.78 14.84
C GLN A 768 -13.29 43.61 14.65
N GLU A 769 -12.20 42.97 14.26
CA GLU A 769 -10.96 43.68 13.99
C GLU A 769 -11.03 44.34 12.61
N PRO A 806 -31.77 38.21 42.01
CA PRO A 806 -32.07 38.63 40.64
C PRO A 806 -31.48 37.68 39.59
N MET A 807 -32.16 36.57 39.33
CA MET A 807 -31.68 35.53 38.44
C MET A 807 -32.74 35.19 37.41
N VAL A 808 -32.30 34.56 36.32
CA VAL A 808 -33.18 34.14 35.23
C VAL A 808 -32.92 32.67 34.94
N THR A 809 -33.99 31.90 34.82
CA THR A 809 -33.88 30.48 34.54
C THR A 809 -33.84 30.21 33.05
N LEU A 810 -33.08 29.19 32.66
CA LEU A 810 -32.96 28.78 31.27
C LEU A 810 -33.18 27.28 31.17
N THR A 811 -33.78 26.87 30.05
CA THR A 811 -34.03 25.46 29.77
C THR A 811 -33.33 25.12 28.46
N VAL A 812 -32.14 24.55 28.56
CA VAL A 812 -31.28 24.31 27.41
C VAL A 812 -31.40 22.84 27.02
N ASP A 813 -31.57 22.58 25.73
CA ASP A 813 -31.64 21.23 25.18
C ASP A 813 -30.34 20.96 24.43
N ASN A 814 -29.49 20.12 25.01
CA ASN A 814 -28.19 19.89 24.42
C ASN A 814 -28.31 19.17 23.09
N VAL A 815 -27.16 18.96 22.45
CA VAL A 815 -27.11 18.28 21.16
C VAL A 815 -25.65 17.89 20.92
N HIS A 816 -25.45 16.90 20.05
CA HIS A 816 -24.14 16.27 19.86
C HIS A 816 -23.68 15.58 21.15
N LEU A 817 -24.50 14.63 21.59
CA LEU A 817 -24.22 13.79 22.73
C LEU A 817 -23.87 12.37 22.28
N GLU A 818 -23.38 11.58 23.23
CA GLU A 818 -22.74 10.30 22.94
C GLU A 818 -23.33 9.22 23.84
N HIS A 819 -24.16 8.36 23.24
CA HIS A 819 -24.89 7.32 23.98
C HIS A 819 -23.95 6.18 24.36
N GLY A 820 -23.09 6.46 25.32
CA GLY A 820 -22.13 5.46 25.72
C GLY A 820 -22.81 4.20 26.22
N VAL A 821 -22.25 3.06 25.84
CA VAL A 821 -22.58 1.74 26.38
C VAL A 821 -21.31 1.20 26.99
N VAL A 822 -21.42 0.13 27.74
CA VAL A 822 -20.24 -0.61 28.18
C VAL A 822 -20.49 -2.07 27.87
N TYR A 823 -19.43 -2.85 27.93
CA TYR A 823 -19.51 -4.30 27.94
C TYR A 823 -18.51 -4.83 28.96
N GLU A 824 -18.54 -6.14 29.15
CA GLU A 824 -17.58 -6.82 30.00
C GLU A 824 -17.39 -8.23 29.46
N TYR A 825 -16.19 -8.77 29.64
CA TYR A 825 -15.98 -10.18 29.34
C TYR A 825 -14.62 -10.59 29.89
N VAL A 826 -14.46 -11.90 30.07
CA VAL A 826 -13.23 -12.48 30.57
C VAL A 826 -12.45 -13.03 29.39
N SER A 827 -11.17 -12.71 29.32
CA SER A 827 -10.39 -12.98 28.12
C SER A 827 -10.08 -14.46 27.99
N THR A 828 -9.68 -14.86 26.77
CA THR A 828 -9.16 -16.20 26.57
C THR A 828 -7.87 -16.40 27.34
N ALA A 829 -7.02 -15.36 27.40
CA ALA A 829 -5.90 -15.37 28.31
C ALA A 829 -6.33 -15.32 29.76
N GLY A 830 -7.61 -15.06 30.02
CA GLY A 830 -8.15 -14.96 31.36
C GLY A 830 -8.31 -13.54 31.85
N VAL A 831 -7.72 -12.56 31.17
CA VAL A 831 -7.72 -11.20 31.67
C VAL A 831 -9.10 -10.58 31.45
N ARG A 832 -9.33 -9.43 32.08
CA ARG A 832 -10.64 -8.81 32.20
C ARG A 832 -10.75 -7.63 31.23
N CYS A 833 -11.89 -7.52 30.56
CA CYS A 833 -12.05 -6.60 29.44
C CYS A 833 -13.32 -5.76 29.55
N HIS A 834 -13.24 -4.55 29.01
CA HIS A 834 -14.38 -3.62 28.92
C HIS A 834 -14.43 -3.07 27.51
N VAL A 835 -15.33 -3.59 26.68
CA VAL A 835 -15.47 -3.13 25.30
C VAL A 835 -16.35 -1.89 25.33
N LEU A 836 -15.75 -0.75 25.65
CA LEU A 836 -16.48 0.49 25.96
C LEU A 836 -16.98 1.16 24.69
N GLU A 837 -17.83 0.48 23.96
CA GLU A 837 -18.33 1.07 22.74
C GLU A 837 -18.91 2.46 23.05
N LYS A 838 -19.08 3.26 21.99
CA LYS A 838 -19.77 4.54 22.02
C LYS A 838 -20.40 4.76 20.66
N ILE A 839 -21.30 5.73 20.58
CA ILE A 839 -21.81 6.22 19.29
C ILE A 839 -21.86 7.74 19.39
N VAL A 840 -20.86 8.41 18.83
CA VAL A 840 -20.79 9.86 18.75
C VAL A 840 -21.40 10.30 17.44
N GLU A 841 -21.83 11.55 17.41
CA GLU A 841 -22.22 12.13 16.13
C GLU A 841 -21.14 13.10 15.66
N PRO A 842 -20.93 13.27 14.36
CA PRO A 842 -19.68 13.87 13.89
C PRO A 842 -19.57 15.31 14.39
N ARG A 843 -18.63 15.53 15.30
CA ARG A 843 -18.52 16.83 15.95
C ARG A 843 -18.39 17.94 14.93
N GLY A 844 -17.28 17.94 14.19
CA GLY A 844 -17.10 18.89 13.11
C GLY A 844 -17.73 18.40 11.82
N CYS A 845 -19.05 18.48 11.72
CA CYS A 845 -19.76 18.14 10.50
C CYS A 845 -20.22 19.35 9.70
N PHE A 846 -20.87 20.31 10.36
CA PHE A 846 -21.43 21.44 9.60
C PHE A 846 -20.35 22.23 8.90
N GLY A 847 -19.33 22.66 9.65
CA GLY A 847 -18.33 23.54 9.09
C GLY A 847 -17.71 22.97 7.82
N LEU A 848 -17.66 21.64 7.74
CA LEU A 848 -17.08 21.02 6.55
C LEU A 848 -18.00 21.13 5.35
N THR A 849 -19.29 20.89 5.52
CA THR A 849 -20.20 21.12 4.41
C THR A 849 -20.15 22.58 3.99
N ALA A 850 -20.13 23.48 4.98
CA ALA A 850 -20.06 24.90 4.68
C ALA A 850 -18.83 25.21 3.84
N LYS A 851 -17.67 24.80 4.30
CA LYS A 851 -16.44 25.19 3.63
C LYS A 851 -16.32 24.53 2.26
N ILE A 852 -16.80 23.30 2.12
CA ILE A 852 -16.75 22.68 0.80
C ILE A 852 -17.64 23.45 -0.17
N LEU A 853 -18.83 23.86 0.27
CA LEU A 853 -19.70 24.62 -0.63
C LEU A 853 -19.08 25.99 -0.93
N GLU A 854 -18.38 26.57 0.04
CA GLU A 854 -17.67 27.82 -0.20
C GLU A 854 -16.60 27.67 -1.27
N ALA A 855 -15.81 26.58 -1.19
CA ALA A 855 -14.79 26.35 -2.21
C ALA A 855 -15.42 26.14 -3.57
N PHE A 856 -16.52 25.38 -3.63
CA PHE A 856 -17.25 25.27 -4.88
C PHE A 856 -17.61 26.64 -5.42
N ALA A 857 -18.13 27.51 -4.54
CA ALA A 857 -18.55 28.82 -4.98
C ALA A 857 -17.39 29.64 -5.53
N ALA A 858 -16.26 29.67 -4.80
CA ALA A 858 -15.13 30.47 -5.24
C ALA A 858 -14.57 29.95 -6.56
N ASN A 859 -14.45 28.63 -6.69
CA ASN A 859 -13.96 28.05 -7.93
C ASN A 859 -14.88 28.40 -9.10
N ASP A 860 -16.19 28.26 -8.89
CA ASP A 860 -17.13 28.60 -9.96
C ASP A 860 -17.04 30.08 -10.31
N SER A 861 -16.86 30.93 -9.31
CA SER A 861 -16.76 32.36 -9.58
C SER A 861 -15.54 32.67 -10.43
N VAL A 862 -14.39 32.09 -10.09
CA VAL A 862 -13.19 32.33 -10.88
C VAL A 862 -13.38 31.83 -12.30
N PHE A 863 -13.95 30.64 -12.44
CA PHE A 863 -14.23 30.10 -13.76
C PHE A 863 -15.14 31.03 -14.55
N VAL A 864 -16.17 31.58 -13.90
CA VAL A 864 -17.10 32.48 -14.56
C VAL A 864 -16.38 33.73 -15.02
N GLU A 865 -15.56 34.30 -14.15
CA GLU A 865 -14.82 35.51 -14.50
C GLU A 865 -13.99 35.27 -15.76
N ASN A 866 -13.19 34.20 -15.76
CA ASN A 866 -12.31 33.97 -16.90
C ASN A 866 -13.10 33.65 -18.16
N CYS A 867 -14.13 32.83 -18.04
CA CYS A 867 -14.93 32.47 -19.22
C CYS A 867 -15.59 33.70 -19.81
N ARG A 868 -16.14 34.57 -18.96
CA ARG A 868 -16.76 35.80 -19.43
C ARG A 868 -15.74 36.66 -20.17
N ARG A 869 -14.57 36.87 -19.56
CA ARG A 869 -13.56 37.68 -20.21
C ARG A 869 -13.21 37.11 -21.58
N LEU A 870 -13.00 35.80 -21.66
CA LEU A 870 -12.60 35.20 -22.93
C LEU A 870 -13.71 35.31 -23.97
N MET A 871 -14.96 35.06 -23.57
CA MET A 871 -16.04 35.04 -24.54
C MET A 871 -16.39 36.43 -25.04
N ALA A 872 -16.22 37.45 -24.20
CA ALA A 872 -16.62 38.80 -24.60
C ALA A 872 -15.98 39.18 -25.92
N LEU A 873 -14.68 38.97 -26.07
CA LEU A 873 -13.96 39.32 -27.28
C LEU A 873 -14.29 38.34 -28.40
N PRO A 881 -25.93 33.50 -35.50
CA PRO A 881 -25.18 32.27 -35.27
C PRO A 881 -24.13 32.40 -34.17
N HIS A 882 -23.08 33.19 -34.42
CA HIS A 882 -22.04 33.38 -33.42
C HIS A 882 -22.54 34.23 -32.26
N PHE A 883 -23.25 35.32 -32.57
CA PHE A 883 -23.77 36.18 -31.50
C PHE A 883 -24.75 35.43 -30.61
N GLU A 884 -25.64 34.65 -31.21
CA GLU A 884 -26.59 33.87 -30.41
C GLU A 884 -25.88 32.76 -29.64
N PHE A 885 -24.82 32.19 -30.22
CA PHE A 885 -24.02 31.22 -29.48
C PHE A 885 -23.44 31.86 -28.23
N ARG A 886 -22.86 33.06 -28.37
CA ARG A 886 -22.30 33.74 -27.21
C ARG A 886 -23.39 34.12 -26.21
N ASN A 887 -24.58 34.47 -26.71
CA ASN A 887 -25.70 34.75 -25.82
C ASN A 887 -26.09 33.51 -25.02
N ILE A 888 -26.13 32.36 -25.69
CA ILE A 888 -26.40 31.11 -24.98
C ILE A 888 -25.34 30.86 -23.93
N CYS A 889 -24.08 31.10 -24.30
CA CYS A 889 -23.00 30.91 -23.33
C CYS A 889 -23.19 31.81 -22.13
N ASP A 890 -23.56 33.07 -22.37
CA ASP A 890 -23.76 34.00 -21.26
C ASP A 890 -24.95 33.55 -20.40
N THR A 891 -25.97 32.98 -21.03
CA THR A 891 -27.07 32.42 -20.24
C THR A 891 -26.57 31.31 -19.34
N LYS A 892 -25.72 30.43 -19.88
CA LYS A 892 -25.14 29.39 -19.06
C LYS A 892 -24.31 29.99 -17.94
N LEU A 893 -23.58 31.06 -18.23
CA LEU A 893 -22.77 31.72 -17.22
C LEU A 893 -23.63 32.32 -16.12
N GLU A 894 -24.76 32.93 -16.50
CA GLU A 894 -25.67 33.44 -15.49
C GLU A 894 -26.24 32.30 -14.65
N SER A 895 -26.50 31.16 -15.28
CA SER A 895 -26.92 29.99 -14.52
C SER A 895 -25.86 29.59 -13.52
N ILE A 896 -24.60 29.63 -13.94
CA ILE A 896 -23.50 29.30 -13.04
C ILE A 896 -23.48 30.27 -11.86
N GLY A 897 -23.62 31.56 -12.15
CA GLY A 897 -23.67 32.54 -11.08
C GLY A 897 -24.83 32.29 -10.14
N GLN A 898 -25.98 31.90 -10.69
CA GLN A 898 -27.12 31.57 -9.85
C GLN A 898 -26.81 30.38 -8.95
N ARG A 899 -26.14 29.37 -9.50
CA ARG A 899 -25.72 28.26 -8.67
C ARG A 899 -24.78 28.73 -7.59
N ILE A 900 -23.93 29.70 -7.90
CA ILE A 900 -23.02 30.25 -6.92
C ILE A 900 -23.80 30.93 -5.80
N ALA A 901 -24.83 31.70 -6.17
CA ALA A 901 -25.65 32.37 -5.17
C ALA A 901 -26.38 31.35 -4.31
N CYS A 902 -26.88 30.29 -4.92
CA CYS A 902 -27.53 29.23 -4.16
C CYS A 902 -26.54 28.59 -3.19
N TYR A 903 -25.31 28.37 -3.66
CA TYR A 903 -24.30 27.82 -2.76
C TYR A 903 -24.06 28.75 -1.59
N GLN A 904 -23.99 30.05 -1.85
CA GLN A 904 -23.75 31.00 -0.76
C GLN A 904 -24.91 31.01 0.22
N GLU A 905 -26.15 30.96 -0.28
CA GLU A 905 -27.30 30.89 0.60
C GLU A 905 -27.29 29.63 1.44
N PHE A 906 -26.92 28.51 0.83
CA PHE A 906 -26.79 27.27 1.58
C PHE A 906 -25.71 27.39 2.64
N ALA A 907 -24.62 28.09 2.32
CA ALA A 907 -23.59 28.31 3.32
C ALA A 907 -24.15 29.08 4.50
N ALA A 908 -24.92 30.14 4.22
CA ALA A 908 -25.51 30.90 5.31
C ALA A 908 -26.42 30.03 6.17
N GLN A 909 -27.33 29.30 5.53
CA GLN A 909 -28.22 28.43 6.29
C GLN A 909 -27.44 27.47 7.16
N LEU A 910 -26.49 26.74 6.56
CA LEU A 910 -25.77 25.72 7.30
C LEU A 910 -24.89 26.33 8.37
N LYS A 911 -24.58 27.62 8.26
CA LYS A 911 -24.01 28.31 9.40
C LYS A 911 -25.05 28.51 10.49
N SER A 912 -26.31 28.75 10.09
CA SER A 912 -27.34 29.03 11.08
C SER A 912 -27.70 27.80 11.91
N ARG A 913 -27.96 26.67 11.27
CA ARG A 913 -28.51 25.52 11.96
C ARG A 913 -27.55 24.98 13.02
N VAL A 914 -28.10 24.59 14.16
CA VAL A 914 -27.35 23.89 15.19
C VAL A 914 -28.05 22.58 15.54
N SER A 915 -29.42 22.65 15.68
CA SER A 915 -30.20 21.46 16.01
C SER A 915 -31.07 21.04 14.83
N PRO A 916 -31.40 19.74 14.73
CA PRO A 916 -30.92 18.61 15.54
C PRO A 916 -29.49 18.26 15.13
N PRO A 917 -28.80 17.34 15.80
CA PRO A 917 -27.39 17.11 15.47
C PRO A 917 -27.15 16.49 14.11
N PHE A 918 -28.19 16.01 13.44
CA PHE A 918 -28.00 15.26 12.20
C PHE A 918 -29.18 15.53 11.28
N LYS A 919 -28.96 15.23 10.00
CA LYS A 919 -29.98 15.39 8.97
C LYS A 919 -30.95 14.22 9.05
N GLN A 920 -32.20 14.49 9.36
CA GLN A 920 -33.21 13.44 9.30
C GLN A 920 -33.36 12.95 7.87
N ALA A 921 -33.50 11.64 7.72
CA ALA A 921 -33.71 11.10 6.39
C ALA A 921 -34.96 11.72 5.79
N PRO A 922 -34.91 12.25 4.58
CA PRO A 922 -36.11 12.83 3.99
C PRO A 922 -37.21 11.79 3.84
N LEU A 923 -38.45 12.25 4.05
CA LEU A 923 -39.63 11.47 3.72
C LEU A 923 -40.47 12.12 2.63
N GLU A 924 -40.14 13.34 2.25
CA GLU A 924 -40.91 14.13 1.30
C GLU A 924 -39.96 14.92 0.42
N PRO A 925 -40.36 15.25 -0.80
CA PRO A 925 -39.55 16.12 -1.65
C PRO A 925 -39.70 17.59 -1.27
N HIS A 926 -38.72 18.37 -1.67
CA HIS A 926 -38.79 19.82 -1.52
C HIS A 926 -37.57 20.42 -2.22
N PRO A 927 -37.58 21.73 -2.46
CA PRO A 927 -36.44 22.37 -3.10
C PRO A 927 -35.16 22.17 -2.31
N LEU A 928 -34.06 22.60 -2.90
CA LEU A 928 -32.76 22.42 -2.29
C LEU A 928 -32.65 23.25 -1.03
N CYS A 929 -31.73 22.84 -0.15
CA CYS A 929 -31.57 23.51 1.13
C CYS A 929 -30.25 23.05 1.73
N GLY A 930 -29.74 23.84 2.66
CA GLY A 930 -28.44 23.53 3.22
C GLY A 930 -28.38 22.17 3.85
N LEU A 931 -29.46 21.76 4.52
CA LEU A 931 -29.49 20.44 5.12
C LEU A 931 -29.29 19.34 4.09
N ASP A 932 -29.51 19.63 2.81
CA ASP A 932 -29.39 18.62 1.77
C ASP A 932 -27.95 18.21 1.51
N PHE A 933 -26.97 18.90 2.07
CA PHE A 933 -25.57 18.61 1.80
C PHE A 933 -24.79 18.17 3.04
N CYS A 934 -25.42 18.08 4.19
CA CYS A 934 -24.80 17.37 5.28
C CYS A 934 -24.99 15.87 5.07
N PRO A 935 -24.14 15.04 5.66
CA PRO A 935 -24.31 13.59 5.50
C PRO A 935 -25.63 13.11 6.10
N THR A 936 -26.25 12.12 5.45
CA THR A 936 -27.55 11.61 5.88
C THR A 936 -27.34 10.58 6.98
N ASN A 937 -27.69 10.94 8.21
CA ASN A 937 -27.59 10.03 9.34
C ASN A 937 -26.16 9.51 9.49
N CYS A 938 -25.24 10.43 9.75
CA CYS A 938 -23.87 10.07 10.03
C CYS A 938 -23.71 9.70 11.50
N HIS A 939 -22.79 8.79 11.77
CA HIS A 939 -22.48 8.40 13.14
C HIS A 939 -21.09 7.79 13.17
N ILE A 940 -20.53 7.68 14.36
CA ILE A 940 -19.22 7.06 14.50
C ILE A 940 -19.24 5.98 15.58
N ASN A 941 -19.42 4.71 15.19
CA ASN A 941 -19.46 3.61 16.16
C ASN A 941 -18.04 3.29 16.56
N LEU A 942 -17.62 3.80 17.70
CA LEU A 942 -16.25 3.61 18.16
C LEU A 942 -16.11 2.20 18.76
N MET A 943 -14.99 1.98 19.43
CA MET A 943 -14.79 0.85 20.31
C MET A 943 -13.62 1.24 21.19
N GLU A 944 -13.34 0.44 22.19
CA GLU A 944 -12.11 0.53 22.94
C GLU A 944 -11.72 -0.87 23.40
N VAL A 945 -10.79 -0.91 24.34
CA VAL A 945 -10.47 -2.09 25.15
C VAL A 945 -9.75 -1.59 26.39
N SER A 946 -9.77 -2.37 27.46
CA SER A 946 -8.94 -2.04 28.62
C SER A 946 -8.64 -3.32 29.39
N TYR A 947 -7.46 -3.88 29.17
CA TYR A 947 -6.96 -4.98 29.97
C TYR A 947 -5.45 -4.87 30.07
N PRO A 948 -4.89 -5.03 31.27
CA PRO A 948 -3.45 -4.84 31.42
C PRO A 948 -2.64 -5.83 30.58
N LYS A 949 -1.46 -5.37 30.17
CA LYS A 949 -0.53 -6.20 29.42
C LYS A 949 -0.17 -7.43 30.24
N LEU A 978 -0.28 1.58 39.76
CA LEU A 978 -0.91 1.28 38.48
C LEU A 978 -0.10 0.26 37.71
N ASN A 979 -0.74 -0.37 36.74
CA ASN A 979 -0.14 -1.39 35.90
C ASN A 979 -0.40 -1.05 34.45
N PRO A 980 0.43 -1.55 33.53
CA PRO A 980 0.27 -1.20 32.12
C PRO A 980 -1.09 -1.64 31.59
N MET A 981 -1.47 -1.07 30.45
CA MET A 981 -2.73 -1.38 29.80
C MET A 981 -2.57 -1.25 28.29
N SER A 982 -3.44 -1.93 27.55
CA SER A 982 -3.52 -1.81 26.11
C SER A 982 -4.75 -1.01 25.73
N TYR A 983 -4.85 -0.65 24.45
CA TYR A 983 -5.98 0.09 23.94
C TYR A 983 -6.13 -0.20 22.45
N THR A 984 -7.15 0.40 21.85
CA THR A 984 -7.32 0.36 20.41
C THR A 984 -8.49 1.25 20.02
N GLN A 985 -8.84 1.20 18.75
CA GLN A 985 -10.09 1.70 18.23
C GLN A 985 -10.38 0.97 16.95
N HIS A 986 -11.64 0.99 16.52
CA HIS A 986 -11.98 0.63 15.15
C HIS A 986 -13.24 1.41 14.79
N CYS A 987 -13.05 2.59 14.25
CA CYS A 987 -14.20 3.38 13.83
C CYS A 987 -14.99 2.64 12.78
N ILE A 988 -16.31 2.79 12.81
CA ILE A 988 -17.13 2.35 11.69
C ILE A 988 -18.24 3.36 11.48
N THR A 989 -18.10 4.21 10.47
CA THR A 989 -19.11 5.23 10.21
C THR A 989 -20.29 4.64 9.47
N THR A 990 -21.40 5.38 9.48
CA THR A 990 -22.64 4.95 8.87
C THR A 990 -23.23 6.10 8.08
N MET A 991 -23.94 5.78 7.01
CA MET A 991 -24.58 6.84 6.23
C MET A 991 -25.48 6.22 5.19
N ALA A 992 -26.62 6.85 4.95
CA ALA A 992 -27.59 6.32 4.00
C ALA A 992 -27.01 6.35 2.59
N ALA A 993 -27.78 5.81 1.66
CA ALA A 993 -27.39 5.83 0.27
C ALA A 993 -27.31 7.28 -0.22
N PRO A 994 -26.55 7.56 -1.27
CA PRO A 994 -26.53 8.93 -1.77
C PRO A 994 -27.93 9.44 -2.03
N SER A 995 -28.34 10.45 -1.27
CA SER A 995 -29.72 10.89 -1.22
C SER A 995 -29.91 12.14 -2.08
N TRP A 996 -30.81 12.07 -3.05
CA TRP A 996 -31.15 13.26 -3.83
C TRP A 996 -32.50 13.10 -4.48
N LYS A 997 -33.41 14.05 -4.20
CA LYS A 997 -34.69 14.16 -4.87
C LYS A 997 -35.17 15.60 -4.70
N CYS A 998 -35.61 16.22 -5.79
CA CYS A 998 -36.14 17.58 -5.71
C CYS A 998 -37.03 17.90 -6.90
N GLN A 1036 -23.66 10.29 -19.93
CA GLN A 1036 -22.34 9.84 -19.49
C GLN A 1036 -21.30 10.12 -20.56
N GLU A 1037 -21.61 9.73 -21.81
CA GLU A 1037 -20.67 9.92 -22.91
C GLU A 1037 -20.23 11.37 -22.99
N ASP A 1038 -21.18 12.30 -22.97
CA ASP A 1038 -20.82 13.71 -22.90
C ASP A 1038 -20.08 14.01 -21.61
N ARG A 1039 -20.46 13.33 -20.52
CA ARG A 1039 -19.79 13.56 -19.25
C ARG A 1039 -18.34 13.11 -19.29
N GLU A 1040 -18.07 11.94 -19.86
CA GLU A 1040 -16.68 11.52 -19.98
C GLU A 1040 -15.92 12.41 -20.95
N ILE A 1041 -16.58 12.94 -21.98
CA ILE A 1041 -15.94 13.91 -22.85
C ILE A 1041 -15.52 15.14 -22.03
N GLN A 1042 -16.43 15.62 -21.20
CA GLN A 1042 -16.12 16.79 -20.37
C GLN A 1042 -14.98 16.50 -19.42
N ASP A 1043 -14.95 15.30 -18.83
CA ASP A 1043 -13.86 14.93 -17.95
C ASP A 1043 -12.54 14.87 -18.71
N ALA A 1044 -12.58 14.36 -19.94
CA ALA A 1044 -11.38 14.34 -20.77
C ALA A 1044 -10.88 15.75 -21.01
N TYR A 1045 -11.80 16.68 -21.30
CA TYR A 1045 -11.40 18.08 -21.45
C TYR A 1045 -10.79 18.62 -20.16
N LEU A 1046 -11.42 18.33 -19.02
CA LEU A 1046 -10.89 18.78 -17.74
C LEU A 1046 -9.46 18.31 -17.55
N GLN A 1047 -9.24 17.01 -17.75
CA GLN A 1047 -7.91 16.45 -17.52
C GLN A 1047 -6.91 17.03 -18.50
N LEU A 1048 -7.30 17.19 -19.76
CA LEU A 1048 -6.38 17.75 -20.74
C LEU A 1048 -5.99 19.16 -20.35
N PHE A 1049 -6.95 19.97 -19.93
CA PHE A 1049 -6.63 21.33 -19.51
C PHE A 1049 -5.68 21.32 -18.33
N THR A 1050 -5.97 20.48 -17.34
CA THR A 1050 -5.12 20.43 -16.15
C THR A 1050 -3.70 20.05 -16.52
N LYS A 1051 -3.55 19.00 -17.32
CA LYS A 1051 -2.23 18.57 -17.74
C LYS A 1051 -1.51 19.68 -18.49
N LEU A 1052 -2.22 20.34 -19.41
CA LEU A 1052 -1.58 21.37 -20.21
C LEU A 1052 -1.09 22.51 -19.34
N ASP A 1053 -1.92 22.97 -18.41
CA ASP A 1053 -1.51 24.09 -17.57
C ASP A 1053 -0.34 23.70 -16.68
N VAL A 1054 -0.39 22.51 -16.08
CA VAL A 1054 0.72 22.10 -15.22
C VAL A 1054 1.99 21.98 -16.05
N ALA A 1055 1.88 21.45 -17.26
CA ALA A 1055 3.04 21.31 -18.12
C ALA A 1055 3.62 22.68 -18.47
N LEU A 1056 2.75 23.65 -18.74
CA LEU A 1056 3.23 25.00 -19.02
C LEU A 1056 3.98 25.56 -17.81
N LYS A 1057 3.44 25.36 -16.62
CA LYS A 1057 4.09 25.86 -15.41
C LYS A 1057 5.47 25.25 -15.25
N GLU A 1058 5.56 23.92 -15.33
CA GLU A 1058 6.84 23.27 -15.13
C GLU A 1058 7.81 23.60 -16.25
N MET A 1059 7.31 23.77 -17.48
CA MET A 1059 8.17 24.17 -18.58
C MET A 1059 8.75 25.55 -18.33
N LYS A 1060 7.95 26.47 -17.81
CA LYS A 1060 8.47 27.78 -17.45
C LYS A 1060 9.54 27.68 -16.38
N GLN A 1061 9.29 26.86 -15.36
CA GLN A 1061 10.28 26.67 -14.30
C GLN A 1061 11.60 26.17 -14.89
N TYR A 1062 11.52 25.15 -15.75
CA TYR A 1062 12.73 24.58 -16.33
C TYR A 1062 13.39 25.55 -17.29
N VAL A 1063 12.61 26.39 -17.96
CA VAL A 1063 13.20 27.42 -18.81
C VAL A 1063 14.01 28.40 -17.97
N THR A 1064 13.49 28.76 -16.79
CA THR A 1064 14.26 29.60 -15.90
C THR A 1064 15.54 28.89 -15.46
N GLN A 1065 15.44 27.59 -15.15
CA GLN A 1065 16.61 26.83 -14.77
C GLN A 1065 17.68 26.86 -15.87
N ILE A 1066 17.26 26.63 -17.11
CA ILE A 1066 18.22 26.58 -18.22
C ILE A 1066 18.76 27.96 -18.53
N ASN A 1067 17.96 29.02 -18.38
CA ASN A 1067 18.49 30.36 -18.58
C ASN A 1067 19.53 30.69 -17.53
N ARG A 1068 19.29 30.29 -16.28
CA ARG A 1068 20.32 30.44 -15.25
C ARG A 1068 21.58 29.66 -15.61
N LEU A 1069 21.39 28.45 -16.15
CA LEU A 1069 22.53 27.66 -16.59
C LEU A 1069 23.30 28.37 -17.70
N LEU A 1070 22.58 28.98 -18.64
CA LEU A 1070 23.23 29.73 -19.71
C LEU A 1070 24.02 30.90 -19.15
N SER A 1071 23.43 31.61 -18.20
CA SER A 1071 24.17 32.66 -17.52
C SER A 1071 25.45 32.11 -16.92
N THR A 1072 25.37 30.94 -16.28
CA THR A 1072 26.56 30.31 -15.72
C THR A 1072 27.55 29.93 -16.82
N ILE A 1073 27.05 29.63 -18.02
CA ILE A 1073 27.91 29.30 -19.15
C ILE A 1073 28.73 30.51 -19.59
N THR A 1074 28.27 31.71 -19.25
CA THR A 1074 28.98 32.94 -19.59
C THR A 1074 30.41 32.90 -19.03
N ILE A 1176 36.06 27.20 -22.11
CA ILE A 1176 35.66 26.38 -20.98
C ILE A 1176 35.73 24.90 -21.37
N PRO A 1177 35.80 24.01 -20.39
CA PRO A 1177 35.88 22.58 -20.71
C PRO A 1177 34.69 22.14 -21.55
N SER A 1178 34.98 21.29 -22.54
CA SER A 1178 33.93 20.84 -23.45
C SER A 1178 32.83 20.08 -22.74
N ASP A 1179 33.12 19.50 -21.57
CA ASP A 1179 32.07 18.82 -20.82
C ASP A 1179 30.92 19.76 -20.52
N LYS A 1180 31.23 21.04 -20.30
CA LYS A 1180 30.18 22.02 -20.10
C LYS A 1180 29.32 22.17 -21.35
N GLN A 1181 29.96 22.24 -22.52
CA GLN A 1181 29.19 22.30 -23.77
C GLN A 1181 28.32 21.08 -23.92
N ASP A 1182 28.84 19.91 -23.57
CA ASP A 1182 28.08 18.68 -23.72
C ASP A 1182 26.90 18.62 -22.75
N LYS A 1183 27.11 19.06 -21.52
CA LYS A 1183 26.03 19.11 -20.55
C LYS A 1183 24.94 20.07 -21.02
N LEU A 1184 25.34 21.22 -21.56
CA LEU A 1184 24.36 22.14 -22.12
C LEU A 1184 23.62 21.49 -23.29
N HIS A 1185 24.34 20.74 -24.12
CA HIS A 1185 23.71 20.05 -25.24
C HIS A 1185 22.63 19.08 -24.74
N GLY A 1186 22.96 18.29 -23.73
CA GLY A 1186 21.98 17.37 -23.18
C GLY A 1186 20.79 18.09 -22.58
N CYS A 1187 21.04 19.19 -21.86
CA CYS A 1187 19.94 19.94 -21.28
C CYS A 1187 19.02 20.48 -22.36
N LEU A 1188 19.61 21.03 -23.43
CA LEU A 1188 18.81 21.54 -24.53
C LEU A 1188 18.00 20.43 -25.18
N GLU A 1189 18.60 19.25 -25.32
CA GLU A 1189 17.87 18.11 -25.86
C GLU A 1189 16.68 17.78 -24.96
N HIS A 1190 16.88 17.83 -23.64
CA HIS A 1190 15.76 17.59 -22.74
C HIS A 1190 14.67 18.63 -22.92
N LEU A 1191 15.06 19.89 -23.06
CA LEU A 1191 14.08 20.94 -23.29
C LEU A 1191 13.27 20.63 -24.54
N PHE A 1192 13.96 20.27 -25.62
CA PHE A 1192 13.25 19.97 -26.86
C PHE A 1192 12.33 18.77 -26.70
N ASN A 1193 12.76 17.77 -25.93
CA ASN A 1193 11.92 16.61 -25.71
C ASN A 1193 10.64 17.00 -24.98
N GLN A 1194 10.76 17.80 -23.92
CA GLN A 1194 9.57 18.23 -23.20
C GLN A 1194 8.68 19.07 -24.09
N VAL A 1195 9.29 19.90 -24.94
CA VAL A 1195 8.52 20.69 -25.89
C VAL A 1195 7.71 19.79 -26.80
N ASP A 1196 8.35 18.75 -27.34
CA ASP A 1196 7.65 17.83 -28.22
C ASP A 1196 6.51 17.13 -27.49
N SER A 1197 6.77 16.72 -26.25
CA SER A 1197 5.71 16.11 -25.44
C SER A 1197 4.51 17.03 -25.33
N ILE A 1198 4.76 18.30 -24.99
CA ILE A 1198 3.68 19.25 -24.84
C ILE A 1198 2.95 19.44 -26.16
N ASN A 1199 3.70 19.49 -27.26
CA ASN A 1199 3.08 19.63 -28.56
C ASN A 1199 2.13 18.48 -28.84
N ALA A 1200 2.58 17.26 -28.58
CA ALA A 1200 1.70 16.11 -28.78
C ALA A 1200 0.47 16.21 -27.90
N LEU A 1201 0.67 16.55 -26.63
CA LEU A 1201 -0.47 16.70 -25.73
C LEU A 1201 -1.47 17.69 -26.29
N LEU A 1202 -0.97 18.79 -26.86
CA LEU A 1202 -1.85 19.74 -27.52
C LEU A 1202 -2.56 19.10 -28.70
N LYS A 1203 -1.86 18.26 -29.45
CA LYS A 1203 -2.39 17.67 -30.66
C LYS A 1203 -3.33 16.50 -30.39
N GLY A 1204 -3.59 16.16 -29.13
CA GLY A 1204 -4.43 15.04 -28.81
C GLY A 1204 -5.83 15.17 -29.39
N PRO A 1205 -6.49 14.04 -29.63
CA PRO A 1205 -7.82 14.10 -30.27
C PRO A 1205 -8.82 14.92 -29.48
N VAL A 1206 -8.65 15.00 -28.17
CA VAL A 1206 -9.51 15.87 -27.36
C VAL A 1206 -9.45 17.29 -27.88
N MET A 1207 -8.24 17.79 -28.14
CA MET A 1207 -8.10 19.13 -28.67
C MET A 1207 -8.71 19.26 -30.05
N SER A 1208 -8.58 18.23 -30.89
CA SER A 1208 -9.16 18.29 -32.23
C SER A 1208 -10.67 18.43 -32.15
N ARG A 1209 -11.31 17.60 -31.32
CA ARG A 1209 -12.75 17.71 -31.15
C ARG A 1209 -13.13 19.08 -30.58
N ALA A 1210 -12.34 19.57 -29.63
CA ALA A 1210 -12.60 20.91 -29.10
C ALA A 1210 -12.61 21.94 -30.21
N PHE A 1211 -11.56 21.95 -31.03
CA PHE A 1211 -11.50 22.89 -32.14
C PHE A 1211 -12.72 22.75 -33.04
N GLU A 1212 -13.12 21.50 -33.31
CA GLU A 1212 -14.33 21.29 -34.11
C GLU A 1212 -15.54 21.93 -33.45
N GLU A 1213 -15.60 21.89 -32.11
CA GLU A 1213 -16.70 22.53 -31.40
C GLU A 1213 -16.60 24.05 -31.45
N THR A 1214 -15.38 24.58 -31.48
CA THR A 1214 -15.17 26.02 -31.46
C THR A 1214 -15.17 26.64 -32.85
N LYS A 1215 -15.47 25.85 -33.88
CA LYS A 1215 -15.44 26.36 -35.25
C LYS A 1215 -16.48 27.45 -35.50
N HIS A 1216 -17.49 27.57 -34.65
CA HIS A 1216 -18.49 28.63 -34.75
C HIS A 1216 -18.11 29.85 -33.92
N PHE A 1217 -16.82 30.10 -33.74
CA PHE A 1217 -16.35 31.24 -32.97
C PHE A 1217 -15.04 31.72 -33.60
N PRO A 1218 -14.88 33.02 -33.81
CA PRO A 1218 -13.62 33.50 -34.40
C PRO A 1218 -12.43 33.20 -33.51
N MET A 1219 -11.31 32.86 -34.13
CA MET A 1219 -10.08 32.60 -33.39
C MET A 1219 -8.90 32.77 -34.33
N ASN A 1220 -7.76 33.14 -33.76
CA ASN A 1220 -6.56 33.41 -34.54
C ASN A 1220 -5.75 32.16 -34.84
N HIS A 1221 -6.24 30.98 -34.46
CA HIS A 1221 -5.57 29.73 -34.78
C HIS A 1221 -6.62 28.68 -35.13
N SER A 1222 -6.28 27.81 -36.07
CA SER A 1222 -7.13 26.74 -36.53
C SER A 1222 -6.41 25.41 -36.36
N LEU A 1223 -7.21 24.34 -36.32
CA LEU A 1223 -6.63 23.00 -36.17
C LEU A 1223 -5.57 22.75 -37.23
N GLN A 1224 -5.87 23.06 -38.48
CA GLN A 1224 -4.89 22.91 -39.54
C GLN A 1224 -3.71 23.85 -39.33
N GLU A 1225 -3.96 25.07 -38.85
CA GLU A 1225 -2.86 25.97 -38.57
C GLU A 1225 -1.96 25.42 -37.48
N PHE A 1226 -2.54 24.89 -36.41
CA PHE A 1226 -1.72 24.30 -35.36
C PHE A 1226 -0.95 23.09 -35.88
N LYS A 1227 -1.58 22.26 -36.71
CA LYS A 1227 -0.87 21.11 -37.24
C LYS A 1227 0.31 21.53 -38.10
N GLN A 1228 0.11 22.53 -38.97
CA GLN A 1228 1.22 23.02 -39.79
C GLN A 1228 2.23 23.82 -38.97
N LYS A 1229 1.88 24.23 -37.75
CA LYS A 1229 2.87 24.83 -36.87
C LYS A 1229 3.96 23.84 -36.48
N GLU A 1230 3.77 22.54 -36.73
CA GLU A 1230 4.81 21.57 -36.46
C GLU A 1230 6.05 21.85 -37.29
N GLU A 1231 5.86 22.19 -38.58
CA GLU A 1231 7.00 22.57 -39.40
C GLU A 1231 7.69 23.81 -38.85
N CYS A 1232 6.90 24.78 -38.38
CA CYS A 1232 7.49 25.99 -37.79
C CYS A 1232 8.29 25.65 -36.54
N THR A 1233 7.78 24.74 -35.72
CA THR A 1233 8.51 24.34 -34.52
C THR A 1233 9.81 23.62 -34.87
N ILE A 1234 9.77 22.76 -35.89
CA ILE A 1234 10.99 22.12 -36.35
C ILE A 1234 11.98 23.16 -36.85
N ARG A 1235 11.46 24.17 -37.54
CA ARG A 1235 12.33 25.25 -37.99
C ARG A 1235 12.94 26.00 -36.81
N GLY A 1236 12.16 26.25 -35.76
CA GLY A 1236 12.71 26.91 -34.59
C GLY A 1236 13.78 26.10 -33.91
N ARG A 1237 13.56 24.79 -33.79
CA ARG A 1237 14.59 23.92 -33.23
C ARG A 1237 15.85 23.94 -34.08
N SER A 1238 15.69 23.88 -35.41
CA SER A 1238 16.86 23.92 -36.28
C SER A 1238 17.56 25.28 -36.19
N LEU A 1239 16.79 26.35 -36.00
CA LEU A 1239 17.40 27.66 -35.80
C LEU A 1239 18.19 27.71 -34.51
N ILE A 1240 17.68 27.06 -33.46
CA ILE A 1240 18.43 26.96 -32.22
C ILE A 1240 19.73 26.20 -32.45
N GLN A 1241 19.66 25.12 -33.24
CA GLN A 1241 20.87 24.38 -33.58
C GLN A 1241 21.86 25.27 -34.34
N ILE A 1242 21.35 26.07 -35.27
CA ILE A 1242 22.20 26.99 -36.02
C ILE A 1242 22.85 27.99 -35.07
N SER A 1243 22.08 28.48 -34.10
CA SER A 1243 22.62 29.44 -33.14
C SER A 1243 23.75 28.83 -32.34
N ILE A 1244 23.54 27.62 -31.81
CA ILE A 1244 24.58 26.99 -31.03
C ILE A 1244 25.80 26.72 -31.89
N GLN A 1245 25.60 26.35 -33.16
CA GLN A 1245 26.73 26.16 -34.06
C GLN A 1245 27.49 27.46 -34.27
N GLU A 1246 26.77 28.57 -34.43
CA GLU A 1246 27.38 29.85 -34.75
C GLU A 1246 27.76 30.63 -33.48
N ASP A 1247 26.79 30.88 -32.61
CA ASP A 1247 27.07 31.59 -31.37
C ASP A 1247 26.10 31.15 -30.28
N PRO A 1248 26.58 30.67 -29.14
CA PRO A 1248 25.66 30.35 -28.03
C PRO A 1248 24.89 31.55 -27.51
N TRP A 1249 25.34 32.77 -27.79
CA TRP A 1249 24.65 33.95 -27.29
C TRP A 1249 23.37 34.25 -28.05
N ASN A 1250 23.17 33.67 -29.24
CA ASN A 1250 21.87 33.75 -29.90
C ASN A 1250 20.90 32.71 -29.38
N LEU A 1251 21.39 31.71 -28.65
CA LEU A 1251 20.53 30.63 -28.15
C LEU A 1251 19.48 31.13 -27.17
N PRO A 1252 19.81 31.91 -26.14
CA PRO A 1252 18.76 32.28 -25.16
C PRO A 1252 17.57 32.98 -25.79
N ASN A 1253 17.82 33.81 -26.80
CA ASN A 1253 16.73 34.51 -27.47
C ASN A 1253 15.80 33.52 -28.17
N SER A 1254 16.37 32.53 -28.86
CA SER A 1254 15.54 31.51 -29.48
C SER A 1254 14.78 30.72 -28.42
N ILE A 1255 15.42 30.48 -27.27
CA ILE A 1255 14.74 29.77 -26.19
C ILE A 1255 13.49 30.52 -25.78
N LYS A 1256 13.63 31.82 -25.51
CA LYS A 1256 12.46 32.60 -25.11
C LYS A 1256 11.44 32.65 -26.24
N THR A 1257 11.90 32.79 -27.48
CA THR A 1257 10.99 32.86 -28.61
C THR A 1257 10.12 31.62 -28.66
N LEU A 1258 10.74 30.44 -28.68
CA LEU A 1258 9.97 29.21 -28.77
C LEU A 1258 9.10 29.01 -27.54
N VAL A 1259 9.63 29.29 -26.35
CA VAL A 1259 8.86 29.10 -25.12
C VAL A 1259 7.58 29.91 -25.19
N ASP A 1260 7.69 31.18 -25.57
CA ASP A 1260 6.53 32.06 -25.56
C ASP A 1260 5.58 31.75 -26.71
N ASN A 1261 6.11 31.38 -27.87
CA ASN A 1261 5.22 30.99 -28.98
C ASN A 1261 4.40 29.78 -28.59
N ILE A 1262 5.03 28.78 -28.00
CA ILE A 1262 4.32 27.60 -27.58
C ILE A 1262 3.36 27.93 -26.45
N GLN A 1263 3.72 28.89 -25.60
CA GLN A 1263 2.81 29.35 -24.58
C GLN A 1263 1.54 29.93 -25.21
N ARG A 1264 1.72 30.73 -26.27
CA ARG A 1264 0.56 31.26 -26.99
C ARG A 1264 -0.28 30.14 -27.57
N TYR A 1265 0.38 29.13 -28.14
CA TYR A 1265 -0.36 27.97 -28.62
C TYR A 1265 -1.17 27.35 -27.49
N VAL A 1266 -0.56 27.24 -26.32
CA VAL A 1266 -1.22 26.64 -25.16
C VAL A 1266 -2.46 27.44 -24.78
N GLU A 1267 -2.32 28.77 -24.74
CA GLU A 1267 -3.45 29.60 -24.37
C GLU A 1267 -4.59 29.47 -25.37
N ASP A 1268 -4.27 29.46 -26.67
CA ASP A 1268 -5.29 29.19 -27.67
C ASP A 1268 -5.99 27.88 -27.36
N GLY A 1269 -5.20 26.83 -27.10
CA GLY A 1269 -5.80 25.52 -26.88
C GLY A 1269 -6.74 25.51 -25.69
N LYS A 1270 -6.31 26.10 -24.57
CA LYS A 1270 -7.17 26.07 -23.38
C LYS A 1270 -8.38 26.96 -23.57
N ASN A 1271 -8.26 28.05 -24.33
CA ASN A 1271 -9.43 28.83 -24.67
C ASN A 1271 -10.45 27.98 -25.41
N GLN A 1272 -10.00 27.25 -26.42
CA GLN A 1272 -10.91 26.41 -27.17
C GLN A 1272 -11.49 25.31 -26.29
N LEU A 1273 -10.68 24.78 -25.38
CA LEU A 1273 -11.15 23.74 -24.47
C LEU A 1273 -12.27 24.26 -23.59
N LEU A 1274 -12.08 25.43 -22.99
CA LEU A 1274 -13.12 26.00 -22.16
C LEU A 1274 -14.37 26.30 -22.97
N LEU A 1275 -14.18 26.80 -24.21
CA LEU A 1275 -15.33 27.08 -25.06
C LEU A 1275 -16.15 25.82 -25.28
N ALA A 1276 -15.48 24.72 -25.66
CA ALA A 1276 -16.21 23.47 -25.87
C ALA A 1276 -16.87 23.01 -24.58
N LEU A 1277 -16.16 23.10 -23.46
CA LEU A 1277 -16.72 22.69 -22.18
C LEU A 1277 -18.05 23.39 -21.93
N LEU A 1278 -18.07 24.72 -22.08
CA LEU A 1278 -19.33 25.44 -21.94
C LEU A 1278 -20.33 24.99 -23.00
N LYS A 1279 -19.85 24.74 -24.21
CA LYS A 1279 -20.71 24.37 -25.31
C LYS A 1279 -21.41 23.03 -25.07
N CYS A 1280 -20.89 22.21 -24.17
CA CYS A 1280 -21.40 20.86 -23.96
C CYS A 1280 -21.55 20.56 -22.48
N THR A 1281 -22.12 21.50 -21.71
CA THR A 1281 -22.27 21.33 -20.27
C THR A 1281 -23.74 21.52 -19.88
N ASP A 1282 -24.15 20.79 -18.86
CA ASP A 1282 -25.48 20.92 -18.27
C ASP A 1282 -25.37 21.04 -16.76
N THR A 1283 -26.24 21.84 -16.18
CA THR A 1283 -26.10 22.26 -14.78
C THR A 1283 -26.80 21.33 -13.80
N GLU A 1284 -27.96 20.78 -14.19
CA GLU A 1284 -28.72 19.97 -13.24
C GLU A 1284 -27.91 18.78 -12.75
N LEU A 1285 -27.37 18.01 -13.70
CA LEU A 1285 -26.61 16.83 -13.34
C LEU A 1285 -25.34 17.21 -12.58
N GLN A 1286 -24.71 18.31 -12.96
CA GLN A 1286 -23.52 18.75 -12.24
C GLN A 1286 -23.86 19.10 -10.80
N LEU A 1287 -25.00 19.75 -10.58
CA LEU A 1287 -25.40 20.08 -9.21
C LEU A 1287 -25.63 18.82 -8.41
N ARG A 1288 -26.35 17.85 -8.97
CA ARG A 1288 -26.58 16.61 -8.25
C ARG A 1288 -25.26 15.93 -7.92
N ARG A 1289 -24.36 15.87 -8.89
CA ARG A 1289 -23.08 15.23 -8.68
C ARG A 1289 -22.30 15.91 -7.57
N ASP A 1290 -22.31 17.24 -7.55
CA ASP A 1290 -21.59 17.94 -6.49
C ASP A 1290 -22.21 17.65 -5.14
N ALA A 1291 -23.54 17.61 -5.07
CA ALA A 1291 -24.19 17.26 -3.81
C ALA A 1291 -23.70 15.90 -3.30
N ILE A 1292 -23.78 14.89 -4.17
CA ILE A 1292 -23.46 13.53 -3.74
C ILE A 1292 -21.99 13.44 -3.35
N PHE A 1293 -21.11 14.04 -4.15
CA PHE A 1293 -19.71 14.06 -3.76
C PHE A 1293 -19.55 14.73 -2.42
N CYS A 1294 -20.32 15.78 -2.16
CA CYS A 1294 -20.18 16.47 -0.89
C CYS A 1294 -20.49 15.53 0.25
N GLN A 1295 -21.57 14.77 0.13
CA GLN A 1295 -21.89 13.80 1.17
C GLN A 1295 -20.75 12.82 1.36
N ALA A 1296 -20.34 12.18 0.27
CA ALA A 1296 -19.34 11.12 0.37
C ALA A 1296 -18.06 11.65 0.98
N LEU A 1297 -17.63 12.82 0.54
CA LEU A 1297 -16.38 13.39 1.05
C LEU A 1297 -16.53 13.78 2.51
N VAL A 1298 -17.70 14.27 2.91
CA VAL A 1298 -17.90 14.56 4.32
C VAL A 1298 -17.64 13.31 5.14
N ALA A 1299 -18.23 12.20 4.69
CA ALA A 1299 -18.05 10.95 5.42
C ALA A 1299 -16.58 10.56 5.46
N ALA A 1300 -15.92 10.62 4.31
CA ALA A 1300 -14.52 10.20 4.26
C ALA A 1300 -13.65 11.07 5.15
N VAL A 1301 -13.88 12.38 5.10
CA VAL A 1301 -13.05 13.31 5.86
C VAL A 1301 -13.22 13.06 7.34
N CYS A 1302 -14.46 12.96 7.82
CA CYS A 1302 -14.65 12.73 9.24
C CYS A 1302 -14.05 11.38 9.64
N THR A 1303 -14.23 10.35 8.82
CA THR A 1303 -13.67 9.04 9.14
C THR A 1303 -12.18 9.13 9.35
N PHE A 1304 -11.47 9.68 8.37
CA PHE A 1304 -10.02 9.70 8.49
C PHE A 1304 -9.59 10.66 9.59
N SER A 1305 -10.36 11.71 9.83
CA SER A 1305 -10.06 12.56 10.96
C SER A 1305 -10.04 11.75 12.23
N GLU A 1306 -11.08 10.96 12.44
CA GLU A 1306 -11.17 10.16 13.65
C GLU A 1306 -9.99 9.20 13.74
N GLN A 1307 -9.69 8.51 12.63
CA GLN A 1307 -8.67 7.47 12.71
C GLN A 1307 -7.28 8.07 12.91
N LEU A 1308 -6.97 9.16 12.21
CA LEU A 1308 -5.68 9.80 12.40
C LEU A 1308 -5.56 10.37 13.81
N LEU A 1309 -6.59 11.08 14.28
CA LEU A 1309 -6.58 11.55 15.65
C LEU A 1309 -6.31 10.40 16.60
N ALA A 1310 -6.88 9.24 16.31
CA ALA A 1310 -6.54 8.06 17.10
C ALA A 1310 -5.05 7.81 17.06
N ALA A 1311 -4.47 7.80 15.86
CA ALA A 1311 -3.05 7.51 15.74
C ALA A 1311 -2.23 8.48 16.59
N LEU A 1312 -2.52 9.78 16.48
CA LEU A 1312 -1.72 10.77 17.19
C LEU A 1312 -1.77 10.58 18.70
N GLY A 1313 -2.85 10.01 19.22
CA GLY A 1313 -2.90 9.73 20.63
C GLY A 1313 -2.10 8.51 21.02
N TYR A 1314 -1.45 7.86 20.04
CA TYR A 1314 -0.78 6.59 20.26
C TYR A 1314 -1.80 5.51 20.66
N ARG A 1315 -2.92 5.46 19.95
CA ARG A 1315 -3.93 4.46 20.24
C ARG A 1315 -4.14 3.48 19.10
N TYR A 1316 -4.53 3.95 17.92
CA TYR A 1316 -5.01 3.03 16.90
C TYR A 1316 -4.07 1.86 16.75
N ASN A 1317 -4.64 0.66 16.62
CA ASN A 1317 -3.84 -0.56 16.54
C ASN A 1317 -4.67 -1.61 15.83
N ASN A 1318 -4.32 -1.93 14.60
CA ASN A 1318 -5.05 -2.94 13.86
C ASN A 1318 -4.36 -4.29 13.87
N ASN A 1319 -3.23 -4.42 14.57
CA ASN A 1319 -2.50 -5.69 14.67
C ASN A 1319 -2.09 -5.87 16.13
N GLY A 1320 -2.92 -6.59 16.88
CA GLY A 1320 -2.57 -6.97 18.23
C GLY A 1320 -2.29 -8.44 18.34
N GLU A 1321 -2.64 -9.21 17.30
CA GLU A 1321 -2.41 -10.65 17.29
C GLU A 1321 -0.94 -11.01 17.19
N TYR A 1322 -0.05 -10.02 17.19
CA TYR A 1322 1.39 -10.25 17.15
C TYR A 1322 2.09 -9.56 18.31
N GLU A 1323 1.41 -9.49 19.46
CA GLU A 1323 1.92 -8.80 20.64
C GLU A 1323 2.61 -7.50 20.22
N GLU A 1324 1.84 -6.64 19.56
CA GLU A 1324 2.34 -5.37 19.06
C GLU A 1324 1.83 -4.25 19.96
N SER A 1325 2.76 -3.52 20.58
CA SER A 1325 2.38 -2.39 21.40
C SER A 1325 1.63 -1.38 20.55
N SER A 1326 0.78 -0.60 21.22
CA SER A 1326 0.02 0.42 20.52
C SER A 1326 0.93 1.43 19.82
N ARG A 1327 1.94 1.93 20.55
CA ARG A 1327 2.75 3.03 20.05
C ARG A 1327 3.34 2.73 18.69
N ASP A 1328 3.98 1.56 18.56
CA ASP A 1328 4.59 1.19 17.29
C ASP A 1328 3.54 1.04 16.21
N ALA A 1329 2.39 0.44 16.53
CA ALA A 1329 1.36 0.27 15.52
C ALA A 1329 0.91 1.62 15.00
N SER A 1330 0.75 2.59 15.90
CA SER A 1330 0.34 3.94 15.48
C SER A 1330 1.39 4.55 14.55
N ARG A 1331 2.65 4.55 14.97
CA ARG A 1331 3.68 5.19 14.15
C ARG A 1331 3.77 4.51 12.80
N LYS A 1332 3.72 3.18 12.78
CA LYS A 1332 3.83 2.44 11.55
C LYS A 1332 2.68 2.75 10.61
N TRP A 1333 1.44 2.72 11.10
CA TRP A 1333 0.32 3.04 10.23
C TRP A 1333 0.43 4.45 9.69
N LEU A 1334 0.77 5.41 10.56
CA LEU A 1334 0.82 6.80 10.14
C LEU A 1334 1.82 6.99 9.03
N GLU A 1335 3.03 6.44 9.20
CA GLU A 1335 4.04 6.61 8.17
C GLU A 1335 3.73 5.77 6.93
N GLN A 1336 3.05 4.64 7.10
CA GLN A 1336 2.57 3.90 5.95
C GLN A 1336 1.65 4.78 5.11
N VAL A 1337 0.75 5.50 5.77
CA VAL A 1337 -0.07 6.47 5.04
C VAL A 1337 0.82 7.50 4.37
N ALA A 1338 1.71 8.12 5.15
CA ALA A 1338 2.51 9.21 4.61
C ALA A 1338 3.27 8.77 3.37
N ALA A 1339 3.59 7.49 3.27
CA ALA A 1339 4.25 7.00 2.07
C ALA A 1339 3.24 6.85 0.94
N THR A 1340 2.22 6.03 1.14
CA THR A 1340 1.26 5.73 0.10
C THR A 1340 -0.06 6.46 0.30
N GLY A 1341 -0.69 6.28 1.45
CA GLY A 1341 -1.97 6.93 1.69
C GLY A 1341 -2.93 6.12 2.54
N VAL A 1342 -4.21 6.16 2.16
CA VAL A 1342 -5.26 5.50 2.92
C VAL A 1342 -6.27 4.90 1.95
N LEU A 1343 -6.89 3.81 2.36
CA LEU A 1343 -7.89 3.12 1.55
C LEU A 1343 -9.23 3.18 2.27
N LEU A 1344 -10.27 3.51 1.51
CA LEU A 1344 -11.62 3.65 2.03
C LEU A 1344 -12.43 2.42 1.62
N HIS A 1345 -12.91 1.66 2.59
CA HIS A 1345 -13.69 0.47 2.32
C HIS A 1345 -15.16 0.77 2.57
N CYS A 1346 -15.93 0.91 1.49
CA CYS A 1346 -17.36 1.15 1.55
C CYS A 1346 -18.06 -0.19 1.35
N GLN A 1347 -18.55 -0.78 2.45
CA GLN A 1347 -19.20 -2.08 2.39
C GLN A 1347 -20.70 -1.91 2.17
N SER A 1348 -21.04 -1.29 1.05
CA SER A 1348 -22.44 -1.05 0.74
C SER A 1348 -23.21 -2.36 0.81
N LEU A 1349 -24.32 -2.34 1.54
CA LEU A 1349 -25.16 -3.53 1.67
C LEU A 1349 -26.49 -3.36 0.96
N LEU A 1350 -26.54 -2.49 -0.06
CA LEU A 1350 -27.80 -2.21 -0.72
C LEU A 1350 -28.34 -3.45 -1.42
N SER A 1351 -29.65 -3.48 -1.60
CA SER A 1351 -30.32 -4.57 -2.29
C SER A 1351 -30.84 -4.07 -3.63
N PRO A 1352 -29.97 -3.94 -4.64
CA PRO A 1352 -30.41 -3.32 -5.89
C PRO A 1352 -31.53 -4.06 -6.58
N ALA A 1353 -31.58 -5.38 -6.49
CA ALA A 1353 -32.68 -6.13 -7.09
C ALA A 1353 -34.00 -5.84 -6.40
N THR A 1354 -33.99 -5.20 -5.24
CA THR A 1354 -35.20 -4.89 -4.49
C THR A 1354 -35.84 -3.60 -4.98
N VAL A 1355 -35.12 -2.48 -4.89
CA VAL A 1355 -35.64 -1.17 -5.23
C VAL A 1355 -34.74 -0.55 -6.31
N LYS A 1356 -35.37 -0.07 -7.39
CA LYS A 1356 -34.61 0.59 -8.44
C LYS A 1356 -33.92 1.85 -7.93
N GLU A 1357 -34.57 2.56 -7.01
CA GLU A 1357 -34.00 3.77 -6.45
C GLU A 1357 -32.66 3.50 -5.80
N GLU A 1358 -32.59 2.47 -4.95
CA GLU A 1358 -31.34 2.14 -4.29
C GLU A 1358 -30.29 1.70 -5.29
N ARG A 1359 -30.70 1.03 -6.38
CA ARG A 1359 -29.74 0.66 -7.41
C ARG A 1359 -29.11 1.90 -8.03
N THR A 1360 -29.93 2.89 -8.37
CA THR A 1360 -29.38 4.11 -8.95
C THR A 1360 -28.49 4.83 -7.93
N MET A 1361 -28.92 4.88 -6.67
CA MET A 1361 -28.07 5.46 -5.64
C MET A 1361 -26.74 4.73 -5.56
N LEU A 1362 -26.76 3.41 -5.73
CA LEU A 1362 -25.52 2.65 -5.73
C LEU A 1362 -24.62 3.07 -6.88
N GLU A 1363 -25.20 3.20 -8.07
CA GLU A 1363 -24.43 3.67 -9.21
C GLU A 1363 -23.77 5.00 -8.88
N ASP A 1364 -24.55 5.92 -8.31
CA ASP A 1364 -24.04 7.26 -8.04
C ASP A 1364 -22.92 7.21 -7.02
N ILE A 1365 -23.10 6.47 -5.93
CA ILE A 1365 -22.03 6.40 -4.92
C ILE A 1365 -20.78 5.83 -5.54
N TRP A 1366 -20.92 4.84 -6.42
CA TRP A 1366 -19.76 4.26 -7.09
C TRP A 1366 -19.02 5.30 -7.91
N VAL A 1367 -19.74 5.99 -8.80
CA VAL A 1367 -19.07 6.93 -9.70
C VAL A 1367 -18.50 8.09 -8.91
N THR A 1368 -19.19 8.52 -7.86
CA THR A 1368 -18.70 9.62 -7.04
C THR A 1368 -17.45 9.20 -6.29
N LEU A 1369 -17.37 7.95 -5.84
CA LEU A 1369 -16.11 7.47 -5.30
C LEU A 1369 -15.01 7.53 -6.35
N SER A 1370 -15.32 7.06 -7.56
CA SER A 1370 -14.34 7.12 -8.63
C SER A 1370 -13.78 8.53 -8.78
N GLU A 1371 -14.67 9.52 -8.78
CA GLU A 1371 -14.20 10.90 -8.78
C GLU A 1371 -13.43 11.21 -7.51
N LEU A 1372 -13.88 10.68 -6.38
CA LEU A 1372 -13.29 10.99 -5.10
C LEU A 1372 -11.83 10.56 -5.03
N ASP A 1373 -11.43 9.61 -5.87
CA ASP A 1373 -10.04 9.18 -5.84
C ASP A 1373 -9.09 10.36 -5.94
N ASN A 1374 -9.44 11.37 -6.74
CA ASN A 1374 -8.54 12.48 -7.00
C ASN A 1374 -8.26 13.29 -5.74
N VAL A 1375 -9.17 13.30 -4.77
CA VAL A 1375 -8.96 14.15 -3.61
C VAL A 1375 -7.60 13.86 -3.01
N THR A 1376 -7.03 14.87 -2.37
CA THR A 1376 -5.72 14.75 -1.76
C THR A 1376 -5.69 15.59 -0.50
N PHE A 1377 -5.10 15.06 0.56
CA PHE A 1377 -5.05 15.76 1.83
C PHE A 1377 -3.66 16.33 2.03
N SER A 1378 -3.51 17.08 3.11
CA SER A 1378 -2.20 17.60 3.51
C SER A 1378 -2.41 18.34 4.81
N PHE A 1379 -1.33 18.52 5.57
CA PHE A 1379 -1.44 19.01 6.93
C PHE A 1379 -0.74 20.34 7.08
N LYS A 1380 -1.31 21.20 7.92
CA LYS A 1380 -0.72 22.49 8.23
C LYS A 1380 -1.12 22.87 9.64
N GLN A 1381 -0.13 23.10 10.49
CA GLN A 1381 -0.43 23.48 11.86
C GLN A 1381 -1.36 24.68 11.89
N LEU A 1382 -2.15 24.78 12.95
CA LEU A 1382 -3.06 25.91 13.13
C LEU A 1382 -3.40 26.03 14.60
N ASP A 1383 -3.33 27.24 15.13
CA ASP A 1383 -3.46 27.49 16.56
C ASP A 1383 -4.74 28.25 16.83
N GLU A 1384 -5.50 27.80 17.83
CA GLU A 1384 -6.72 28.47 18.24
C GLU A 1384 -6.90 28.34 19.75
N ASN A 1385 -7.57 29.34 20.32
CA ASN A 1385 -8.11 29.23 21.68
C ASN A 1385 -9.56 29.71 21.70
N TYR A 1386 -10.28 29.43 20.61
CA TYR A 1386 -11.62 29.99 20.43
C TYR A 1386 -12.57 28.98 19.83
N VAL A 1387 -12.36 27.69 20.06
CA VAL A 1387 -13.34 26.67 19.73
C VAL A 1387 -13.30 25.61 20.83
N ALA A 1388 -14.46 25.02 21.10
CA ALA A 1388 -14.62 24.27 22.35
C ALA A 1388 -14.03 22.86 22.26
N ASN A 1389 -14.59 22.02 21.39
CA ASN A 1389 -14.32 20.60 21.42
C ASN A 1389 -14.07 20.06 20.01
N THR A 1390 -13.18 20.73 19.28
CA THR A 1390 -12.76 20.23 17.97
C THR A 1390 -11.31 20.62 17.75
N ASN A 1391 -10.43 19.62 17.65
CA ASN A 1391 -9.06 19.91 17.26
C ASN A 1391 -8.96 20.15 15.75
N VAL A 1392 -9.72 19.40 14.96
CA VAL A 1392 -9.52 19.35 13.52
C VAL A 1392 -10.31 20.48 12.89
N PHE A 1393 -9.70 21.66 12.83
CA PHE A 1393 -10.30 22.78 12.10
C PHE A 1393 -10.12 22.52 10.63
N TYR A 1394 -11.05 21.78 10.05
CA TYR A 1394 -10.91 21.44 8.65
C TYR A 1394 -10.94 22.71 7.81
N HIS A 1395 -10.79 22.52 6.51
CA HIS A 1395 -10.73 23.63 5.57
C HIS A 1395 -10.78 23.04 4.18
N ILE A 1396 -11.08 23.87 3.21
CA ILE A 1396 -11.06 23.44 1.82
C ILE A 1396 -10.37 24.51 0.98
N GLU A 1397 -9.93 24.10 -0.18
CA GLU A 1397 -9.38 25.02 -1.18
C GLU A 1397 -9.27 24.23 -2.48
N GLY A 1398 -8.61 24.82 -3.47
CA GLY A 1398 -8.46 24.13 -4.72
C GLY A 1398 -9.79 23.99 -5.42
N SER A 1399 -9.89 22.96 -6.26
CA SER A 1399 -11.01 22.79 -7.17
C SER A 1399 -11.51 21.36 -7.12
N ARG A 1400 -12.43 21.05 -8.05
CA ARG A 1400 -12.97 19.69 -8.12
C ARG A 1400 -11.87 18.68 -8.42
N GLN A 1401 -11.09 18.93 -9.46
CA GLN A 1401 -10.19 17.91 -9.96
C GLN A 1401 -9.14 17.53 -8.93
N ALA A 1402 -8.72 18.48 -8.09
CA ALA A 1402 -7.76 18.19 -7.03
C ALA A 1402 -8.10 19.13 -5.86
N LEU A 1403 -8.88 18.62 -4.93
CA LEU A 1403 -9.35 19.41 -3.79
C LEU A 1403 -8.44 19.12 -2.61
N LYS A 1404 -7.51 20.03 -2.35
CA LYS A 1404 -6.46 19.82 -1.36
C LYS A 1404 -6.97 20.27 0.01
N VAL A 1405 -7.53 19.32 0.75
CA VAL A 1405 -8.00 19.62 2.10
C VAL A 1405 -6.83 19.83 3.02
N ILE A 1406 -7.05 20.54 4.13
CA ILE A 1406 -6.02 20.82 5.12
C ILE A 1406 -6.60 20.50 6.49
N PHE A 1407 -6.30 19.32 7.02
CA PHE A 1407 -6.74 19.00 8.37
C PHE A 1407 -5.86 19.78 9.32
N TYR A 1408 -6.09 21.08 9.40
CA TYR A 1408 -5.37 21.89 10.36
C TYR A 1408 -5.40 21.20 11.72
N LEU A 1409 -4.26 20.76 12.21
CA LEU A 1409 -4.17 20.13 13.52
C LEU A 1409 -3.47 21.07 14.48
N ASP A 1410 -3.43 20.69 15.75
CA ASP A 1410 -2.85 21.56 16.77
C ASP A 1410 -1.42 21.12 17.10
N SER A 1411 -0.78 21.87 17.99
CA SER A 1411 0.66 21.73 18.18
C SER A 1411 1.03 20.32 18.63
N TYR A 1412 0.39 19.82 19.69
CA TYR A 1412 0.64 18.44 20.09
C TYR A 1412 0.26 17.49 18.97
N HIS A 1413 -0.89 17.75 18.34
CA HIS A 1413 -1.35 16.94 17.21
C HIS A 1413 -0.65 17.31 15.92
N PHE A 1414 0.42 18.10 15.97
CA PHE A 1414 1.30 18.33 14.82
C PHE A 1414 2.67 17.72 15.00
N SER A 1415 3.23 17.78 16.21
CA SER A 1415 4.54 17.19 16.46
C SER A 1415 4.52 15.71 16.15
N LYS A 1416 3.48 15.00 16.60
CA LYS A 1416 3.40 13.57 16.36
C LYS A 1416 3.27 13.22 14.89
N LEU A 1417 2.98 14.20 14.03
CA LEU A 1417 2.94 13.91 12.61
C LEU A 1417 4.33 13.42 12.18
N PRO A 1418 4.39 12.50 11.23
CA PRO A 1418 5.70 12.02 10.78
C PRO A 1418 6.52 13.16 10.20
N SER A 1419 7.80 12.90 9.98
CA SER A 1419 8.68 13.95 9.50
C SER A 1419 8.26 14.46 8.12
N ARG A 1420 7.88 13.56 7.21
CA ARG A 1420 7.69 13.94 5.82
C ARG A 1420 6.55 14.94 5.66
N LEU A 1421 5.41 14.70 6.30
CA LEU A 1421 4.21 15.48 6.08
C LEU A 1421 4.24 16.84 6.75
N GLU A 1422 5.14 17.05 7.70
CA GLU A 1422 5.13 18.29 8.46
C GLU A 1422 5.15 19.52 7.56
N GLY A 1423 5.41 19.36 6.27
CA GLY A 1423 5.40 20.43 5.30
C GLY A 1423 4.19 20.48 4.40
N GLY A 1424 3.20 19.61 4.59
CA GLY A 1424 2.05 19.61 3.70
C GLY A 1424 2.26 18.85 2.41
N ALA A 1425 2.48 17.54 2.53
CA ALA A 1425 2.67 16.66 1.40
C ALA A 1425 1.42 15.82 1.17
N SER A 1426 1.11 15.59 -0.10
CA SER A 1426 -0.15 14.97 -0.47
C SER A 1426 -0.25 13.55 0.06
N LEU A 1427 -1.36 13.25 0.74
CA LEU A 1427 -1.80 11.90 1.01
C LEU A 1427 -2.93 11.62 0.04
N ARG A 1428 -2.78 10.59 -0.78
CA ARG A 1428 -3.85 10.26 -1.70
C ARG A 1428 -4.98 9.61 -0.92
N LEU A 1429 -6.00 9.14 -1.65
CA LEU A 1429 -7.16 8.54 -1.03
C LEU A 1429 -7.80 7.59 -2.04
N HIS A 1430 -7.75 6.29 -1.77
CA HIS A 1430 -8.28 5.28 -2.66
C HIS A 1430 -9.63 4.78 -2.16
N THR A 1431 -10.52 4.50 -3.10
CA THR A 1431 -11.87 4.05 -2.79
C THR A 1431 -11.97 2.54 -2.91
N ALA A 1432 -12.93 1.96 -2.20
CA ALA A 1432 -13.18 0.53 -2.29
C ALA A 1432 -14.64 0.26 -1.94
N LEU A 1433 -15.37 -0.35 -2.88
CA LEU A 1433 -16.80 -0.56 -2.75
C LEU A 1433 -17.11 -2.03 -2.99
N PHE A 1434 -17.87 -2.63 -2.08
CA PHE A 1434 -18.27 -4.03 -2.19
C PHE A 1434 -19.74 -4.19 -1.85
N THR A 1435 -20.47 -4.89 -2.72
CA THR A 1435 -21.92 -4.96 -2.65
C THR A 1435 -22.41 -6.38 -2.82
N LYS A 1436 -23.31 -6.80 -1.93
CA LYS A 1436 -23.98 -8.09 -2.02
C LYS A 1436 -25.21 -8.05 -1.12
N VAL A 1437 -26.36 -8.41 -1.68
CA VAL A 1437 -27.62 -8.27 -0.94
C VAL A 1437 -27.64 -9.28 0.18
N LEU A 1438 -27.80 -8.80 1.41
CA LEU A 1438 -27.70 -9.68 2.57
C LEU A 1438 -28.80 -10.74 2.54
N GLU A 1439 -30.01 -10.35 2.17
CA GLU A 1439 -31.10 -11.33 2.10
C GLU A 1439 -30.88 -12.28 0.94
N ASN A 1440 -31.68 -13.35 0.93
CA ASN A 1440 -31.53 -14.38 -0.09
C ASN A 1440 -31.79 -13.81 -1.48
N VAL A 1441 -31.05 -14.32 -2.46
CA VAL A 1441 -31.34 -14.00 -3.86
C VAL A 1441 -32.68 -14.62 -4.22
N GLU A 1442 -33.63 -13.80 -4.61
CA GLU A 1442 -34.98 -14.26 -4.88
C GLU A 1442 -35.68 -13.36 -5.89
N PRO A 1447 -33.91 -9.79 -16.23
CA PRO A 1447 -32.72 -9.17 -16.81
C PRO A 1447 -32.29 -7.93 -16.05
N GLY A 1448 -33.26 -7.10 -15.68
CA GLY A 1448 -32.93 -5.89 -14.94
C GLY A 1448 -32.21 -6.21 -13.64
N SER A 1449 -32.75 -7.15 -12.86
CA SER A 1449 -32.04 -7.61 -11.67
C SER A 1449 -30.76 -8.34 -12.06
N GLN A 1450 -30.77 -9.01 -13.21
CA GLN A 1450 -29.53 -9.61 -13.70
C GLN A 1450 -28.49 -8.53 -13.95
N ALA A 1451 -28.91 -7.42 -14.58
CA ALA A 1451 -27.99 -6.31 -14.79
C ALA A 1451 -27.51 -5.75 -13.45
N ALA A 1452 -28.40 -5.70 -12.46
CA ALA A 1452 -28.00 -5.21 -11.15
C ALA A 1452 -26.94 -6.11 -10.53
N GLU A 1453 -27.13 -7.42 -10.61
CA GLU A 1453 -26.13 -8.34 -10.11
C GLU A 1453 -24.82 -8.17 -10.86
N ASP A 1454 -24.90 -7.96 -12.18
CA ASP A 1454 -23.70 -7.72 -12.95
C ASP A 1454 -23.00 -6.46 -12.48
N LEU A 1455 -23.78 -5.43 -12.16
CA LEU A 1455 -23.20 -4.21 -11.60
C LEU A 1455 -22.48 -4.52 -10.29
N GLN A 1456 -23.12 -5.32 -9.44
CA GLN A 1456 -22.47 -5.73 -8.19
C GLN A 1456 -21.14 -6.37 -8.49
N GLN A 1457 -21.13 -7.31 -9.43
CA GLN A 1457 -19.92 -8.06 -9.73
C GLN A 1457 -18.84 -7.14 -10.26
N ASP A 1458 -19.20 -6.22 -11.15
CA ASP A 1458 -18.21 -5.30 -11.71
C ASP A 1458 -17.63 -4.42 -10.63
N ILE A 1459 -18.49 -3.90 -9.75
CA ILE A 1459 -18.01 -3.06 -8.65
C ILE A 1459 -17.02 -3.84 -7.81
N ASN A 1460 -17.39 -5.07 -7.46
CA ASN A 1460 -16.52 -5.89 -6.64
C ASN A 1460 -15.20 -6.15 -7.36
N ALA A 1461 -15.26 -6.43 -8.66
CA ALA A 1461 -14.05 -6.71 -9.41
C ALA A 1461 -13.11 -5.52 -9.40
N GLN A 1462 -13.64 -4.34 -9.74
CA GLN A 1462 -12.79 -3.16 -9.79
C GLN A 1462 -12.20 -2.87 -8.40
N SER A 1463 -13.03 -2.98 -7.37
CA SER A 1463 -12.53 -2.72 -6.03
C SER A 1463 -11.45 -3.73 -5.65
N LEU A 1464 -11.64 -4.98 -6.06
CA LEU A 1464 -10.64 -6.00 -5.77
C LEU A 1464 -9.32 -5.66 -6.44
N GLU A 1465 -9.39 -5.21 -7.69
CA GLU A 1465 -8.15 -4.84 -8.38
C GLU A 1465 -7.47 -3.68 -7.65
N LYS A 1466 -8.24 -2.68 -7.24
CA LYS A 1466 -7.64 -1.52 -6.57
C LYS A 1466 -7.00 -1.92 -5.25
N VAL A 1467 -7.70 -2.74 -4.46
CA VAL A 1467 -7.13 -3.17 -3.20
C VAL A 1467 -5.90 -4.03 -3.44
N GLN A 1468 -5.93 -4.91 -4.44
CA GLN A 1468 -4.77 -5.74 -4.72
C GLN A 1468 -3.57 -4.88 -5.10
N GLN A 1469 -3.81 -3.86 -5.91
CA GLN A 1469 -2.72 -2.95 -6.27
C GLN A 1469 -2.16 -2.28 -5.03
N TYR A 1470 -3.04 -1.79 -4.15
CA TYR A 1470 -2.53 -1.21 -2.92
C TYR A 1470 -1.75 -2.23 -2.12
N TYR A 1471 -2.15 -3.50 -2.20
CA TYR A 1471 -1.46 -4.54 -1.45
C TYR A 1471 -0.06 -4.75 -1.98
N ARG A 1472 0.09 -4.79 -3.31
CA ARG A 1472 1.41 -4.84 -3.91
C ARG A 1472 2.24 -3.67 -3.44
N LYS A 1473 1.64 -2.48 -3.43
CA LYS A 1473 2.37 -1.29 -3.01
C LYS A 1473 2.83 -1.42 -1.57
N LEU A 1474 1.97 -1.93 -0.70
CA LEU A 1474 2.31 -2.03 0.71
C LEU A 1474 3.43 -3.04 0.94
N ARG A 1475 3.33 -4.22 0.31
CA ARG A 1475 4.39 -5.21 0.46
C ARG A 1475 5.70 -4.65 -0.07
N ALA A 1476 5.66 -3.96 -1.22
CA ALA A 1476 6.87 -3.36 -1.74
C ALA A 1476 7.44 -2.35 -0.75
N PHE A 1477 6.57 -1.54 -0.13
CA PHE A 1477 7.04 -0.59 0.85
C PHE A 1477 7.76 -1.30 1.99
N TYR A 1478 7.11 -2.31 2.57
CA TYR A 1478 7.72 -2.98 3.72
C TYR A 1478 9.03 -3.65 3.34
N LEU A 1479 9.07 -4.30 2.18
CA LEU A 1479 10.31 -4.91 1.72
C LEU A 1479 11.40 -3.86 1.60
N GLU A 1480 11.08 -2.71 1.01
CA GLU A 1480 12.02 -1.59 1.04
C GLU A 1480 12.29 -1.16 2.47
N ARG A 1481 11.25 -1.06 3.28
CA ARG A 1481 11.42 -0.71 4.68
C ARG A 1481 11.96 -1.89 5.47
N ASP A 1496 10.47 -9.59 8.78
CA ASP A 1496 10.42 -11.01 9.12
C ASP A 1496 9.07 -11.39 9.71
N GLN A 1497 8.61 -10.60 10.68
CA GLN A 1497 7.35 -10.89 11.34
C GLN A 1497 6.17 -10.77 10.38
N LEU A 1498 6.35 -10.09 9.24
CA LEU A 1498 5.28 -9.92 8.27
C LEU A 1498 4.90 -11.22 7.58
N ILE A 1499 5.69 -12.29 7.73
CA ILE A 1499 5.42 -13.51 7.01
C ILE A 1499 4.03 -14.04 7.34
N ARG A 1500 3.67 -14.05 8.62
CA ARG A 1500 2.33 -14.49 9.00
C ARG A 1500 1.25 -13.61 8.37
N PRO A 1501 1.20 -12.30 8.67
CA PRO A 1501 0.13 -11.49 8.09
C PRO A 1501 0.12 -11.50 6.57
N ILE A 1502 1.30 -11.52 5.93
CA ILE A 1502 1.30 -11.44 4.48
C ILE A 1502 0.74 -12.71 3.87
N ASN A 1503 1.10 -13.87 4.42
CA ASN A 1503 0.52 -15.11 3.92
C ASN A 1503 -0.99 -15.13 4.15
N ALA A 1504 -1.43 -14.73 5.34
CA ALA A 1504 -2.86 -14.68 5.60
C ALA A 1504 -3.55 -13.76 4.63
N LEU A 1505 -2.93 -12.61 4.34
CA LEU A 1505 -3.47 -11.68 3.37
C LEU A 1505 -3.55 -12.29 1.98
N ASP A 1506 -2.56 -13.10 1.61
CA ASP A 1506 -2.59 -13.78 0.33
C ASP A 1506 -3.75 -14.75 0.26
N GLU A 1507 -3.96 -15.52 1.33
CA GLU A 1507 -5.12 -16.40 1.36
C GLU A 1507 -6.40 -15.60 1.26
N LEU A 1508 -6.46 -14.46 1.93
CA LEU A 1508 -7.64 -13.61 1.84
C LEU A 1508 -7.88 -13.15 0.42
N CYS A 1509 -6.82 -12.75 -0.27
CA CYS A 1509 -6.96 -12.34 -1.66
C CYS A 1509 -7.46 -13.48 -2.52
N ARG A 1510 -6.95 -14.69 -2.28
CA ARG A 1510 -7.45 -15.85 -3.00
C ARG A 1510 -8.94 -16.02 -2.74
N LEU A 1511 -9.35 -15.88 -1.49
CA LEU A 1511 -10.76 -16.01 -1.15
C LEU A 1511 -11.59 -14.99 -1.91
N MET A 1512 -11.15 -13.74 -1.91
CA MET A 1512 -11.90 -12.69 -2.59
C MET A 1512 -11.99 -12.97 -4.08
N LYS A 1513 -10.87 -13.34 -4.71
CA LYS A 1513 -10.91 -13.68 -6.12
C LYS A 1513 -11.92 -14.77 -6.38
N SER A 1514 -11.88 -15.83 -5.58
CA SER A 1514 -12.88 -16.88 -5.71
C SER A 1514 -14.28 -16.30 -5.65
N PHE A 1515 -14.56 -15.49 -4.63
CA PHE A 1515 -15.92 -14.96 -4.46
C PHE A 1515 -16.37 -14.20 -5.69
N VAL A 1516 -15.59 -13.21 -6.10
CA VAL A 1516 -15.99 -12.36 -7.21
C VAL A 1516 -16.04 -13.17 -8.50
N HIS A 1517 -15.10 -14.08 -8.68
CA HIS A 1517 -15.06 -14.88 -9.90
C HIS A 1517 -16.22 -15.88 -9.88
N PRO A 1518 -17.09 -15.90 -10.90
CA PRO A 1518 -18.15 -16.92 -10.97
C PRO A 1518 -17.64 -18.23 -11.55
N LYS A 1519 -16.63 -18.80 -10.91
CA LYS A 1519 -16.06 -20.06 -11.36
C LYS A 1519 -17.10 -21.17 -11.25
N PRO A 1520 -16.96 -22.24 -12.05
CA PRO A 1520 -17.98 -23.30 -12.03
C PRO A 1520 -18.11 -23.97 -10.68
N GLY A 1524 -25.15 -18.85 -5.28
CA GLY A 1524 -25.59 -18.66 -3.90
C GLY A 1524 -24.75 -19.42 -2.90
N SER A 1525 -24.07 -20.47 -3.38
CA SER A 1525 -23.27 -21.30 -2.48
C SER A 1525 -22.23 -20.49 -1.73
N VAL A 1526 -21.79 -19.36 -2.29
CA VAL A 1526 -20.89 -18.47 -1.56
C VAL A 1526 -21.59 -17.67 -0.49
N GLY A 1527 -22.91 -17.72 -0.44
CA GLY A 1527 -23.63 -17.08 0.65
C GLY A 1527 -23.31 -15.60 0.73
N ALA A 1528 -22.87 -15.15 1.91
CA ALA A 1528 -22.56 -13.75 2.11
C ALA A 1528 -21.32 -13.53 2.98
N GLY A 1529 -20.48 -14.55 3.16
CA GLY A 1529 -19.29 -14.34 3.95
C GLY A 1529 -18.35 -13.30 3.38
N LEU A 1530 -18.57 -12.88 2.15
CA LEU A 1530 -17.74 -11.84 1.55
C LEU A 1530 -17.66 -10.62 2.46
N ILE A 1531 -18.79 -10.20 3.02
CA ILE A 1531 -18.82 -8.96 3.79
C ILE A 1531 -17.88 -9.10 4.99
N PRO A 1532 -18.04 -10.12 5.84
CA PRO A 1532 -17.13 -10.24 6.99
C PRO A 1532 -15.68 -10.52 6.61
N ILE A 1533 -15.45 -11.40 5.64
CA ILE A 1533 -14.07 -11.72 5.26
C ILE A 1533 -13.36 -10.48 4.72
N SER A 1534 -14.02 -9.73 3.85
CA SER A 1534 -13.41 -8.53 3.31
C SER A 1534 -13.20 -7.48 4.39
N SER A 1535 -14.16 -7.34 5.30
CA SER A 1535 -13.95 -6.43 6.41
C SER A 1535 -12.70 -6.79 7.17
N GLU A 1536 -12.51 -8.09 7.43
CA GLU A 1536 -11.27 -8.52 8.07
C GLU A 1536 -10.07 -8.08 7.25
N LEU A 1537 -10.09 -8.35 5.95
CA LEU A 1537 -8.94 -8.01 5.12
C LEU A 1537 -8.58 -6.56 5.29
N CYS A 1538 -9.55 -5.67 5.12
CA CYS A 1538 -9.24 -4.25 5.17
C CYS A 1538 -8.78 -3.83 6.54
N TYR A 1539 -9.37 -4.39 7.60
CA TYR A 1539 -8.91 -4.04 8.93
C TYR A 1539 -7.47 -4.46 9.16
N ARG A 1540 -7.07 -5.62 8.61
CA ARG A 1540 -5.68 -6.04 8.74
C ARG A 1540 -4.75 -5.01 8.14
N LEU A 1541 -5.10 -4.48 6.97
CA LEU A 1541 -4.35 -3.37 6.39
C LEU A 1541 -4.52 -2.14 7.26
N GLY A 1542 -3.93 -1.04 6.83
CA GLY A 1542 -4.10 0.22 7.51
C GLY A 1542 -5.41 0.92 7.25
N ALA A 1543 -6.31 0.29 6.50
CA ALA A 1543 -7.51 0.95 6.02
C ALA A 1543 -8.33 1.50 7.18
N CYS A 1544 -8.84 2.72 7.01
CA CYS A 1544 -9.91 3.21 7.86
C CYS A 1544 -11.24 2.75 7.27
N GLN A 1545 -12.19 2.47 8.15
CA GLN A 1545 -13.37 1.70 7.76
C GLN A 1545 -14.56 2.61 7.54
N MET A 1546 -15.60 2.06 6.94
CA MET A 1546 -16.83 2.81 6.68
C MET A 1546 -17.83 1.89 6.00
N VAL A 1547 -19.11 2.18 6.18
CA VAL A 1547 -20.17 1.31 5.70
C VAL A 1547 -21.41 2.14 5.40
N MET A 1548 -22.10 1.77 4.33
CA MET A 1548 -23.34 2.43 3.93
C MET A 1548 -24.36 1.35 3.62
N CYS A 1549 -25.63 1.72 3.70
CA CYS A 1549 -26.70 0.73 3.65
C CYS A 1549 -27.91 1.37 2.99
N GLY A 1550 -29.07 0.74 3.16
CA GLY A 1550 -30.29 1.30 2.62
C GLY A 1550 -30.67 2.60 3.30
N THR A 1551 -31.02 2.51 4.58
CA THR A 1551 -31.56 3.65 5.29
C THR A 1551 -30.83 3.97 6.58
N GLY A 1552 -29.74 3.25 6.88
CA GLY A 1552 -28.94 3.55 8.04
C GLY A 1552 -29.40 2.91 9.33
N MET A 1553 -30.58 2.27 9.35
CA MET A 1553 -31.18 1.78 10.57
C MET A 1553 -30.89 0.30 10.81
N GLN A 1554 -31.37 -0.57 9.93
CA GLN A 1554 -31.40 -2.00 10.19
C GLN A 1554 -30.30 -2.74 9.45
N ARG A 1555 -30.23 -2.59 8.13
CA ARG A 1555 -29.26 -3.33 7.35
C ARG A 1555 -27.82 -3.02 7.73
N SER A 1556 -27.58 -2.02 8.57
CA SER A 1556 -26.22 -1.60 8.89
C SER A 1556 -25.78 -1.97 10.30
N THR A 1557 -26.66 -1.81 11.28
CA THR A 1557 -26.26 -2.10 12.66
C THR A 1557 -25.82 -3.54 12.80
N LEU A 1558 -26.50 -4.46 12.12
CA LEU A 1558 -26.13 -5.87 12.20
C LEU A 1558 -24.71 -6.09 11.70
N SER A 1559 -24.41 -5.62 10.50
CA SER A 1559 -23.08 -5.80 9.94
C SER A 1559 -22.03 -5.17 10.84
N VAL A 1560 -22.36 -4.02 11.43
CA VAL A 1560 -21.37 -3.32 12.24
C VAL A 1560 -21.06 -4.11 13.50
N SER A 1561 -22.10 -4.59 14.19
CA SER A 1561 -21.84 -5.40 15.37
C SER A 1561 -21.09 -6.66 15.01
N LEU A 1562 -21.43 -7.25 13.86
CA LEU A 1562 -20.73 -8.45 13.42
C LEU A 1562 -19.24 -8.17 13.29
N GLU A 1563 -18.89 -7.09 12.60
CA GLU A 1563 -17.49 -6.77 12.40
C GLU A 1563 -16.79 -6.47 13.71
N GLN A 1564 -17.44 -5.72 14.60
CA GLN A 1564 -16.85 -5.46 15.91
C GLN A 1564 -16.56 -6.77 16.64
N ALA A 1565 -17.52 -7.69 16.61
CA ALA A 1565 -17.33 -8.94 17.32
C ALA A 1565 -16.17 -9.72 16.74
N ALA A 1566 -16.10 -9.82 15.41
CA ALA A 1566 -15.02 -10.56 14.80
C ALA A 1566 -13.68 -9.93 15.14
N ILE A 1567 -13.62 -8.61 15.14
CA ILE A 1567 -12.37 -7.94 15.50
C ILE A 1567 -11.97 -8.31 16.91
N LEU A 1568 -12.92 -8.25 17.84
CA LEU A 1568 -12.61 -8.58 19.21
C LEU A 1568 -12.04 -9.98 19.30
N ALA A 1569 -12.74 -10.95 18.71
CA ALA A 1569 -12.27 -12.33 18.78
C ALA A 1569 -10.89 -12.47 18.17
N ARG A 1570 -10.61 -11.73 17.11
CA ARG A 1570 -9.37 -11.88 16.38
C ARG A 1570 -8.21 -11.09 17.00
N SER A 1571 -8.48 -10.21 17.94
CA SER A 1571 -7.45 -9.25 18.32
C SER A 1571 -7.17 -9.17 19.81
N HIS A 1572 -8.14 -9.38 20.69
CA HIS A 1572 -7.92 -9.12 22.11
C HIS A 1572 -8.46 -10.26 22.97
N GLY A 1573 -8.16 -11.49 22.58
CA GLY A 1573 -8.31 -12.62 23.48
C GLY A 1573 -9.68 -12.86 24.06
N LEU A 1574 -10.70 -12.86 23.21
CA LEU A 1574 -12.03 -13.29 23.65
C LEU A 1574 -12.11 -14.81 23.60
N LEU A 1575 -13.10 -15.35 24.28
CA LEU A 1575 -13.33 -16.79 24.22
C LEU A 1575 -14.20 -17.10 23.01
N PRO A 1576 -13.66 -17.67 21.93
CA PRO A 1576 -14.49 -17.95 20.75
C PRO A 1576 -15.71 -18.81 21.07
N LYS A 1577 -15.89 -19.22 22.31
CA LYS A 1577 -17.14 -19.81 22.78
C LYS A 1577 -18.28 -18.80 22.88
N CYS A 1578 -18.01 -17.49 22.80
CA CYS A 1578 -19.00 -16.45 23.05
C CYS A 1578 -19.27 -15.57 21.83
N ILE A 1579 -18.95 -16.06 20.64
CA ILE A 1579 -19.04 -15.22 19.44
C ILE A 1579 -20.48 -14.77 19.25
N MET A 1580 -21.42 -15.70 19.20
CA MET A 1580 -22.79 -15.28 18.96
C MET A 1580 -23.36 -14.57 20.19
N GLN A 1581 -22.80 -14.84 21.37
CA GLN A 1581 -23.18 -14.05 22.54
C GLN A 1581 -22.98 -12.57 22.26
N ALA A 1582 -21.77 -12.20 21.82
CA ALA A 1582 -21.53 -10.80 21.47
C ALA A 1582 -22.40 -10.36 20.32
N THR A 1583 -22.45 -11.16 19.25
CA THR A 1583 -23.16 -10.74 18.05
C THR A 1583 -24.62 -10.43 18.34
N ASP A 1584 -25.21 -11.08 19.34
CA ASP A 1584 -26.60 -10.81 19.67
C ASP A 1584 -26.76 -9.77 20.76
N ILE A 1585 -25.85 -9.73 21.74
CA ILE A 1585 -25.95 -8.65 22.73
C ILE A 1585 -25.95 -7.31 22.01
N MET A 1586 -25.01 -7.12 21.08
CA MET A 1586 -24.94 -5.84 20.38
C MET A 1586 -26.24 -5.53 19.66
N ARG A 1587 -26.61 -6.37 18.68
CA ARG A 1587 -27.79 -6.07 17.87
C ARG A 1587 -29.07 -6.05 18.68
N LYS A 1588 -29.03 -6.42 19.97
CA LYS A 1588 -30.19 -6.26 20.84
C LYS A 1588 -29.96 -5.25 21.96
N GLN A 1589 -28.83 -5.32 22.65
CA GLN A 1589 -28.53 -4.45 23.78
C GLN A 1589 -27.21 -3.74 23.51
N GLY A 1590 -27.24 -2.41 23.56
CA GLY A 1590 -26.06 -1.64 23.28
C GLY A 1590 -26.40 -0.30 22.64
N PRO A 1591 -25.39 0.43 22.18
CA PRO A 1591 -25.67 1.75 21.61
C PRO A 1591 -26.60 1.69 20.43
N ARG A 1592 -26.54 0.65 19.62
CA ARG A 1592 -27.22 0.66 18.33
C ARG A 1592 -28.73 0.69 18.43
N VAL A 1593 -29.31 0.79 19.64
CA VAL A 1593 -30.74 1.06 19.75
C VAL A 1593 -31.03 2.55 19.82
N GLU A 1594 -30.03 3.37 20.14
CA GLU A 1594 -30.25 4.81 20.17
C GLU A 1594 -30.42 5.39 18.78
N ILE A 1595 -30.01 4.65 17.75
CA ILE A 1595 -30.34 5.05 16.39
C ILE A 1595 -31.85 5.12 16.24
N LEU A 1596 -32.56 4.17 16.83
CA LEU A 1596 -34.01 4.18 16.78
C LEU A 1596 -34.59 5.07 17.86
N ALA A 1597 -33.84 5.26 18.96
CA ALA A 1597 -34.33 6.13 20.03
C ALA A 1597 -34.42 7.58 19.58
N LYS A 1598 -33.35 8.12 18.99
CA LYS A 1598 -33.35 9.50 18.53
C LYS A 1598 -34.00 9.67 17.18
N ASN A 1599 -34.40 8.59 16.52
CA ASN A 1599 -34.99 8.67 15.19
C ASN A 1599 -36.23 7.80 15.17
N LEU A 1600 -37.35 8.39 14.82
CA LEU A 1600 -38.63 7.70 14.80
C LEU A 1600 -39.33 7.76 13.46
N ARG A 1601 -39.28 8.90 12.77
CA ARG A 1601 -39.91 8.99 11.45
C ARG A 1601 -39.34 7.96 10.51
N VAL A 1602 -38.07 7.58 10.70
CA VAL A 1602 -37.44 6.63 9.79
C VAL A 1602 -38.27 5.36 9.71
N LYS A 1603 -38.22 4.70 8.56
CA LYS A 1603 -38.92 3.45 8.32
C LYS A 1603 -37.89 2.41 7.92
N ASP A 1604 -37.86 1.28 8.64
CA ASP A 1604 -36.92 0.22 8.32
C ASP A 1604 -37.26 -1.02 9.12
N GLN A 1605 -36.74 -2.15 8.66
CA GLN A 1605 -36.94 -3.44 9.31
C GLN A 1605 -35.66 -4.25 9.22
N MET A 1606 -35.53 -5.21 10.12
CA MET A 1606 -34.40 -6.13 10.08
C MET A 1606 -34.54 -7.09 8.90
N PRO A 1607 -33.45 -7.76 8.53
CA PRO A 1607 -33.55 -8.76 7.46
C PRO A 1607 -34.56 -9.83 7.80
N GLN A 1608 -35.19 -10.39 6.75
CA GLN A 1608 -36.20 -11.43 6.92
C GLN A 1608 -35.69 -12.83 6.56
N GLY A 1609 -34.73 -12.93 5.65
CA GLY A 1609 -34.23 -14.23 5.23
C GLY A 1609 -32.72 -14.37 5.33
N ALA A 1610 -32.11 -13.64 6.24
CA ALA A 1610 -30.66 -13.60 6.32
C ALA A 1610 -30.10 -14.94 6.82
N PRO A 1611 -28.83 -15.22 6.54
CA PRO A 1611 -28.18 -16.38 7.16
C PRO A 1611 -28.27 -16.30 8.68
N ARG A 1612 -27.93 -17.40 9.33
CA ARG A 1612 -28.05 -17.45 10.78
C ARG A 1612 -27.18 -16.40 11.44
N LEU A 1613 -25.95 -16.22 10.95
CA LEU A 1613 -25.01 -15.35 11.63
C LEU A 1613 -25.50 -13.92 11.72
N TYR A 1614 -26.46 -13.55 10.87
CA TYR A 1614 -26.97 -12.19 10.86
C TYR A 1614 -28.27 -12.04 11.66
N ARG A 1615 -29.22 -12.92 11.44
CA ARG A 1615 -30.51 -12.81 12.12
C ARG A 1615 -30.32 -12.89 13.63
N LEU A 1616 -31.22 -12.23 14.36
CA LEU A 1616 -31.17 -12.27 15.81
C LEU A 1616 -31.44 -13.68 16.31
N CYS A 1617 -30.88 -14.00 17.48
CA CYS A 1617 -31.02 -15.34 18.03
C CYS A 1617 -31.50 -15.29 19.47
C1 4IP B . 31.20 12.86 -14.32
O1 4IP B . 31.38 14.25 -14.56
C2 4IP B . 30.12 12.30 -15.23
O2 4IP B . 28.93 13.08 -15.13
C3 4IP B . 29.77 10.85 -14.93
O3 4IP B . 28.52 10.60 -15.58
C4 4IP B . 29.58 10.55 -13.44
O4 4IP B . 29.51 9.16 -13.22
C5 4IP B . 30.69 11.15 -12.56
O5 4IP B . 30.29 10.97 -11.21
C6 4IP B . 30.90 12.64 -12.85
O6 4IP B . 31.95 13.20 -12.08
P1 4IP B . 32.86 14.83 -15.10
O1P 4IP B . 33.01 14.09 -16.42
O2P 4IP B . 32.71 16.34 -15.25
O3P 4IP B . 33.88 14.45 -14.04
P3 4IP B . 28.36 9.40 -16.74
O4P 4IP B . 28.54 8.16 -15.88
O5P 4IP B . 26.97 9.56 -17.36
O6P 4IP B . 29.48 9.64 -17.74
P4 4IP B . 28.26 8.41 -12.37
O7P 4IP B . 28.55 6.92 -12.35
O8P 4IP B . 27.01 8.79 -13.16
O9P 4IP B . 28.32 9.08 -11.00
P5 4IP B . 31.28 11.35 -9.90
OPF 4IP B . 30.58 10.86 -8.65
OPG 4IP B . 31.40 12.86 -10.02
OPH 4IP B . 32.59 10.60 -10.20
H1 4IP B . 32.02 12.39 -14.52
H2 4IP B . 30.44 12.34 -16.15
HO2 4IP B . 29.07 13.75 -15.63
H3 4IP B . 30.45 10.25 -15.28
H4 4IP B . 28.74 10.94 -13.16
H5 4IP B . 31.51 10.67 -12.74
H6 4IP B . 30.06 13.10 -12.64
HO6 4IP B . 31.78 14.01 -11.90
#